data_1MV0
#
_entry.id   1MV0
#
loop_
_entity.id
_entity.type
_entity.pdbx_description
1 polymer 'Myc proto-oncogene protein'
2 polymer 'Myc box-dependent-interacting protein 1'
#
loop_
_entity_poly.entity_id
_entity_poly.type
_entity_poly.pdbx_seq_one_letter_code
_entity_poly.pdbx_strand_id
1 'polypeptide(L)' LLPTPPLSPSRRSG A
2 'polypeptide(L)'
;GRLDLPPGFMFKVQAQHDYTATDTDELQLKAGDVVLVIPFQNPEEQDEGWLMGVKESDWNQHKKLEKCRGVFPENFTERV
P
;
B
#
# COMPACT_ATOMS: atom_id res chain seq x y z
N LEU A 1 0.44 -15.62 8.43
CA LEU A 1 0.40 -14.47 9.32
C LEU A 1 1.22 -13.33 8.70
N LEU A 2 0.55 -12.58 7.83
CA LEU A 2 1.20 -11.46 7.16
C LEU A 2 1.23 -10.26 8.11
N PRO A 3 2.47 -9.78 8.39
CA PRO A 3 2.66 -8.65 9.28
C PRO A 3 2.27 -7.34 8.57
N THR A 4 1.39 -6.59 9.23
CA THR A 4 0.94 -5.32 8.69
C THR A 4 2.08 -4.31 8.65
N PRO A 5 2.22 -3.63 7.48
CA PRO A 5 3.27 -2.63 7.31
C PRO A 5 2.93 -1.35 8.07
N PRO A 6 3.93 -0.43 8.11
CA PRO A 6 3.75 0.84 8.80
C PRO A 6 2.87 1.79 7.98
N LEU A 7 2.33 2.80 8.67
CA LEU A 7 1.47 3.77 8.01
C LEU A 7 2.26 4.47 6.89
N SER A 8 1.65 4.48 5.71
CA SER A 8 2.28 5.11 4.57
C SER A 8 1.82 6.58 4.46
N PRO A 9 2.66 7.39 3.75
CA PRO A 9 2.36 8.79 3.56
C PRO A 9 1.24 8.98 2.54
N SER A 10 0.78 10.22 2.42
CA SER A 10 -0.28 10.54 1.48
C SER A 10 0.25 10.50 0.05
N ARG A 11 0.13 9.33 -0.56
CA ARG A 11 0.59 9.14 -1.93
C ARG A 11 -0.43 9.70 -2.91
N ARG A 12 -0.33 11.00 -3.15
CA ARG A 12 -1.24 11.66 -4.07
C ARG A 12 -0.80 11.42 -5.51
N SER A 13 -1.55 10.57 -6.19
CA SER A 13 -1.25 10.25 -7.58
C SER A 13 -1.61 11.43 -8.48
N GLY A 14 -0.66 12.34 -8.61
CA GLY A 14 -0.86 13.53 -9.43
C GLY A 14 -1.67 14.59 -8.69
N GLY B 1 -19.09 -2.59 -16.53
CA GLY B 1 -17.71 -2.23 -16.29
C GLY B 1 -17.13 -1.42 -17.44
N ARG B 2 -15.81 -1.32 -17.45
CA ARG B 2 -15.12 -0.58 -18.49
C ARG B 2 -15.19 -1.33 -19.81
N LEU B 3 -14.45 -0.83 -20.79
CA LEU B 3 -14.42 -1.45 -22.11
C LEU B 3 -12.97 -1.77 -22.48
N ASP B 4 -12.09 -0.84 -22.16
CA ASP B 4 -10.67 -1.01 -22.46
C ASP B 4 -9.91 -1.24 -21.15
N LEU B 5 -8.78 -1.92 -21.27
CA LEU B 5 -7.96 -2.21 -20.10
C LEU B 5 -7.01 -1.04 -19.85
N PRO B 6 -6.50 -0.96 -18.59
CA PRO B 6 -5.59 0.10 -18.21
C PRO B 6 -4.20 -0.13 -18.80
N PRO B 7 -3.63 0.95 -19.39
CA PRO B 7 -2.30 0.87 -19.99
C PRO B 7 -1.22 0.84 -18.92
N GLY B 8 -0.18 0.06 -19.19
CA GLY B 8 0.93 -0.06 -18.25
C GLY B 8 0.68 -1.18 -17.25
N PHE B 9 -0.60 -1.51 -17.07
CA PHE B 9 -0.98 -2.55 -16.15
C PHE B 9 0.04 -3.70 -16.17
N MET B 10 0.22 -4.31 -15.00
CA MET B 10 1.15 -5.41 -14.87
C MET B 10 0.41 -6.74 -14.72
N PHE B 11 -0.20 -6.91 -13.55
CA PHE B 11 -0.94 -8.13 -13.26
C PHE B 11 -2.00 -7.88 -12.18
N LYS B 12 -2.71 -8.95 -11.85
CA LYS B 12 -3.74 -8.86 -10.83
C LYS B 12 -3.22 -9.46 -9.53
N VAL B 13 -3.68 -8.90 -8.43
CA VAL B 13 -3.27 -9.36 -7.11
C VAL B 13 -4.51 -9.60 -6.24
N GLN B 14 -4.28 -10.27 -5.13
CA GLN B 14 -5.37 -10.57 -4.21
C GLN B 14 -4.94 -10.28 -2.77
N ALA B 15 -5.82 -9.54 -2.07
CA ALA B 15 -5.54 -9.18 -0.70
C ALA B 15 -5.76 -10.40 0.21
N GLN B 16 -5.09 -10.38 1.34
CA GLN B 16 -5.21 -11.47 2.30
C GLN B 16 -5.62 -10.93 3.67
N HIS B 17 -5.80 -9.63 3.73
CA HIS B 17 -6.19 -8.98 4.97
C HIS B 17 -7.14 -7.82 4.67
N ASP B 18 -7.72 -7.28 5.73
CA ASP B 18 -8.64 -6.16 5.60
C ASP B 18 -8.02 -4.91 6.21
N TYR B 19 -7.49 -4.06 5.34
CA TYR B 19 -6.86 -2.83 5.78
C TYR B 19 -7.63 -1.60 5.28
N THR B 20 -8.31 -0.95 6.21
CA THR B 20 -9.09 0.23 5.88
C THR B 20 -8.18 1.43 5.67
N ALA B 21 -8.14 1.91 4.44
CA ALA B 21 -7.30 3.05 4.09
C ALA B 21 -8.21 4.24 3.74
N THR B 22 -8.08 5.28 4.54
CA THR B 22 -8.87 6.49 4.31
C THR B 22 -7.95 7.68 4.03
N ASP B 23 -7.75 7.94 2.75
CA ASP B 23 -6.90 9.04 2.33
C ASP B 23 -7.51 9.69 1.08
N THR B 24 -6.77 10.65 0.54
CA THR B 24 -7.21 11.35 -0.65
C THR B 24 -6.80 10.60 -1.91
N ASP B 25 -6.04 9.53 -1.70
CA ASP B 25 -5.57 8.72 -2.81
C ASP B 25 -5.11 7.36 -2.27
N GLU B 26 -5.84 6.86 -1.29
CA GLU B 26 -5.52 5.58 -0.69
C GLU B 26 -6.30 4.45 -1.38
N LEU B 27 -5.90 3.22 -1.06
CA LEU B 27 -6.55 2.07 -1.65
C LEU B 27 -7.01 1.13 -0.53
N GLN B 28 -8.33 1.00 -0.43
CA GLN B 28 -8.92 0.15 0.59
C GLN B 28 -8.86 -1.32 0.15
N LEU B 29 -8.44 -2.16 1.08
CA LEU B 29 -8.32 -3.58 0.80
C LEU B 29 -9.12 -4.36 1.86
N LYS B 30 -9.73 -5.44 1.41
CA LYS B 30 -10.51 -6.28 2.29
C LYS B 30 -10.07 -7.74 2.14
N ALA B 31 -9.70 -8.33 3.27
CA ALA B 31 -9.25 -9.71 3.28
C ALA B 31 -9.98 -10.48 2.18
N GLY B 32 -9.29 -10.68 1.07
CA GLY B 32 -9.85 -11.41 -0.05
C GLY B 32 -10.42 -10.44 -1.10
N ASP B 33 -9.57 -9.49 -1.50
CA ASP B 33 -9.98 -8.51 -2.49
C ASP B 33 -9.16 -8.73 -3.77
N VAL B 34 -9.58 -8.02 -4.81
CA VAL B 34 -8.90 -8.12 -6.09
C VAL B 34 -8.38 -6.74 -6.50
N VAL B 35 -7.09 -6.69 -6.80
CA VAL B 35 -6.46 -5.46 -7.20
C VAL B 35 -5.53 -5.72 -8.39
N LEU B 36 -5.38 -4.70 -9.23
CA LEU B 36 -4.53 -4.81 -10.40
C LEU B 36 -3.32 -3.89 -10.23
N VAL B 37 -2.14 -4.47 -10.43
CA VAL B 37 -0.90 -3.72 -10.30
C VAL B 37 -0.69 -2.89 -11.58
N ILE B 38 -0.62 -1.58 -11.38
CA ILE B 38 -0.41 -0.68 -12.50
C ILE B 38 0.82 0.20 -12.22
N PRO B 39 1.44 0.68 -13.32
CA PRO B 39 2.62 1.53 -13.21
C PRO B 39 2.22 2.95 -12.77
N PHE B 40 2.70 3.31 -11.58
CA PHE B 40 2.40 4.63 -11.04
C PHE B 40 2.89 5.73 -11.98
N GLN B 41 2.68 6.96 -11.56
CA GLN B 41 3.09 8.11 -12.35
C GLN B 41 4.59 8.40 -12.14
N ASN B 42 5.18 7.64 -11.23
CA ASN B 42 6.60 7.80 -10.93
C ASN B 42 6.95 6.93 -9.73
N PRO B 43 8.24 6.49 -9.70
CA PRO B 43 8.72 5.66 -8.62
C PRO B 43 8.94 6.48 -7.35
N GLU B 44 9.01 7.79 -7.54
CA GLU B 44 9.22 8.70 -6.42
C GLU B 44 7.95 8.78 -5.56
N GLU B 45 6.82 8.46 -6.19
CA GLU B 45 5.55 8.49 -5.49
C GLU B 45 5.31 7.17 -4.76
N GLN B 46 5.87 6.12 -5.32
CA GLN B 46 5.73 4.80 -4.73
C GLN B 46 6.19 4.81 -3.26
N ASP B 47 5.35 4.25 -2.40
CA ASP B 47 5.66 4.20 -0.99
C ASP B 47 6.44 2.92 -0.69
N GLU B 48 7.20 2.96 0.39
CA GLU B 48 7.99 1.81 0.80
C GLU B 48 7.10 0.74 1.42
N GLY B 49 6.97 -0.36 0.70
CA GLY B 49 6.14 -1.46 1.17
C GLY B 49 4.74 -1.40 0.55
N TRP B 50 4.49 -0.33 -0.18
CA TRP B 50 3.21 -0.13 -0.83
C TRP B 50 3.47 0.32 -2.27
N LEU B 51 2.59 -0.12 -3.16
CA LEU B 51 2.71 0.25 -4.56
C LEU B 51 1.36 0.79 -5.06
N MET B 52 1.40 1.31 -6.28
CA MET B 52 0.19 1.86 -6.88
C MET B 52 -0.61 0.77 -7.61
N GLY B 53 -1.79 0.48 -7.06
CA GLY B 53 -2.65 -0.53 -7.63
C GLY B 53 -4.11 -0.05 -7.67
N VAL B 54 -4.91 -0.77 -8.44
CA VAL B 54 -6.32 -0.43 -8.55
C VAL B 54 -7.16 -1.67 -8.26
N LYS B 55 -8.30 -1.43 -7.62
CA LYS B 55 -9.20 -2.52 -7.26
C LYS B 55 -10.02 -2.91 -8.49
N GLU B 56 -10.58 -4.11 -8.42
CA GLU B 56 -11.38 -4.63 -9.52
C GLU B 56 -12.54 -3.67 -9.82
N SER B 57 -13.15 -3.18 -8.75
CA SER B 57 -14.26 -2.26 -8.88
C SER B 57 -13.81 -0.99 -9.60
N ASP B 58 -12.63 -0.53 -9.23
CA ASP B 58 -12.07 0.68 -9.82
C ASP B 58 -11.88 0.46 -11.33
N TRP B 59 -11.56 -0.78 -11.67
CA TRP B 59 -11.34 -1.13 -13.06
C TRP B 59 -12.56 -0.67 -13.86
N ASN B 60 -13.74 -1.00 -13.34
CA ASN B 60 -14.98 -0.63 -13.99
C ASN B 60 -15.03 0.90 -14.15
N GLN B 61 -14.31 1.57 -13.26
CA GLN B 61 -14.27 3.03 -13.29
C GLN B 61 -13.07 3.51 -14.10
N HIS B 62 -12.54 2.60 -14.90
CA HIS B 62 -11.39 2.91 -15.74
C HIS B 62 -11.60 4.27 -16.41
N LYS B 63 -12.87 4.63 -16.55
CA LYS B 63 -13.22 5.90 -17.17
C LYS B 63 -12.57 7.05 -16.39
N LYS B 64 -12.42 6.82 -15.09
CA LYS B 64 -11.82 7.82 -14.22
C LYS B 64 -10.79 7.14 -13.32
N LEU B 65 -10.03 6.24 -13.91
CA LEU B 65 -9.00 5.52 -13.17
C LEU B 65 -8.07 6.53 -12.48
N GLU B 66 -7.91 7.67 -13.12
CA GLU B 66 -7.06 8.72 -12.59
C GLU B 66 -7.57 9.17 -11.23
N LYS B 67 -8.83 8.87 -10.97
CA LYS B 67 -9.45 9.24 -9.71
C LYS B 67 -9.82 7.97 -8.93
N CYS B 68 -9.37 6.85 -9.46
CA CYS B 68 -9.64 5.56 -8.84
C CYS B 68 -8.31 4.98 -8.34
N ARG B 69 -7.23 5.62 -8.76
CA ARG B 69 -5.90 5.17 -8.37
C ARG B 69 -5.74 5.28 -6.85
N GLY B 70 -4.83 4.46 -6.34
CA GLY B 70 -4.57 4.45 -4.90
C GLY B 70 -3.29 3.67 -4.59
N VAL B 71 -2.97 3.60 -3.30
CA VAL B 71 -1.78 2.89 -2.87
C VAL B 71 -2.19 1.79 -1.89
N PHE B 72 -1.46 0.68 -1.95
CA PHE B 72 -1.73 -0.45 -1.08
C PHE B 72 -0.44 -1.21 -0.76
N PRO B 73 -0.42 -1.82 0.45
CA PRO B 73 0.73 -2.58 0.89
C PRO B 73 0.81 -3.92 0.17
N GLU B 74 1.88 -4.10 -0.58
CA GLU B 74 2.09 -5.33 -1.33
C GLU B 74 2.39 -6.48 -0.37
N ASN B 75 2.98 -6.13 0.76
CA ASN B 75 3.32 -7.12 1.77
C ASN B 75 2.05 -7.58 2.49
N PHE B 76 0.95 -6.93 2.15
CA PHE B 76 -0.33 -7.25 2.74
C PHE B 76 -1.27 -7.89 1.72
N THR B 77 -0.75 -8.05 0.50
CA THR B 77 -1.52 -8.65 -0.57
C THR B 77 -0.74 -9.81 -1.21
N GLU B 78 -1.39 -10.47 -2.16
CA GLU B 78 -0.77 -11.58 -2.85
C GLU B 78 -0.88 -11.40 -4.36
N ARG B 79 0.16 -11.81 -5.06
CA ARG B 79 0.18 -11.70 -6.51
C ARG B 79 -0.62 -12.84 -7.14
N VAL B 80 -1.33 -12.49 -8.21
CA VAL B 80 -2.14 -13.46 -8.91
C VAL B 80 -1.66 -13.59 -10.36
N PRO B 81 -1.23 -14.82 -10.71
CA PRO B 81 -0.73 -15.08 -12.06
C PRO B 81 -1.88 -15.16 -13.07
N LEU A 1 0.44 -15.62 8.43
CA LEU A 1 0.40 -14.47 9.32
C LEU A 1 1.22 -13.33 8.70
N LEU A 2 0.56 -12.59 7.82
CA LEU A 2 1.20 -11.47 7.16
C LEU A 2 1.23 -10.26 8.10
N PRO A 3 2.46 -9.78 8.38
CA PRO A 3 2.64 -8.64 9.26
C PRO A 3 2.24 -7.33 8.56
N THR A 4 1.36 -6.59 9.21
CA THR A 4 0.90 -5.33 8.66
C THR A 4 2.05 -4.32 8.60
N PRO A 5 2.17 -3.66 7.41
CA PRO A 5 3.21 -2.67 7.21
C PRO A 5 2.88 -1.37 7.93
N PRO A 6 3.88 -0.45 7.96
CA PRO A 6 3.71 0.84 8.62
C PRO A 6 2.83 1.76 7.77
N LEU A 7 2.31 2.79 8.43
CA LEU A 7 1.45 3.76 7.75
C LEU A 7 2.24 4.40 6.61
N SER A 8 1.61 4.38 5.43
CA SER A 8 2.23 4.96 4.26
C SER A 8 1.80 6.42 4.10
N PRO A 9 2.65 7.18 3.35
CA PRO A 9 2.37 8.59 3.12
C PRO A 9 1.25 8.77 2.11
N SER A 10 0.82 10.02 1.94
CA SER A 10 -0.24 10.34 1.00
C SER A 10 0.28 10.24 -0.43
N ARG A 11 0.31 9.02 -0.93
CA ARG A 11 0.78 8.78 -2.28
C ARG A 11 -0.31 9.14 -3.30
N ARG A 12 -0.33 10.41 -3.68
CA ARG A 12 -1.31 10.89 -4.64
C ARG A 12 -0.78 10.72 -6.06
N SER A 13 -1.43 9.83 -6.79
CA SER A 13 -1.04 9.58 -8.17
C SER A 13 -1.33 10.81 -9.03
N GLY A 14 -2.60 11.21 -9.05
CA GLY A 14 -3.01 12.36 -9.83
C GLY A 14 -4.46 12.21 -10.27
N GLY B 1 -18.35 -3.32 -17.50
CA GLY B 1 -16.91 -3.29 -17.33
C GLY B 1 -16.23 -2.53 -18.47
N ARG B 2 -14.92 -2.38 -18.34
CA ARG B 2 -14.15 -1.68 -19.35
C ARG B 2 -14.11 -2.48 -20.65
N LEU B 3 -13.49 -1.89 -21.65
CA LEU B 3 -13.38 -2.54 -22.95
C LEU B 3 -11.90 -2.82 -23.25
N ASP B 4 -11.06 -1.89 -22.83
CA ASP B 4 -9.63 -2.02 -23.04
C ASP B 4 -8.93 -2.20 -21.69
N LEU B 5 -7.76 -2.83 -21.74
CA LEU B 5 -6.99 -3.06 -20.53
C LEU B 5 -6.08 -1.85 -20.27
N PRO B 6 -5.63 -1.74 -18.99
CA PRO B 6 -4.77 -0.64 -18.60
C PRO B 6 -3.34 -0.86 -19.11
N PRO B 7 -2.77 0.24 -19.70
CA PRO B 7 -1.42 0.18 -20.23
C PRO B 7 -0.38 0.19 -19.11
N GLY B 8 0.68 -0.57 -19.32
CA GLY B 8 1.74 -0.66 -18.34
C GLY B 8 1.47 -1.77 -17.33
N PHE B 9 0.20 -2.10 -17.20
CA PHE B 9 -0.22 -3.16 -16.27
C PHE B 9 0.82 -4.28 -16.22
N MET B 10 0.96 -4.87 -15.04
CA MET B 10 1.90 -5.95 -14.85
C MET B 10 1.17 -7.29 -14.72
N PHE B 11 0.52 -7.47 -13.60
CA PHE B 11 -0.22 -8.69 -13.33
C PHE B 11 -1.33 -8.47 -12.30
N LYS B 12 -2.05 -9.55 -12.01
CA LYS B 12 -3.13 -9.47 -11.05
C LYS B 12 -2.63 -9.99 -9.69
N VAL B 13 -3.17 -9.39 -8.64
CA VAL B 13 -2.80 -9.77 -7.29
C VAL B 13 -4.04 -10.16 -6.50
N GLN B 14 -3.81 -10.78 -5.35
CA GLN B 14 -4.91 -11.21 -4.50
C GLN B 14 -4.63 -10.85 -3.04
N ALA B 15 -5.50 -10.03 -2.49
CA ALA B 15 -5.35 -9.60 -1.11
C ALA B 15 -5.56 -10.80 -0.17
N GLN B 16 -4.88 -10.75 0.95
CA GLN B 16 -4.98 -11.82 1.93
C GLN B 16 -5.47 -11.27 3.28
N HIS B 17 -5.71 -9.97 3.30
CA HIS B 17 -6.17 -9.30 4.50
C HIS B 17 -7.08 -8.13 4.13
N ASP B 18 -7.75 -7.60 5.13
CA ASP B 18 -8.65 -6.48 4.93
C ASP B 18 -8.04 -5.22 5.55
N TYR B 19 -7.54 -4.35 4.66
CA TYR B 19 -6.92 -3.12 5.10
C TYR B 19 -7.72 -1.90 4.61
N THR B 20 -8.37 -1.24 5.55
CA THR B 20 -9.17 -0.07 5.23
C THR B 20 -8.27 1.15 5.00
N ALA B 21 -8.25 1.61 3.77
CA ALA B 21 -7.42 2.76 3.41
C ALA B 21 -8.33 3.93 3.03
N THR B 22 -8.23 4.99 3.81
CA THR B 22 -9.04 6.18 3.56
C THR B 22 -8.14 7.38 3.26
N ASP B 23 -7.93 7.59 1.97
CA ASP B 23 -7.09 8.70 1.52
C ASP B 23 -7.70 9.31 0.26
N THR B 24 -6.97 10.28 -0.30
CA THR B 24 -7.42 10.95 -1.51
C THR B 24 -6.92 10.21 -2.74
N ASP B 25 -6.24 9.10 -2.50
CA ASP B 25 -5.71 8.30 -3.58
C ASP B 25 -5.22 6.95 -3.02
N GLU B 26 -5.96 6.46 -2.03
CA GLU B 26 -5.62 5.19 -1.42
C GLU B 26 -6.36 4.04 -2.11
N LEU B 27 -5.97 2.83 -1.75
CA LEU B 27 -6.59 1.65 -2.32
C LEU B 27 -7.03 0.71 -1.19
N GLN B 28 -8.34 0.54 -1.09
CA GLN B 28 -8.90 -0.32 -0.07
C GLN B 28 -8.83 -1.79 -0.51
N LEU B 29 -8.33 -2.62 0.40
CA LEU B 29 -8.20 -4.04 0.11
C LEU B 29 -8.98 -4.83 1.16
N LYS B 30 -9.64 -5.89 0.68
CA LYS B 30 -10.43 -6.73 1.56
C LYS B 30 -9.92 -8.17 1.47
N ALA B 31 -9.65 -8.75 2.63
CA ALA B 31 -9.16 -10.11 2.69
C ALA B 31 -9.83 -10.94 1.59
N GLY B 32 -9.07 -11.17 0.53
CA GLY B 32 -9.58 -11.95 -0.59
C GLY B 32 -10.10 -11.03 -1.70
N ASP B 33 -9.29 -10.03 -2.03
CA ASP B 33 -9.67 -9.08 -3.06
C ASP B 33 -8.79 -9.30 -4.29
N VAL B 34 -9.19 -8.68 -5.39
CA VAL B 34 -8.44 -8.80 -6.64
C VAL B 34 -7.96 -7.41 -7.07
N VAL B 35 -6.64 -7.29 -7.17
CA VAL B 35 -6.04 -6.02 -7.58
C VAL B 35 -5.06 -6.28 -8.72
N LEU B 36 -4.91 -5.28 -9.57
CA LEU B 36 -4.01 -5.37 -10.70
C LEU B 36 -2.81 -4.44 -10.47
N VAL B 37 -1.62 -5.03 -10.55
CA VAL B 37 -0.40 -4.27 -10.35
C VAL B 37 -0.10 -3.48 -11.62
N ILE B 38 -0.17 -2.16 -11.48
CA ILE B 38 0.09 -1.28 -12.60
C ILE B 38 1.28 -0.36 -12.26
N PRO B 39 1.98 0.09 -13.34
CA PRO B 39 3.13 0.97 -13.16
C PRO B 39 2.69 2.38 -12.80
N PHE B 40 3.09 2.80 -11.61
CA PHE B 40 2.75 4.13 -11.12
C PHE B 40 3.25 5.20 -12.09
N GLN B 41 2.99 6.45 -11.72
CA GLN B 41 3.41 7.58 -12.53
C GLN B 41 4.88 7.90 -12.29
N ASN B 42 5.46 7.18 -11.34
CA ASN B 42 6.85 7.38 -11.00
C ASN B 42 7.19 6.57 -9.75
N PRO B 43 8.49 6.14 -9.66
CA PRO B 43 8.94 5.36 -8.53
C PRO B 43 9.12 6.24 -7.29
N GLU B 44 9.28 7.53 -7.55
CA GLU B 44 9.45 8.48 -6.47
C GLU B 44 8.16 8.64 -5.66
N GLU B 45 7.05 8.30 -6.31
CA GLU B 45 5.75 8.39 -5.68
C GLU B 45 5.43 7.08 -4.94
N GLN B 46 6.15 6.03 -5.33
CA GLN B 46 5.94 4.73 -4.73
C GLN B 46 6.34 4.76 -3.24
N ASP B 47 5.64 3.95 -2.46
CA ASP B 47 5.91 3.88 -1.03
C ASP B 47 6.65 2.57 -0.72
N GLU B 48 7.41 2.60 0.36
CA GLU B 48 8.16 1.43 0.78
C GLU B 48 7.23 0.39 1.39
N GLY B 49 7.06 -0.71 0.69
CA GLY B 49 6.21 -1.78 1.15
C GLY B 49 4.81 -1.69 0.52
N TRP B 50 4.63 -0.63 -0.25
CA TRP B 50 3.35 -0.40 -0.92
C TRP B 50 3.64 0.00 -2.37
N LEU B 51 2.72 -0.36 -3.25
CA LEU B 51 2.86 -0.04 -4.65
C LEU B 51 1.53 0.47 -5.20
N MET B 52 1.56 0.95 -6.43
CA MET B 52 0.37 1.47 -7.08
C MET B 52 -0.37 0.36 -7.83
N GLY B 53 -1.55 0.03 -7.34
CA GLY B 53 -2.36 -1.00 -7.96
C GLY B 53 -3.82 -0.54 -8.08
N VAL B 54 -4.61 -1.39 -8.72
CA VAL B 54 -6.02 -1.09 -8.92
C VAL B 54 -6.85 -2.36 -8.66
N LYS B 55 -8.01 -2.16 -8.08
CA LYS B 55 -8.91 -3.27 -7.78
C LYS B 55 -9.64 -3.68 -9.05
N GLU B 56 -10.15 -4.90 -9.04
CA GLU B 56 -10.88 -5.43 -10.18
C GLU B 56 -12.08 -4.53 -10.51
N SER B 57 -12.77 -4.11 -9.46
CA SER B 57 -13.93 -3.25 -9.62
C SER B 57 -13.52 -1.94 -10.29
N ASP B 58 -12.38 -1.42 -9.87
CA ASP B 58 -11.87 -0.18 -10.42
C ASP B 58 -11.55 -0.39 -11.90
N TRP B 59 -11.14 -1.61 -12.22
CA TRP B 59 -10.79 -1.95 -13.59
C TRP B 59 -11.95 -1.51 -14.49
N ASN B 60 -13.14 -1.88 -14.07
CA ASN B 60 -14.34 -1.53 -14.83
C ASN B 60 -14.37 -0.02 -15.07
N GLN B 61 -13.71 0.70 -14.16
CA GLN B 61 -13.66 2.15 -14.27
C GLN B 61 -12.40 2.58 -15.03
N HIS B 62 -11.82 1.63 -15.74
CA HIS B 62 -10.62 1.89 -16.51
C HIS B 62 -10.78 3.20 -17.28
N LYS B 63 -12.04 3.57 -17.50
CA LYS B 63 -12.35 4.79 -18.23
C LYS B 63 -11.70 5.98 -17.50
N LYS B 64 -11.59 5.84 -16.19
CA LYS B 64 -10.99 6.88 -15.37
C LYS B 64 -10.01 6.26 -14.38
N LEU B 65 -9.19 5.36 -14.90
CA LEU B 65 -8.20 4.69 -14.07
C LEU B 65 -7.35 5.74 -13.36
N GLU B 66 -7.15 6.86 -14.03
CA GLU B 66 -6.36 7.94 -13.47
C GLU B 66 -7.01 8.47 -12.18
N LYS B 67 -8.28 8.13 -12.02
CA LYS B 67 -9.03 8.55 -10.86
C LYS B 67 -9.43 7.34 -10.04
N CYS B 68 -8.92 6.19 -10.47
CA CYS B 68 -9.22 4.94 -9.78
C CYS B 68 -7.93 4.40 -9.18
N ARG B 69 -6.83 5.04 -9.55
CA ARG B 69 -5.52 4.64 -9.06
C ARG B 69 -5.48 4.73 -7.53
N GLY B 70 -4.67 3.85 -6.94
CA GLY B 70 -4.54 3.82 -5.49
C GLY B 70 -3.25 3.12 -5.07
N VAL B 71 -2.96 3.18 -3.79
CA VAL B 71 -1.76 2.56 -3.25
C VAL B 71 -2.16 1.51 -2.21
N PHE B 72 -1.41 0.42 -2.20
CA PHE B 72 -1.68 -0.66 -1.26
C PHE B 72 -0.39 -1.39 -0.89
N PRO B 73 -0.38 -1.96 0.34
CA PRO B 73 0.78 -2.70 0.82
C PRO B 73 0.87 -4.07 0.14
N GLU B 74 1.95 -4.25 -0.62
CA GLU B 74 2.17 -5.50 -1.31
C GLU B 74 2.48 -6.62 -0.32
N ASN B 75 3.08 -6.22 0.79
CA ASN B 75 3.43 -7.18 1.83
C ASN B 75 2.16 -7.67 2.53
N PHE B 76 1.05 -7.05 2.15
CA PHE B 76 -0.23 -7.42 2.73
C PHE B 76 -1.12 -8.10 1.70
N THR B 77 -0.56 -8.30 0.52
CA THR B 77 -1.29 -8.94 -0.56
C THR B 77 -0.46 -10.07 -1.17
N GLU B 78 -1.04 -10.72 -2.17
CA GLU B 78 -0.37 -11.81 -2.85
C GLU B 78 -0.44 -11.63 -4.36
N ARG B 79 0.59 -12.13 -5.03
CA ARG B 79 0.66 -12.03 -6.49
C ARG B 79 -0.05 -13.22 -7.13
N VAL B 80 -0.76 -12.93 -8.22
CA VAL B 80 -1.48 -13.97 -8.94
C VAL B 80 -0.90 -14.08 -10.35
N PRO B 81 -0.54 -15.35 -10.71
CA PRO B 81 0.02 -15.62 -12.03
C PRO B 81 -1.07 -15.58 -13.10
N LEU A 1 0.44 -15.62 8.43
CA LEU A 1 0.40 -14.47 9.32
C LEU A 1 1.54 -13.52 8.95
N LEU A 2 1.24 -12.63 8.01
CA LEU A 2 2.23 -11.67 7.55
C LEU A 2 1.97 -10.32 8.25
N PRO A 3 3.01 -9.87 9.00
CA PRO A 3 2.91 -8.60 9.72
C PRO A 3 3.02 -7.41 8.76
N THR A 4 2.03 -6.54 8.85
CA THR A 4 2.01 -5.36 7.99
C THR A 4 3.16 -4.42 8.36
N PRO A 5 3.86 -3.94 7.29
CA PRO A 5 4.97 -3.03 7.48
C PRO A 5 4.50 -1.62 7.84
N PRO A 6 5.47 -0.77 8.26
CA PRO A 6 5.15 0.60 8.64
C PRO A 6 4.87 1.46 7.40
N LEU A 7 4.25 2.59 7.64
CA LEU A 7 3.92 3.51 6.55
C LEU A 7 5.20 3.91 5.83
N SER A 8 5.16 3.80 4.51
CA SER A 8 6.31 4.14 3.69
C SER A 8 6.22 5.60 3.26
N PRO A 9 7.41 6.17 2.92
CA PRO A 9 7.48 7.56 2.50
C PRO A 9 6.96 7.73 1.07
N SER A 10 6.86 8.98 0.65
CA SER A 10 6.38 9.28 -0.69
C SER A 10 7.45 8.91 -1.72
N ARG A 11 7.38 7.66 -2.17
CA ARG A 11 8.32 7.16 -3.15
C ARG A 11 7.95 7.66 -4.55
N ARG A 12 8.42 8.85 -4.87
CA ARG A 12 8.15 9.46 -6.16
C ARG A 12 9.10 8.88 -7.22
N SER A 13 8.54 8.07 -8.10
CA SER A 13 9.31 7.47 -9.17
C SER A 13 9.18 8.29 -10.45
N GLY A 14 10.10 9.23 -10.60
CA GLY A 14 10.10 10.09 -11.77
C GLY A 14 9.66 11.51 -11.40
N GLY B 1 -3.70 -6.07 -24.10
CA GLY B 1 -2.46 -6.22 -23.37
C GLY B 1 -1.28 -5.65 -24.17
N ARG B 2 -0.15 -5.54 -23.49
CA ARG B 2 1.05 -5.02 -24.11
C ARG B 2 1.54 -5.96 -25.21
N LEU B 3 2.68 -5.61 -25.78
CA LEU B 3 3.27 -6.42 -26.84
C LEU B 3 4.65 -6.90 -26.41
N ASP B 4 5.38 -6.00 -25.77
CA ASP B 4 6.72 -6.32 -25.31
C ASP B 4 6.73 -6.32 -23.78
N LEU B 5 7.67 -7.08 -23.23
CA LEU B 5 7.80 -7.17 -21.78
C LEU B 5 8.61 -5.99 -21.26
N PRO B 6 8.46 -5.72 -19.94
CA PRO B 6 9.18 -4.62 -19.32
C PRO B 6 10.65 -4.98 -19.11
N PRO B 7 11.54 -4.02 -19.49
CA PRO B 7 12.97 -4.22 -19.35
C PRO B 7 13.41 -4.09 -17.89
N GLY B 8 14.35 -4.92 -17.50
CA GLY B 8 14.87 -4.90 -16.14
C GLY B 8 14.05 -5.83 -15.24
N PHE B 9 12.82 -6.08 -15.66
CA PHE B 9 11.93 -6.95 -14.91
C PHE B 9 12.69 -8.09 -14.26
N MET B 10 12.19 -8.53 -13.12
CA MET B 10 12.82 -9.62 -12.39
C MET B 10 11.95 -10.89 -12.43
N PHE B 11 10.84 -10.82 -11.71
CA PHE B 11 9.93 -11.95 -11.66
C PHE B 11 8.52 -11.50 -11.23
N LYS B 12 7.62 -12.46 -11.15
CA LYS B 12 6.25 -12.17 -10.76
C LYS B 12 6.06 -12.53 -9.28
N VAL B 13 5.23 -11.73 -8.62
CA VAL B 13 4.96 -11.95 -7.21
C VAL B 13 3.45 -12.11 -7.01
N GLN B 14 3.09 -12.58 -5.82
CA GLN B 14 1.69 -12.79 -5.49
C GLN B 14 1.39 -12.22 -4.10
N ALA B 15 0.48 -11.27 -4.07
CA ALA B 15 0.09 -10.64 -2.82
C ALA B 15 -0.65 -11.66 -1.95
N GLN B 16 -0.52 -11.47 -0.65
CA GLN B 16 -1.18 -12.36 0.31
C GLN B 16 -2.13 -11.57 1.22
N HIS B 17 -2.17 -10.26 0.97
CA HIS B 17 -3.03 -9.39 1.76
C HIS B 17 -3.56 -8.26 0.87
N ASP B 18 -4.52 -7.53 1.42
CA ASP B 18 -5.11 -6.41 0.69
C ASP B 18 -4.70 -5.10 1.34
N TYR B 19 -3.74 -4.44 0.71
CA TYR B 19 -3.24 -3.17 1.22
C TYR B 19 -3.59 -2.02 0.28
N THR B 20 -4.56 -1.22 0.70
CA THR B 20 -5.00 -0.08 -0.09
C THR B 20 -3.98 1.06 0.00
N ALA B 21 -3.36 1.33 -1.13
CA ALA B 21 -2.36 2.40 -1.20
C ALA B 21 -2.89 3.53 -2.07
N THR B 22 -3.04 4.69 -1.46
CA THR B 22 -3.53 5.86 -2.17
C THR B 22 -2.47 6.96 -2.19
N ASP B 23 -1.70 7.00 -3.26
CA ASP B 23 -0.65 7.99 -3.40
C ASP B 23 -0.59 8.45 -4.87
N THR B 24 0.38 9.29 -5.15
CA THR B 24 0.56 9.82 -6.49
C THR B 24 1.40 8.85 -7.33
N ASP B 25 1.78 7.75 -6.70
CA ASP B 25 2.59 6.75 -7.38
C ASP B 25 2.70 5.51 -6.49
N GLU B 26 1.59 5.17 -5.86
CA GLU B 26 1.54 4.01 -4.99
C GLU B 26 1.10 2.77 -5.77
N LEU B 27 1.24 1.62 -5.12
CA LEU B 27 0.85 0.36 -5.74
C LEU B 27 -0.16 -0.34 -4.85
N GLN B 28 -1.37 -0.47 -5.35
CA GLN B 28 -2.44 -1.12 -4.62
C GLN B 28 -2.34 -2.64 -4.79
N LEU B 29 -2.43 -3.34 -3.67
CA LEU B 29 -2.36 -4.79 -3.68
C LEU B 29 -3.60 -5.37 -2.99
N LYS B 30 -4.12 -6.43 -3.59
CA LYS B 30 -5.30 -7.08 -3.05
C LYS B 30 -4.98 -8.54 -2.74
N ALA B 31 -5.30 -8.94 -1.51
CA ALA B 31 -5.03 -10.30 -1.07
C ALA B 31 -5.27 -11.25 -2.25
N GLY B 32 -4.17 -11.69 -2.84
CA GLY B 32 -4.24 -12.61 -3.96
C GLY B 32 -4.13 -11.85 -5.29
N ASP B 33 -3.14 -10.97 -5.36
CA ASP B 33 -2.92 -10.18 -6.56
C ASP B 33 -1.61 -10.61 -7.22
N VAL B 34 -1.41 -10.13 -8.43
CA VAL B 34 -0.20 -10.46 -9.18
C VAL B 34 0.58 -9.18 -9.47
N VAL B 35 1.84 -9.19 -9.08
CA VAL B 35 2.70 -8.04 -9.30
C VAL B 35 4.05 -8.52 -9.83
N LEU B 36 4.64 -7.69 -10.69
CA LEU B 36 5.93 -8.00 -11.28
C LEU B 36 7.01 -7.13 -10.65
N VAL B 37 8.06 -7.78 -10.17
CA VAL B 37 9.16 -7.08 -9.54
C VAL B 37 10.07 -6.50 -10.63
N ILE B 38 10.05 -5.18 -10.73
CA ILE B 38 10.87 -4.50 -11.71
C ILE B 38 11.89 -3.62 -11.00
N PRO B 39 13.04 -3.36 -11.71
CA PRO B 39 14.09 -2.54 -11.15
C PRO B 39 13.71 -1.06 -11.18
N PHE B 40 13.59 -0.49 -9.99
CA PHE B 40 13.23 0.91 -9.86
C PHE B 40 14.20 1.80 -10.64
N GLN B 41 14.04 3.10 -10.45
CA GLN B 41 14.89 4.06 -11.13
C GLN B 41 16.15 4.34 -10.29
N ASN B 42 16.06 3.97 -9.02
CA ASN B 42 17.18 4.17 -8.10
C ASN B 42 16.85 3.53 -6.76
N PRO B 43 17.92 3.05 -6.07
CA PRO B 43 17.76 2.41 -4.79
C PRO B 43 17.49 3.44 -3.69
N GLU B 44 17.88 4.68 -3.98
CA GLU B 44 17.69 5.76 -3.04
C GLU B 44 16.19 6.04 -2.84
N GLU B 45 15.44 5.77 -3.90
CA GLU B 45 14.00 6.00 -3.86
C GLU B 45 13.30 4.80 -3.22
N GLN B 46 13.96 3.66 -3.30
CA GLN B 46 13.41 2.44 -2.73
C GLN B 46 13.12 2.62 -1.24
N ASP B 47 11.98 2.07 -0.82
CA ASP B 47 11.58 2.17 0.57
C ASP B 47 11.96 0.89 1.30
N GLU B 48 12.27 1.05 2.58
CA GLU B 48 12.65 -0.09 3.41
C GLU B 48 11.43 -0.98 3.68
N GLY B 49 11.47 -2.19 3.14
CA GLY B 49 10.39 -3.13 3.33
C GLY B 49 9.43 -3.10 2.14
N TRP B 50 9.70 -2.18 1.23
CA TRP B 50 8.88 -2.04 0.03
C TRP B 50 9.80 -1.89 -1.17
N LEU B 51 9.29 -2.31 -2.32
CA LEU B 51 10.06 -2.23 -3.55
C LEU B 51 9.15 -1.75 -4.69
N MET B 52 9.77 -1.45 -5.82
CA MET B 52 9.03 -0.98 -6.98
C MET B 52 8.56 -2.16 -7.83
N GLY B 53 7.25 -2.34 -7.87
CA GLY B 53 6.65 -3.41 -8.64
C GLY B 53 5.45 -2.92 -9.44
N VAL B 54 4.99 -3.77 -10.35
CA VAL B 54 3.84 -3.44 -11.17
C VAL B 54 2.85 -4.60 -11.16
N LYS B 55 1.57 -4.24 -11.20
CA LYS B 55 0.52 -5.24 -11.19
C LYS B 55 0.39 -5.86 -12.58
N GLU B 56 -0.21 -7.03 -12.62
CA GLU B 56 -0.40 -7.74 -13.88
C GLU B 56 -1.21 -6.87 -14.85
N SER B 57 -2.18 -6.16 -14.29
CA SER B 57 -3.02 -5.30 -15.09
C SER B 57 -2.19 -4.16 -15.71
N ASP B 58 -1.29 -3.63 -14.89
CA ASP B 58 -0.43 -2.56 -15.33
C ASP B 58 0.42 -3.03 -16.51
N TRP B 59 0.76 -4.32 -16.47
CA TRP B 59 1.56 -4.91 -17.53
C TRP B 59 0.90 -4.58 -18.87
N ASN B 60 -0.41 -4.80 -18.91
CA ASN B 60 -1.17 -4.54 -20.12
C ASN B 60 -0.97 -3.08 -20.54
N GLN B 61 -0.66 -2.25 -19.55
CA GLN B 61 -0.43 -0.84 -19.81
C GLN B 61 1.07 -0.55 -19.91
N HIS B 62 1.83 -1.61 -20.10
CA HIS B 62 3.28 -1.49 -20.21
C HIS B 62 3.62 -0.33 -21.15
N LYS B 63 2.67 0.00 -22.01
CA LYS B 63 2.85 1.08 -22.97
C LYS B 63 3.15 2.38 -22.21
N LYS B 64 2.58 2.47 -21.02
CA LYS B 64 2.78 3.63 -20.18
C LYS B 64 3.16 3.19 -18.77
N LEU B 65 4.09 2.26 -18.70
CA LEU B 65 4.55 1.74 -17.43
C LEU B 65 5.06 2.90 -16.57
N GLU B 66 5.59 3.90 -17.25
CA GLU B 66 6.12 5.08 -16.57
C GLU B 66 5.05 5.69 -15.67
N LYS B 67 3.80 5.33 -15.94
CA LYS B 67 2.68 5.84 -15.16
C LYS B 67 2.01 4.67 -14.42
N CYS B 68 2.66 3.52 -14.48
CA CYS B 68 2.15 2.33 -13.83
C CYS B 68 3.06 2.00 -12.65
N ARG B 69 4.29 2.47 -12.75
CA ARG B 69 5.27 2.22 -11.70
C ARG B 69 4.70 2.61 -10.34
N GLY B 70 4.84 1.70 -9.39
CA GLY B 70 4.34 1.93 -8.05
C GLY B 70 5.25 1.28 -7.00
N VAL B 71 4.85 1.40 -5.75
CA VAL B 71 5.61 0.83 -4.66
C VAL B 71 4.69 -0.03 -3.78
N PHE B 72 5.24 -1.13 -3.30
CA PHE B 72 4.49 -2.04 -2.46
C PHE B 72 5.40 -2.78 -1.49
N PRO B 73 4.81 -3.17 -0.32
CA PRO B 73 5.57 -3.88 0.69
C PRO B 73 5.81 -5.34 0.28
N GLU B 74 7.07 -5.68 0.13
CA GLU B 74 7.44 -7.03 -0.25
C GLU B 74 7.15 -8.01 0.88
N ASN B 75 7.26 -7.50 2.10
CA ASN B 75 7.02 -8.31 3.28
C ASN B 75 5.53 -8.61 3.39
N PHE B 76 4.76 -7.97 2.51
CA PHE B 76 3.31 -8.17 2.49
C PHE B 76 2.89 -8.96 1.26
N THR B 77 3.87 -9.37 0.48
CA THR B 77 3.61 -10.15 -0.72
C THR B 77 4.49 -11.39 -0.76
N GLU B 78 4.31 -12.18 -1.81
CA GLU B 78 5.08 -13.40 -1.98
C GLU B 78 5.65 -13.48 -3.39
N ARG B 79 6.84 -14.07 -3.47
CA ARG B 79 7.52 -14.22 -4.76
C ARG B 79 7.03 -15.48 -5.47
N VAL B 80 6.74 -15.32 -6.75
CA VAL B 80 6.27 -16.43 -7.56
C VAL B 80 7.39 -16.90 -8.49
N PRO B 81 7.53 -18.25 -8.60
CA PRO B 81 8.56 -18.82 -9.44
C PRO B 81 8.17 -18.72 -10.92
N LEU A 1 0.44 -15.62 8.43
CA LEU A 1 0.40 -14.47 9.32
C LEU A 1 1.38 -13.41 8.81
N LEU A 2 0.82 -12.39 8.18
CA LEU A 2 1.62 -11.30 7.64
C LEU A 2 1.80 -10.23 8.71
N PRO A 3 3.09 -10.04 9.12
CA PRO A 3 3.40 -9.05 10.13
C PRO A 3 3.34 -7.63 9.56
N THR A 4 2.75 -6.74 10.33
CA THR A 4 2.62 -5.35 9.91
C THR A 4 3.99 -4.68 9.84
N PRO A 5 4.24 -4.00 8.69
CA PRO A 5 5.50 -3.32 8.49
C PRO A 5 5.58 -2.03 9.31
N PRO A 6 6.79 -1.42 9.33
CA PRO A 6 7.00 -0.19 10.07
C PRO A 6 6.38 1.00 9.33
N LEU A 7 6.18 2.07 10.09
CA LEU A 7 5.59 3.28 9.53
C LEU A 7 6.48 3.79 8.39
N SER A 8 5.84 4.04 7.25
CA SER A 8 6.55 4.53 6.09
C SER A 8 6.53 6.06 6.07
N PRO A 9 7.52 6.64 5.32
CA PRO A 9 7.62 8.08 5.21
C PRO A 9 6.54 8.64 4.28
N SER A 10 6.47 9.96 4.25
CA SER A 10 5.48 10.63 3.41
C SER A 10 5.90 10.52 1.94
N ARG A 11 5.54 9.39 1.34
CA ARG A 11 5.87 9.15 -0.05
C ARG A 11 4.89 9.89 -0.96
N ARG A 12 5.36 11.00 -1.51
CA ARG A 12 4.55 11.80 -2.40
C ARG A 12 5.07 11.71 -3.83
N SER A 13 4.28 11.03 -4.67
CA SER A 13 4.65 10.87 -6.07
C SER A 13 4.83 12.23 -6.73
N GLY A 14 6.07 12.52 -7.10
CA GLY A 14 6.39 13.78 -7.74
C GLY A 14 5.49 14.01 -8.96
N GLY B 1 -17.18 4.22 -13.97
CA GLY B 1 -15.77 3.89 -13.93
C GLY B 1 -15.01 4.57 -15.08
N ARG B 2 -13.70 4.36 -15.09
CA ARG B 2 -12.86 4.93 -16.12
C ARG B 2 -13.19 4.32 -17.48
N LEU B 3 -12.36 4.64 -18.46
CA LEU B 3 -12.56 4.13 -19.81
C LEU B 3 -11.29 3.41 -20.26
N ASP B 4 -10.16 4.03 -19.96
CA ASP B 4 -8.87 3.46 -20.33
C ASP B 4 -8.14 2.99 -19.06
N LEU B 5 -7.26 2.02 -19.25
CA LEU B 5 -6.50 1.47 -18.14
C LEU B 5 -5.26 2.34 -17.91
N PRO B 6 -4.70 2.22 -16.68
CA PRO B 6 -3.51 2.98 -16.31
C PRO B 6 -2.26 2.39 -16.98
N PRO B 7 -1.44 3.31 -17.56
CA PRO B 7 -0.21 2.90 -18.23
C PRO B 7 0.86 2.53 -17.20
N GLY B 8 1.66 1.53 -17.56
CA GLY B 8 2.72 1.08 -16.69
C GLY B 8 2.22 0.02 -15.71
N PHE B 9 0.91 0.04 -15.49
CA PHE B 9 0.29 -0.90 -14.57
C PHE B 9 0.96 -2.27 -14.66
N MET B 10 0.97 -2.96 -13.52
CA MET B 10 1.58 -4.28 -13.45
C MET B 10 0.51 -5.37 -13.34
N PHE B 11 -0.11 -5.41 -12.16
CA PHE B 11 -1.14 -6.40 -11.91
C PHE B 11 -2.03 -5.96 -10.74
N LYS B 12 -3.01 -6.81 -10.45
CA LYS B 12 -3.94 -6.52 -9.36
C LYS B 12 -3.53 -7.31 -8.12
N VAL B 13 -3.72 -6.67 -6.97
CA VAL B 13 -3.37 -7.31 -5.71
C VAL B 13 -4.61 -7.36 -4.81
N GLN B 14 -4.50 -8.15 -3.75
CA GLN B 14 -5.60 -8.29 -2.81
C GLN B 14 -5.08 -8.15 -1.37
N ALA B 15 -5.60 -7.16 -0.68
CA ALA B 15 -5.21 -6.90 0.70
C ALA B 15 -5.70 -8.06 1.57
N GLN B 16 -4.92 -8.33 2.62
CA GLN B 16 -5.25 -9.41 3.54
C GLN B 16 -5.46 -8.85 4.95
N HIS B 17 -5.27 -7.55 5.06
CA HIS B 17 -5.43 -6.88 6.35
C HIS B 17 -6.04 -5.49 6.13
N ASP B 18 -6.43 -4.88 7.24
CA ASP B 18 -7.03 -3.55 7.19
C ASP B 18 -6.06 -2.54 7.81
N TYR B 19 -5.37 -1.81 6.93
CA TYR B 19 -4.42 -0.81 7.37
C TYR B 19 -4.87 0.60 6.97
N THR B 20 -5.19 1.39 7.98
CA THR B 20 -5.63 2.76 7.74
C THR B 20 -4.43 3.66 7.49
N ALA B 21 -4.35 4.17 6.26
CA ALA B 21 -3.27 5.05 5.88
C ALA B 21 -3.82 6.46 5.62
N THR B 22 -3.37 7.39 6.45
CA THR B 22 -3.81 8.77 6.32
C THR B 22 -2.61 9.69 6.05
N ASP B 23 -2.36 9.93 4.77
CA ASP B 23 -1.25 10.79 4.37
C ASP B 23 -1.68 11.63 3.17
N THR B 24 -0.72 12.38 2.65
CA THR B 24 -0.98 13.23 1.50
C THR B 24 -0.96 12.40 0.21
N ASP B 25 -0.43 11.20 0.33
CA ASP B 25 -0.35 10.30 -0.81
C ASP B 25 -0.33 8.85 -0.32
N GLU B 26 -1.14 8.60 0.69
CA GLU B 26 -1.23 7.26 1.27
C GLU B 26 -2.34 6.46 0.58
N LEU B 27 -2.28 5.15 0.76
CA LEU B 27 -3.27 4.26 0.17
C LEU B 27 -3.90 3.40 1.27
N GLN B 28 -5.17 3.63 1.49
CA GLN B 28 -5.90 2.88 2.50
C GLN B 28 -6.24 1.48 1.99
N LEU B 29 -6.05 0.50 2.87
CA LEU B 29 -6.32 -0.88 2.50
C LEU B 29 -7.21 -1.51 3.59
N LYS B 30 -8.13 -2.34 3.14
CA LYS B 30 -9.03 -3.02 4.06
C LYS B 30 -8.93 -4.53 3.84
N ALA B 31 -8.80 -5.24 4.96
CA ALA B 31 -8.70 -6.69 4.90
C ALA B 31 -9.65 -7.23 3.83
N GLY B 32 -9.08 -7.49 2.66
CA GLY B 32 -9.86 -8.00 1.55
C GLY B 32 -10.20 -6.90 0.55
N ASP B 33 -9.19 -6.10 0.23
CA ASP B 33 -9.36 -5.00 -0.70
C ASP B 33 -8.67 -5.34 -2.02
N VAL B 34 -8.94 -4.52 -3.02
CA VAL B 34 -8.36 -4.73 -4.33
C VAL B 34 -7.51 -3.51 -4.71
N VAL B 35 -6.27 -3.78 -5.08
CA VAL B 35 -5.34 -2.73 -5.46
C VAL B 35 -4.57 -3.15 -6.71
N LEU B 36 -4.21 -2.16 -7.50
CA LEU B 36 -3.47 -2.41 -8.73
C LEU B 36 -2.05 -1.86 -8.59
N VAL B 37 -1.08 -2.71 -8.87
CA VAL B 37 0.31 -2.32 -8.78
C VAL B 37 0.70 -1.53 -10.03
N ILE B 38 1.04 -0.26 -9.80
CA ILE B 38 1.43 0.61 -10.89
C ILE B 38 2.84 1.15 -10.64
N PRO B 39 3.53 1.50 -11.75
CA PRO B 39 4.89 2.02 -11.66
C PRO B 39 4.88 3.47 -11.17
N PHE B 40 5.47 3.67 -10.00
CA PHE B 40 5.53 5.00 -9.42
C PHE B 40 6.24 5.98 -10.35
N GLN B 41 6.45 7.18 -9.85
CA GLN B 41 7.11 8.21 -10.63
C GLN B 41 8.64 8.06 -10.55
N ASN B 42 9.08 7.52 -9.42
CA ASN B 42 10.50 7.31 -9.21
C ASN B 42 10.69 6.25 -8.12
N PRO B 43 11.78 5.44 -8.28
CA PRO B 43 12.08 4.39 -7.33
C PRO B 43 12.68 4.98 -6.04
N GLU B 44 13.16 6.21 -6.15
CA GLU B 44 13.75 6.89 -5.02
C GLU B 44 12.67 7.28 -4.01
N GLU B 45 11.46 7.41 -4.52
CA GLU B 45 10.33 7.77 -3.68
C GLU B 45 9.71 6.52 -3.05
N GLN B 46 10.06 5.38 -3.63
CA GLN B 46 9.54 4.11 -3.14
C GLN B 46 10.00 3.87 -1.70
N ASP B 47 9.14 3.21 -0.94
CA ASP B 47 9.44 2.90 0.44
C ASP B 47 9.74 1.41 0.58
N GLU B 48 10.62 1.11 1.53
CA GLU B 48 11.01 -0.27 1.78
C GLU B 48 9.85 -1.04 2.43
N GLY B 49 9.33 -2.00 1.68
CA GLY B 49 8.23 -2.81 2.18
C GLY B 49 6.88 -2.27 1.68
N TRP B 50 6.96 -1.15 0.98
CA TRP B 50 5.76 -0.52 0.44
C TRP B 50 6.05 -0.10 -1.00
N LEU B 51 4.99 -0.07 -1.80
CA LEU B 51 5.11 0.32 -3.20
C LEU B 51 3.93 1.21 -3.59
N MET B 52 4.02 1.78 -4.77
CA MET B 52 2.98 2.66 -5.27
C MET B 52 1.90 1.85 -6.00
N GLY B 53 0.71 1.84 -5.40
CA GLY B 53 -0.41 1.11 -5.98
C GLY B 53 -1.68 1.97 -5.95
N VAL B 54 -2.73 1.42 -6.55
CA VAL B 54 -4.00 2.12 -6.61
C VAL B 54 -5.13 1.13 -6.30
N LYS B 55 -6.14 1.63 -5.61
CA LYS B 55 -7.28 0.81 -5.23
C LYS B 55 -8.23 0.70 -6.43
N GLU B 56 -9.08 -0.31 -6.38
CA GLU B 56 -10.03 -0.54 -7.46
C GLU B 56 -10.93 0.70 -7.63
N SER B 57 -11.33 1.27 -6.51
CA SER B 57 -12.18 2.45 -6.53
C SER B 57 -11.44 3.62 -7.18
N ASP B 58 -10.13 3.66 -6.94
CA ASP B 58 -9.30 4.72 -7.49
C ASP B 58 -9.23 4.55 -9.01
N TRP B 59 -9.27 3.30 -9.44
CA TRP B 59 -9.20 2.99 -10.86
C TRP B 59 -10.26 3.82 -11.57
N ASN B 60 -11.47 3.80 -11.01
CA ASN B 60 -12.57 4.54 -11.58
C ASN B 60 -12.18 6.02 -11.71
N GLN B 61 -11.25 6.43 -10.85
CA GLN B 61 -10.77 7.80 -10.88
C GLN B 61 -9.51 7.92 -11.74
N HIS B 62 -9.30 6.91 -12.57
CA HIS B 62 -8.15 6.89 -13.45
C HIS B 62 -8.00 8.25 -14.12
N LYS B 63 -9.11 8.97 -14.20
CA LYS B 63 -9.12 10.29 -14.82
C LYS B 63 -8.12 11.19 -14.09
N LYS B 64 -7.95 10.90 -12.81
CA LYS B 64 -7.03 11.68 -11.99
C LYS B 64 -6.15 10.74 -11.17
N LEU B 65 -5.68 9.70 -11.84
CA LEU B 65 -4.83 8.71 -11.18
C LEU B 65 -3.63 9.41 -10.55
N GLU B 66 -3.21 10.50 -11.20
CA GLU B 66 -2.09 11.27 -10.72
C GLU B 66 -2.36 11.80 -9.31
N LYS B 67 -3.64 11.86 -8.98
CA LYS B 67 -4.06 12.34 -7.67
C LYS B 67 -4.73 11.21 -6.90
N CYS B 68 -4.66 10.02 -7.49
CA CYS B 68 -5.26 8.85 -6.87
C CYS B 68 -4.13 7.93 -6.39
N ARG B 69 -2.97 8.10 -7.00
CA ARG B 69 -1.81 7.30 -6.64
C ARG B 69 -1.59 7.33 -5.13
N GLY B 70 -1.01 6.25 -4.62
CA GLY B 70 -0.74 6.15 -3.19
C GLY B 70 0.32 5.09 -2.92
N VAL B 71 0.62 4.92 -1.64
CA VAL B 71 1.62 3.95 -1.23
C VAL B 71 1.00 2.98 -0.22
N PHE B 72 1.40 1.72 -0.32
CA PHE B 72 0.89 0.70 0.56
C PHE B 72 1.92 -0.42 0.76
N PRO B 73 1.83 -1.08 1.95
CA PRO B 73 2.74 -2.16 2.27
C PRO B 73 2.39 -3.43 1.50
N GLU B 74 3.31 -3.84 0.63
CA GLU B 74 3.10 -5.03 -0.16
C GLU B 74 3.14 -6.28 0.72
N ASN B 75 3.94 -6.19 1.77
CA ASN B 75 4.08 -7.30 2.70
C ASN B 75 2.77 -7.48 3.47
N PHE B 76 1.87 -6.53 3.28
CA PHE B 76 0.59 -6.56 3.95
C PHE B 76 -0.54 -6.89 2.96
N THR B 77 -0.14 -7.11 1.71
CA THR B 77 -1.10 -7.43 0.68
C THR B 77 -0.68 -8.71 -0.05
N GLU B 78 -1.55 -9.15 -0.95
CA GLU B 78 -1.28 -10.35 -1.73
C GLU B 78 -1.44 -10.06 -3.22
N ARG B 79 -0.63 -10.75 -4.01
CA ARG B 79 -0.67 -10.59 -5.46
C ARG B 79 -1.74 -11.50 -6.07
N VAL B 80 -2.50 -10.93 -6.99
CA VAL B 80 -3.56 -11.68 -7.66
C VAL B 80 -3.13 -11.99 -9.09
N PRO B 81 -3.47 -13.23 -9.54
CA PRO B 81 -3.14 -13.66 -10.88
C PRO B 81 -4.05 -13.00 -11.91
N LEU A 1 0.44 -15.62 8.43
CA LEU A 1 0.40 -14.47 9.32
C LEU A 1 1.15 -13.31 8.66
N LEU A 2 0.44 -12.61 7.79
CA LEU A 2 1.02 -11.47 7.10
C LEU A 2 1.02 -10.25 8.02
N PRO A 3 2.23 -9.70 8.25
CA PRO A 3 2.37 -8.53 9.11
C PRO A 3 1.88 -7.26 8.39
N THR A 4 1.07 -6.50 9.11
CA THR A 4 0.53 -5.27 8.56
C THR A 4 1.64 -4.23 8.36
N PRO A 5 1.62 -3.60 7.16
CA PRO A 5 2.62 -2.59 6.83
C PRO A 5 2.34 -1.28 7.58
N PRO A 6 3.32 -0.34 7.45
CA PRO A 6 3.19 0.95 8.10
C PRO A 6 2.18 1.84 7.37
N LEU A 7 1.73 2.86 8.08
CA LEU A 7 0.76 3.79 7.52
C LEU A 7 1.35 4.45 6.27
N SER A 8 0.58 4.43 5.19
CA SER A 8 1.02 5.01 3.93
C SER A 8 0.56 6.47 3.85
N PRO A 9 1.26 7.25 2.99
CA PRO A 9 0.94 8.64 2.81
C PRO A 9 -0.33 8.82 1.96
N SER A 10 -0.78 10.05 1.88
CA SER A 10 -1.98 10.36 1.11
C SER A 10 -1.68 10.27 -0.39
N ARG A 11 -1.71 9.04 -0.90
CA ARG A 11 -1.45 8.81 -2.30
C ARG A 11 -2.68 9.16 -3.15
N ARG A 12 -2.74 10.42 -3.54
CA ARG A 12 -3.85 10.90 -4.35
C ARG A 12 -3.60 10.59 -5.84
N SER A 13 -4.49 9.80 -6.40
CA SER A 13 -4.40 9.43 -7.80
C SER A 13 -5.77 9.50 -8.46
N GLY A 14 -5.89 10.44 -9.40
CA GLY A 14 -7.14 10.62 -10.11
C GLY A 14 -8.30 10.86 -9.15
N GLY B 1 -22.99 -4.00 -14.26
CA GLY B 1 -21.54 -4.13 -14.33
C GLY B 1 -20.97 -3.30 -15.48
N ARG B 2 -19.65 -3.10 -15.42
CA ARG B 2 -18.97 -2.33 -16.45
C ARG B 2 -19.22 -2.95 -17.82
N LEU B 3 -18.48 -2.45 -18.80
CA LEU B 3 -18.61 -2.94 -20.17
C LEU B 3 -17.22 -3.31 -20.70
N ASP B 4 -16.27 -2.43 -20.47
CA ASP B 4 -14.91 -2.64 -20.92
C ASP B 4 -13.98 -2.73 -19.70
N LEU B 5 -12.87 -3.41 -19.90
CA LEU B 5 -11.89 -3.57 -18.83
C LEU B 5 -10.99 -2.33 -18.77
N PRO B 6 -10.34 -2.16 -17.59
CA PRO B 6 -9.45 -1.03 -17.39
C PRO B 6 -8.13 -1.22 -18.14
N PRO B 7 -7.69 -0.14 -18.83
CA PRO B 7 -6.46 -0.19 -19.59
C PRO B 7 -5.24 -0.11 -18.66
N GLY B 8 -4.21 -0.85 -19.02
CA GLY B 8 -2.99 -0.89 -18.23
C GLY B 8 -3.06 -1.98 -17.16
N PHE B 9 -4.28 -2.36 -16.83
CA PHE B 9 -4.50 -3.39 -15.83
C PHE B 9 -3.42 -4.48 -15.92
N MET B 10 -3.09 -5.02 -14.75
CA MET B 10 -2.08 -6.07 -14.70
C MET B 10 -2.72 -7.43 -14.46
N PHE B 11 -3.21 -7.62 -13.24
CA PHE B 11 -3.86 -8.87 -12.88
C PHE B 11 -4.76 -8.69 -11.66
N LYS B 12 -5.39 -9.78 -11.25
CA LYS B 12 -6.28 -9.76 -10.11
C LYS B 12 -5.54 -10.27 -8.87
N VAL B 13 -5.88 -9.69 -7.73
CA VAL B 13 -5.24 -10.08 -6.48
C VAL B 13 -6.33 -10.46 -5.47
N GLN B 14 -5.89 -11.10 -4.39
CA GLN B 14 -6.80 -11.51 -3.34
C GLN B 14 -6.25 -11.13 -1.97
N ALA B 15 -7.03 -10.34 -1.25
CA ALA B 15 -6.62 -9.90 0.08
C ALA B 15 -6.64 -11.10 1.03
N GLN B 16 -5.80 -11.02 2.05
CA GLN B 16 -5.70 -12.08 3.03
C GLN B 16 -6.01 -11.54 4.43
N HIS B 17 -6.29 -10.24 4.48
CA HIS B 17 -6.59 -9.59 5.74
C HIS B 17 -7.62 -8.49 5.51
N ASP B 18 -8.14 -7.96 6.61
CA ASP B 18 -9.13 -6.90 6.54
C ASP B 18 -8.50 -5.59 7.02
N TYR B 19 -8.19 -4.74 6.05
CA TYR B 19 -7.58 -3.45 6.36
C TYR B 19 -8.50 -2.30 5.96
N THR B 20 -9.04 -1.64 6.97
CA THR B 20 -9.94 -0.52 6.75
C THR B 20 -9.14 0.74 6.37
N ALA B 21 -9.33 1.16 5.13
CA ALA B 21 -8.64 2.35 4.64
C ALA B 21 -9.66 3.46 4.39
N THR B 22 -9.50 4.54 5.14
CA THR B 22 -10.40 5.68 5.01
C THR B 22 -9.61 6.92 4.60
N ASP B 23 -9.56 7.15 3.29
CA ASP B 23 -8.86 8.30 2.76
C ASP B 23 -9.63 8.86 1.57
N THR B 24 -9.03 9.85 0.92
CA THR B 24 -9.66 10.48 -0.22
C THR B 24 -9.41 9.66 -1.49
N ASP B 25 -8.52 8.69 -1.36
CA ASP B 25 -8.19 7.82 -2.47
C ASP B 25 -7.61 6.50 -1.93
N GLU B 26 -8.20 6.03 -0.85
CA GLU B 26 -7.77 4.80 -0.23
C GLU B 26 -8.56 3.62 -0.79
N LEU B 27 -8.01 2.43 -0.60
CA LEU B 27 -8.65 1.21 -1.07
C LEU B 27 -8.89 0.27 0.10
N GLN B 28 -10.15 0.07 0.42
CA GLN B 28 -10.53 -0.82 1.51
C GLN B 28 -10.43 -2.28 1.08
N LEU B 29 -9.87 -3.09 1.96
CA LEU B 29 -9.71 -4.51 1.68
C LEU B 29 -10.25 -5.32 2.87
N LYS B 30 -10.85 -6.45 2.53
CA LYS B 30 -11.41 -7.32 3.55
C LYS B 30 -10.81 -8.73 3.41
N ALA B 31 -10.38 -9.27 4.54
CA ALA B 31 -9.79 -10.60 4.55
C ALA B 31 -10.55 -11.50 3.57
N GLY B 32 -10.00 -11.63 2.37
CA GLY B 32 -10.62 -12.45 1.34
C GLY B 32 -11.40 -11.59 0.35
N ASP B 33 -10.75 -10.55 -0.13
CA ASP B 33 -11.36 -9.64 -1.09
C ASP B 33 -10.67 -9.79 -2.44
N VAL B 34 -11.27 -9.19 -3.45
CA VAL B 34 -10.73 -9.24 -4.80
C VAL B 34 -10.36 -7.83 -5.25
N VAL B 35 -9.13 -7.69 -5.72
CA VAL B 35 -8.65 -6.41 -6.19
C VAL B 35 -7.84 -6.61 -7.47
N LEU B 36 -7.89 -5.60 -8.33
CA LEU B 36 -7.17 -5.66 -9.59
C LEU B 36 -5.99 -4.69 -9.54
N VAL B 37 -4.83 -5.20 -9.97
CA VAL B 37 -3.62 -4.38 -9.97
C VAL B 37 -3.55 -3.59 -11.28
N ILE B 38 -3.72 -2.29 -11.15
CA ILE B 38 -3.67 -1.42 -12.31
C ILE B 38 -2.48 -0.47 -12.18
N PRO B 39 -1.99 0.00 -13.35
CA PRO B 39 -0.86 0.91 -13.39
C PRO B 39 -1.27 2.32 -12.97
N PHE B 40 -0.71 2.77 -11.86
CA PHE B 40 -1.02 4.10 -11.34
C PHE B 40 -0.72 5.17 -12.39
N GLN B 41 -0.92 6.41 -11.99
CA GLN B 41 -0.69 7.54 -12.87
C GLN B 41 0.80 7.91 -12.87
N ASN B 42 1.50 7.39 -11.88
CA ASN B 42 2.92 7.65 -11.76
C ASN B 42 3.51 6.77 -10.66
N PRO B 43 4.80 6.38 -10.85
CA PRO B 43 5.49 5.54 -9.89
C PRO B 43 5.88 6.34 -8.65
N GLU B 44 6.04 7.64 -8.84
CA GLU B 44 6.41 8.52 -7.75
C GLU B 44 5.26 8.64 -6.75
N GLU B 45 4.05 8.43 -7.25
CA GLU B 45 2.87 8.51 -6.41
C GLU B 45 2.68 7.20 -5.65
N GLN B 46 3.37 6.17 -6.12
CA GLN B 46 3.28 4.86 -5.48
C GLN B 46 3.91 4.90 -4.09
N ASP B 47 3.39 4.06 -3.21
CA ASP B 47 3.88 3.98 -1.85
C ASP B 47 4.66 2.69 -1.67
N GLU B 48 5.61 2.72 -0.74
CA GLU B 48 6.44 1.56 -0.46
C GLU B 48 5.63 0.51 0.31
N GLY B 49 5.38 -0.60 -0.36
CA GLY B 49 4.62 -1.68 0.23
C GLY B 49 3.15 -1.62 -0.17
N TRP B 50 2.82 -0.56 -0.89
CA TRP B 50 1.45 -0.36 -1.34
C TRP B 50 1.50 0.04 -2.82
N LEU B 51 0.44 -0.31 -3.53
CA LEU B 51 0.35 0.02 -4.95
C LEU B 51 -1.07 0.46 -5.28
N MET B 52 -1.24 0.93 -6.50
CA MET B 52 -2.55 1.39 -6.95
C MET B 52 -3.37 0.24 -7.54
N GLY B 53 -4.44 -0.10 -6.85
CA GLY B 53 -5.30 -1.18 -7.29
C GLY B 53 -6.78 -0.79 -7.17
N VAL B 54 -7.63 -1.68 -7.67
CA VAL B 54 -9.07 -1.43 -7.61
C VAL B 54 -9.78 -2.72 -7.19
N LYS B 55 -10.86 -2.55 -6.45
CA LYS B 55 -11.65 -3.68 -5.97
C LYS B 55 -12.58 -4.15 -7.10
N GLU B 56 -13.05 -5.38 -6.95
CA GLU B 56 -13.95 -5.96 -7.93
C GLU B 56 -15.20 -5.09 -8.07
N SER B 57 -15.70 -4.65 -6.93
CA SER B 57 -16.90 -3.82 -6.91
C SER B 57 -16.65 -2.52 -7.68
N ASP B 58 -15.49 -1.93 -7.42
CA ASP B 58 -15.11 -0.70 -8.07
C ASP B 58 -15.03 -0.92 -9.58
N TRP B 59 -14.62 -2.13 -9.94
CA TRP B 59 -14.49 -2.49 -11.34
C TRP B 59 -15.82 -2.18 -12.04
N ASN B 60 -16.90 -2.63 -11.40
CA ASN B 60 -18.23 -2.40 -11.94
C ASN B 60 -18.44 -0.91 -12.18
N GLN B 61 -17.70 -0.12 -11.42
CA GLN B 61 -17.79 1.33 -11.54
C GLN B 61 -16.75 1.85 -12.54
N HIS B 62 -16.25 0.93 -13.35
CA HIS B 62 -15.25 1.28 -14.35
C HIS B 62 -15.67 2.57 -15.06
N LYS B 63 -16.97 2.82 -15.04
CA LYS B 63 -17.51 4.01 -15.69
C LYS B 63 -16.84 5.25 -15.10
N LYS B 64 -16.47 5.13 -13.83
CA LYS B 64 -15.83 6.24 -13.14
C LYS B 64 -14.65 5.70 -12.33
N LEU B 65 -13.82 4.91 -13.01
CA LEU B 65 -12.64 4.34 -12.37
C LEU B 65 -11.79 5.45 -11.77
N GLU B 66 -11.84 6.60 -12.42
CA GLU B 66 -11.07 7.76 -11.97
C GLU B 66 -11.45 8.10 -10.52
N LYS B 67 -12.59 7.57 -10.10
CA LYS B 67 -13.08 7.81 -8.75
C LYS B 67 -13.10 6.49 -7.97
N CYS B 68 -12.54 5.46 -8.60
CA CYS B 68 -12.48 4.15 -7.98
C CYS B 68 -11.03 3.86 -7.59
N ARG B 69 -10.13 4.53 -8.29
CA ARG B 69 -8.70 4.36 -8.02
C ARG B 69 -8.41 4.51 -6.52
N GLY B 70 -7.49 3.69 -6.05
CA GLY B 70 -7.12 3.71 -4.64
C GLY B 70 -5.75 3.07 -4.43
N VAL B 71 -5.32 3.07 -3.18
CA VAL B 71 -4.03 2.50 -2.83
C VAL B 71 -4.23 1.44 -1.73
N PHE B 72 -3.46 0.37 -1.84
CA PHE B 72 -3.53 -0.71 -0.87
C PHE B 72 -2.18 -1.40 -0.71
N PRO B 73 -1.98 -1.97 0.50
CA PRO B 73 -0.73 -2.66 0.81
C PRO B 73 -0.67 -4.02 0.11
N GLU B 74 0.25 -4.13 -0.82
CA GLU B 74 0.42 -5.37 -1.57
C GLU B 74 0.97 -6.46 -0.66
N ASN B 75 1.69 -6.04 0.36
CA ASN B 75 2.27 -6.97 1.31
C ASN B 75 1.17 -7.54 2.20
N PHE B 76 -0.03 -6.98 2.03
CA PHE B 76 -1.18 -7.43 2.82
C PHE B 76 -2.18 -8.18 1.93
N THR B 77 -1.81 -8.33 0.67
CA THR B 77 -2.67 -9.01 -0.28
C THR B 77 -1.88 -10.13 -1.00
N GLU B 78 -2.59 -10.85 -1.85
CA GLU B 78 -1.99 -11.95 -2.59
C GLU B 78 -2.32 -11.82 -4.08
N ARG B 79 -1.35 -12.18 -4.90
CA ARG B 79 -1.54 -12.12 -6.34
C ARG B 79 -2.26 -13.37 -6.84
N VAL B 80 -3.25 -13.14 -7.70
CA VAL B 80 -4.03 -14.23 -8.25
C VAL B 80 -3.59 -14.49 -9.70
N PRO B 81 -3.02 -15.70 -9.92
CA PRO B 81 -2.56 -16.08 -11.24
C PRO B 81 -3.73 -16.43 -12.16
N LEU A 1 0.44 -15.62 8.43
CA LEU A 1 0.40 -14.47 9.32
C LEU A 1 1.55 -13.52 8.96
N LEU A 2 1.27 -12.61 8.05
CA LEU A 2 2.26 -11.65 7.61
C LEU A 2 2.01 -10.31 8.32
N PRO A 3 3.04 -9.88 9.10
CA PRO A 3 2.94 -8.62 9.83
C PRO A 3 3.09 -7.42 8.90
N THR A 4 2.20 -6.46 9.06
CA THR A 4 2.21 -5.27 8.25
C THR A 4 3.46 -4.44 8.55
N PRO A 5 4.17 -4.03 7.46
CA PRO A 5 5.37 -3.23 7.60
C PRO A 5 5.03 -1.78 7.96
N PRO A 6 6.09 -1.01 8.30
CA PRO A 6 5.92 0.39 8.66
C PRO A 6 5.65 1.25 7.43
N LEU A 7 5.11 2.43 7.67
CA LEU A 7 4.80 3.35 6.59
C LEU A 7 6.09 3.68 5.83
N SER A 8 6.00 3.53 4.51
CA SER A 8 7.14 3.80 3.66
C SER A 8 7.08 5.25 3.15
N PRO A 9 8.26 5.76 2.73
CA PRO A 9 8.35 7.13 2.22
C PRO A 9 7.77 7.21 0.80
N SER A 10 7.66 8.43 0.31
CA SER A 10 7.13 8.67 -1.02
C SER A 10 8.17 8.27 -2.07
N ARG A 11 8.11 7.00 -2.47
CA ARG A 11 9.03 6.49 -3.46
C ARG A 11 8.60 6.91 -4.87
N ARG A 12 9.16 8.01 -5.32
CA ARG A 12 8.85 8.52 -6.63
C ARG A 12 9.71 7.84 -7.71
N SER A 13 9.04 7.03 -8.53
CA SER A 13 9.74 6.32 -9.58
C SER A 13 8.97 6.48 -10.90
N GLY A 14 9.20 7.61 -11.54
CA GLY A 14 8.55 7.90 -12.81
C GLY A 14 7.30 8.75 -12.60
N GLY B 1 -6.01 -5.44 -23.55
CA GLY B 1 -4.83 -5.33 -22.70
C GLY B 1 -3.55 -5.25 -23.54
N ARG B 2 -2.45 -5.61 -22.91
CA ARG B 2 -1.16 -5.60 -23.59
C ARG B 2 -0.69 -7.03 -23.87
N LEU B 3 -0.02 -7.19 -24.99
CA LEU B 3 0.48 -8.49 -25.40
C LEU B 3 1.96 -8.58 -25.04
N ASP B 4 2.65 -7.45 -25.16
CA ASP B 4 4.07 -7.40 -24.85
C ASP B 4 4.26 -7.45 -23.34
N LEU B 5 5.44 -7.88 -22.94
CA LEU B 5 5.77 -7.97 -21.52
C LEU B 5 6.70 -6.82 -21.14
N PRO B 6 6.71 -6.51 -19.81
CA PRO B 6 7.54 -5.43 -19.31
C PRO B 6 9.01 -5.85 -19.26
N PRO B 7 9.89 -4.94 -19.72
CA PRO B 7 11.32 -5.21 -19.73
C PRO B 7 11.91 -5.10 -18.33
N GLY B 8 12.77 -6.05 -18.00
CA GLY B 8 13.41 -6.07 -16.70
C GLY B 8 12.56 -6.85 -15.69
N PHE B 9 11.28 -6.95 -15.99
CA PHE B 9 10.36 -7.67 -15.12
C PHE B 9 11.03 -8.89 -14.51
N MET B 10 10.60 -9.20 -13.29
CA MET B 10 11.17 -10.35 -12.57
C MET B 10 10.18 -11.52 -12.57
N PHE B 11 9.10 -11.34 -11.81
CA PHE B 11 8.08 -12.38 -11.71
C PHE B 11 6.76 -11.78 -11.22
N LYS B 12 5.74 -12.64 -11.21
CA LYS B 12 4.43 -12.22 -10.77
C LYS B 12 4.25 -12.57 -9.29
N VAL B 13 3.60 -11.65 -8.58
CA VAL B 13 3.36 -11.84 -7.16
C VAL B 13 1.86 -11.75 -6.88
N GLN B 14 1.48 -12.20 -5.69
CA GLN B 14 0.08 -12.18 -5.29
C GLN B 14 -0.05 -11.64 -3.87
N ALA B 15 -0.81 -10.55 -3.75
CA ALA B 15 -1.03 -9.94 -2.45
C ALA B 15 -1.85 -10.87 -1.57
N GLN B 16 -1.62 -10.76 -0.27
CA GLN B 16 -2.33 -11.60 0.69
C GLN B 16 -3.08 -10.71 1.69
N HIS B 17 -2.95 -9.41 1.51
CA HIS B 17 -3.61 -8.47 2.40
C HIS B 17 -4.08 -7.26 1.58
N ASP B 18 -4.90 -6.43 2.23
CA ASP B 18 -5.42 -5.24 1.59
C ASP B 18 -4.79 -4.00 2.22
N TYR B 19 -3.84 -3.43 1.50
CA TYR B 19 -3.15 -2.24 1.99
C TYR B 19 -3.42 -1.05 1.07
N THR B 20 -4.18 -0.10 1.60
CA THR B 20 -4.52 1.09 0.85
C THR B 20 -3.37 2.12 0.92
N ALA B 21 -2.77 2.36 -0.22
CA ALA B 21 -1.67 3.31 -0.31
C ALA B 21 -2.13 4.56 -1.06
N THR B 22 -2.11 5.68 -0.35
CA THR B 22 -2.52 6.94 -0.93
C THR B 22 -1.35 7.92 -0.95
N ASP B 23 -0.64 7.92 -2.08
CA ASP B 23 0.50 8.80 -2.25
C ASP B 23 0.55 9.29 -3.71
N THR B 24 1.62 10.01 -4.01
CA THR B 24 1.80 10.53 -5.35
C THR B 24 2.61 9.56 -6.21
N ASP B 25 2.84 8.38 -5.64
CA ASP B 25 3.60 7.35 -6.33
C ASP B 25 3.66 6.10 -5.46
N GLU B 26 2.49 5.57 -5.15
CA GLU B 26 2.40 4.38 -4.33
C GLU B 26 1.72 3.25 -5.11
N LEU B 27 1.75 2.07 -4.51
CA LEU B 27 1.14 0.89 -5.14
C LEU B 27 0.09 0.30 -4.20
N GLN B 28 -1.16 0.39 -4.62
CA GLN B 28 -2.26 -0.13 -3.82
C GLN B 28 -2.38 -1.64 -4.01
N LEU B 29 -2.54 -2.34 -2.89
CA LEU B 29 -2.67 -3.78 -2.92
C LEU B 29 -3.96 -4.20 -2.19
N LYS B 30 -4.64 -5.16 -2.77
CA LYS B 30 -5.88 -5.65 -2.20
C LYS B 30 -5.76 -7.16 -1.95
N ALA B 31 -6.00 -7.53 -0.70
CA ALA B 31 -5.92 -8.94 -0.32
C ALA B 31 -6.38 -9.81 -1.49
N GLY B 32 -5.40 -10.33 -2.22
CA GLY B 32 -5.69 -11.18 -3.36
C GLY B 32 -5.54 -10.40 -4.67
N ASP B 33 -4.43 -9.68 -4.77
CA ASP B 33 -4.17 -8.88 -5.95
C ASP B 33 -3.00 -9.52 -6.72
N VAL B 34 -2.80 -9.02 -7.93
CA VAL B 34 -1.73 -9.53 -8.78
C VAL B 34 -0.76 -8.38 -9.10
N VAL B 35 0.47 -8.54 -8.62
CA VAL B 35 1.49 -7.53 -8.85
C VAL B 35 2.74 -8.21 -9.42
N LEU B 36 3.38 -7.49 -10.33
CA LEU B 36 4.58 -8.01 -10.97
C LEU B 36 5.80 -7.24 -10.44
N VAL B 37 6.82 -8.00 -10.08
CA VAL B 37 8.05 -7.41 -9.56
C VAL B 37 8.93 -6.97 -10.73
N ILE B 38 9.09 -5.66 -10.85
CA ILE B 38 9.90 -5.09 -11.91
C ILE B 38 11.07 -4.31 -11.30
N PRO B 39 12.19 -4.26 -12.07
CA PRO B 39 13.37 -3.56 -11.62
C PRO B 39 13.18 -2.04 -11.72
N PHE B 40 13.22 -1.39 -10.57
CA PHE B 40 13.06 0.06 -10.52
C PHE B 40 14.11 0.75 -11.39
N GLN B 41 14.01 2.07 -11.44
CA GLN B 41 14.94 2.87 -12.22
C GLN B 41 16.16 3.23 -11.38
N ASN B 42 16.20 2.67 -10.17
CA ASN B 42 17.31 2.92 -9.27
C ASN B 42 16.97 2.34 -7.88
N PRO B 43 18.05 1.94 -7.16
CA PRO B 43 17.88 1.36 -5.83
C PRO B 43 17.55 2.44 -4.81
N GLU B 44 17.91 3.67 -5.16
CA GLU B 44 17.66 4.80 -4.28
C GLU B 44 16.16 5.12 -4.24
N GLU B 45 15.45 4.57 -5.20
CA GLU B 45 14.01 4.78 -5.29
C GLU B 45 13.26 3.63 -4.61
N GLN B 46 14.02 2.75 -3.99
CA GLN B 46 13.44 1.61 -3.31
C GLN B 46 13.36 1.90 -1.80
N ASP B 47 12.39 1.24 -1.16
CA ASP B 47 12.19 1.41 0.27
C ASP B 47 12.50 0.08 0.98
N GLU B 48 12.79 0.20 2.27
CA GLU B 48 13.10 -0.98 3.07
C GLU B 48 11.81 -1.76 3.39
N GLY B 49 11.71 -2.94 2.80
CA GLY B 49 10.55 -3.78 3.02
C GLY B 49 9.54 -3.61 1.89
N TRP B 50 9.85 -2.70 0.98
CA TRP B 50 8.99 -2.44 -0.15
C TRP B 50 9.85 -2.33 -1.41
N LEU B 51 9.32 -2.83 -2.50
CA LEU B 51 10.03 -2.79 -3.77
C LEU B 51 9.12 -2.20 -4.85
N MET B 52 9.71 -1.94 -6.01
CA MET B 52 8.97 -1.37 -7.12
C MET B 52 8.30 -2.48 -7.94
N GLY B 53 6.97 -2.48 -7.89
CA GLY B 53 6.20 -3.48 -8.63
C GLY B 53 5.04 -2.82 -9.38
N VAL B 54 4.32 -3.65 -10.14
CA VAL B 54 3.20 -3.16 -10.91
C VAL B 54 2.05 -4.17 -10.80
N LYS B 55 0.83 -3.64 -10.78
CA LYS B 55 -0.35 -4.47 -10.69
C LYS B 55 -0.65 -5.09 -12.06
N GLU B 56 -1.46 -6.13 -12.03
CA GLU B 56 -1.83 -6.81 -13.26
C GLU B 56 -2.53 -5.85 -14.22
N SER B 57 -3.45 -5.07 -13.67
CA SER B 57 -4.19 -4.10 -14.46
C SER B 57 -3.22 -3.13 -15.13
N ASP B 58 -2.25 -2.69 -14.35
CA ASP B 58 -1.24 -1.76 -14.86
C ASP B 58 -0.52 -2.39 -16.05
N TRP B 59 -0.38 -3.70 -15.98
CA TRP B 59 0.29 -4.45 -17.03
C TRP B 59 -0.36 -4.06 -18.38
N ASN B 60 -1.68 -4.06 -18.38
CA ASN B 60 -2.42 -3.71 -19.57
C ASN B 60 -2.21 -2.22 -19.88
N GLN B 61 -1.89 -1.48 -18.83
CA GLN B 61 -1.66 -0.04 -18.99
C GLN B 61 -0.23 0.22 -19.43
N HIS B 62 0.40 -0.84 -19.95
CA HIS B 62 1.78 -0.73 -20.42
C HIS B 62 1.94 0.56 -21.23
N LYS B 63 0.82 1.03 -21.77
CA LYS B 63 0.84 2.25 -22.57
C LYS B 63 1.42 3.39 -21.74
N LYS B 64 1.21 3.30 -20.44
CA LYS B 64 1.72 4.32 -19.53
C LYS B 64 2.23 3.66 -18.25
N LEU B 65 3.07 2.65 -18.45
CA LEU B 65 3.64 1.91 -17.33
C LEU B 65 4.48 2.87 -16.49
N GLU B 66 5.05 3.87 -17.15
CA GLU B 66 5.87 4.86 -16.47
C GLU B 66 5.09 5.52 -15.34
N LYS B 67 3.78 5.59 -15.54
CA LYS B 67 2.90 6.18 -14.55
C LYS B 67 2.19 5.09 -13.76
N CYS B 68 2.62 3.86 -14.00
CA CYS B 68 2.03 2.70 -13.32
C CYS B 68 2.99 2.27 -12.21
N ARG B 69 4.25 2.65 -12.37
CA ARG B 69 5.27 2.30 -11.39
C ARG B 69 4.81 2.69 -9.99
N GLY B 70 5.05 1.79 -9.05
CA GLY B 70 4.67 2.03 -7.67
C GLY B 70 5.52 1.20 -6.71
N VAL B 71 5.25 1.37 -5.42
CA VAL B 71 5.98 0.64 -4.39
C VAL B 71 4.99 -0.17 -3.55
N PHE B 72 5.43 -1.36 -3.15
CA PHE B 72 4.60 -2.23 -2.35
C PHE B 72 5.45 -3.08 -1.40
N PRO B 73 4.86 -3.40 -0.22
CA PRO B 73 5.56 -4.20 0.77
C PRO B 73 5.59 -5.67 0.36
N GLU B 74 6.80 -6.17 0.13
CA GLU B 74 6.98 -7.55 -0.28
C GLU B 74 6.63 -8.49 0.87
N ASN B 75 6.82 -7.99 2.08
CA ASN B 75 6.52 -8.76 3.28
C ASN B 75 5.01 -8.88 3.45
N PHE B 76 4.30 -8.16 2.60
CA PHE B 76 2.85 -8.17 2.64
C PHE B 76 2.27 -8.85 1.39
N THR B 77 3.15 -9.31 0.54
CA THR B 77 2.74 -9.98 -0.68
C THR B 77 3.43 -11.35 -0.79
N GLU B 78 2.99 -12.11 -1.80
CA GLU B 78 3.55 -13.43 -2.02
C GLU B 78 4.03 -13.56 -3.46
N ARG B 79 5.12 -14.29 -3.63
CA ARG B 79 5.69 -14.50 -4.94
C ARG B 79 4.96 -15.64 -5.67
N VAL B 80 4.69 -15.41 -6.95
CA VAL B 80 4.00 -16.40 -7.75
C VAL B 80 4.96 -16.94 -8.81
N PRO B 81 5.23 -18.27 -8.72
CA PRO B 81 6.12 -18.92 -9.66
C PRO B 81 5.44 -19.11 -11.02
N LEU A 1 0.44 -15.62 8.43
CA LEU A 1 0.40 -14.47 9.32
C LEU A 1 1.21 -13.33 8.69
N LEU A 2 0.53 -12.54 7.88
CA LEU A 2 1.17 -11.41 7.22
C LEU A 2 0.99 -10.16 8.08
N PRO A 3 2.15 -9.60 8.51
CA PRO A 3 2.14 -8.40 9.33
C PRO A 3 1.80 -7.16 8.50
N THR A 4 1.13 -6.22 9.13
CA THR A 4 0.74 -4.99 8.46
C THR A 4 1.97 -4.13 8.18
N PRO A 5 2.07 -3.69 6.89
CA PRO A 5 3.20 -2.86 6.47
C PRO A 5 3.05 -1.43 7.00
N PRO A 6 4.14 -0.64 6.82
CA PRO A 6 4.14 0.74 7.28
C PRO A 6 3.31 1.63 6.35
N LEU A 7 2.94 2.79 6.87
CA LEU A 7 2.14 3.74 6.09
C LEU A 7 2.91 4.12 4.83
N SER A 8 2.21 4.02 3.71
CA SER A 8 2.80 4.35 2.43
C SER A 8 2.51 5.81 2.08
N PRO A 9 3.36 6.38 1.18
CA PRO A 9 3.20 7.76 0.76
C PRO A 9 2.03 7.90 -0.21
N SER A 10 1.71 9.15 -0.52
CA SER A 10 0.62 9.44 -1.43
C SER A 10 1.02 9.10 -2.86
N ARG A 11 0.94 7.81 -3.17
CA ARG A 11 1.31 7.34 -4.50
C ARG A 11 0.16 7.61 -5.49
N ARG A 12 0.10 8.85 -5.95
CA ARG A 12 -0.93 9.24 -6.90
C ARG A 12 -0.30 9.71 -8.21
N SER A 13 -0.64 8.99 -9.28
CA SER A 13 -0.11 9.33 -10.59
C SER A 13 -1.25 9.77 -11.51
N GLY A 14 -0.99 10.86 -12.23
CA GLY A 14 -1.98 11.41 -13.14
C GLY A 14 -2.75 10.29 -13.84
N GLY B 1 -20.84 -5.59 -15.34
CA GLY B 1 -19.41 -5.32 -15.26
C GLY B 1 -18.87 -4.83 -16.61
N ARG B 2 -17.55 -4.72 -16.68
CA ARG B 2 -16.90 -4.27 -17.90
C ARG B 2 -17.06 -5.31 -19.00
N LEU B 3 -16.40 -5.05 -20.12
CA LEU B 3 -16.45 -5.96 -21.25
C LEU B 3 -15.04 -6.39 -21.63
N ASP B 4 -14.15 -5.41 -21.63
CA ASP B 4 -12.76 -5.66 -21.98
C ASP B 4 -11.91 -5.67 -20.70
N LEU B 5 -10.81 -6.41 -20.75
CA LEU B 5 -9.92 -6.51 -19.62
C LEU B 5 -8.87 -5.40 -19.70
N PRO B 6 -8.25 -5.11 -18.52
CA PRO B 6 -7.24 -4.07 -18.45
C PRO B 6 -5.92 -4.55 -19.06
N PRO B 7 -5.33 -3.67 -19.91
CA PRO B 7 -4.07 -3.99 -20.56
C PRO B 7 -2.90 -3.89 -19.59
N GLY B 8 -1.93 -4.78 -19.78
CA GLY B 8 -0.75 -4.80 -18.93
C GLY B 8 -1.00 -5.67 -17.68
N PHE B 9 -2.27 -5.87 -17.38
CA PHE B 9 -2.65 -6.67 -16.24
C PHE B 9 -1.70 -7.86 -16.06
N MET B 10 -1.56 -8.29 -14.81
CA MET B 10 -0.69 -9.40 -14.50
C MET B 10 -1.50 -10.62 -14.06
N PHE B 11 -2.06 -10.50 -12.86
CA PHE B 11 -2.86 -11.58 -12.30
C PHE B 11 -3.82 -11.06 -11.22
N LYS B 12 -4.59 -11.98 -10.66
CA LYS B 12 -5.54 -11.61 -9.63
C LYS B 12 -4.98 -12.00 -8.26
N VAL B 13 -5.28 -11.16 -7.27
CA VAL B 13 -4.80 -11.40 -5.92
C VAL B 13 -6.00 -11.48 -4.97
N GLN B 14 -5.74 -11.98 -3.78
CA GLN B 14 -6.78 -12.11 -2.78
C GLN B 14 -6.29 -11.59 -1.42
N ALA B 15 -6.97 -10.56 -0.93
CA ALA B 15 -6.61 -9.98 0.35
C ALA B 15 -6.87 -10.98 1.46
N GLN B 16 -5.97 -10.97 2.44
CA GLN B 16 -6.08 -11.88 3.57
C GLN B 16 -6.35 -11.09 4.86
N HIS B 17 -6.41 -9.77 4.71
CA HIS B 17 -6.65 -8.90 5.85
C HIS B 17 -7.49 -7.71 5.40
N ASP B 18 -7.96 -6.95 6.39
CA ASP B 18 -8.77 -5.77 6.10
C ASP B 18 -7.98 -4.52 6.45
N TYR B 19 -7.52 -3.83 5.41
CA TYR B 19 -6.75 -2.62 5.59
C TYR B 19 -7.49 -1.41 5.02
N THR B 20 -7.68 -0.41 5.88
CA THR B 20 -8.38 0.80 5.48
C THR B 20 -7.39 1.81 4.89
N ALA B 21 -7.55 2.07 3.60
CA ALA B 21 -6.68 3.01 2.92
C ALA B 21 -7.49 4.25 2.52
N THR B 22 -7.11 5.38 3.09
CA THR B 22 -7.78 6.64 2.80
C THR B 22 -6.81 7.65 2.20
N ASP B 23 -6.77 7.66 0.87
CA ASP B 23 -5.88 8.56 0.16
C ASP B 23 -6.59 9.07 -1.10
N THR B 24 -5.84 9.83 -1.89
CA THR B 24 -6.39 10.38 -3.12
C THR B 24 -6.14 9.42 -4.28
N ASP B 25 -5.52 8.30 -3.97
CA ASP B 25 -5.23 7.28 -4.96
C ASP B 25 -4.87 5.97 -4.26
N GLU B 26 -5.49 5.76 -3.12
CA GLU B 26 -5.25 4.54 -2.35
C GLU B 26 -6.25 3.46 -2.75
N LEU B 27 -5.96 2.25 -2.30
CA LEU B 27 -6.82 1.12 -2.60
C LEU B 27 -7.18 0.38 -1.30
N GLN B 28 -8.46 0.44 -0.96
CA GLN B 28 -8.94 -0.20 0.25
C GLN B 28 -9.07 -1.71 0.03
N LEU B 29 -8.69 -2.46 1.05
CA LEU B 29 -8.77 -3.91 0.98
C LEU B 29 -9.48 -4.44 2.22
N LYS B 30 -10.27 -5.48 2.01
CA LYS B 30 -11.01 -6.08 3.11
C LYS B 30 -10.73 -7.59 3.13
N ALA B 31 -10.28 -8.06 4.29
CA ALA B 31 -9.98 -9.47 4.45
C ALA B 31 -10.89 -10.30 3.55
N GLY B 32 -10.29 -10.85 2.51
CA GLY B 32 -11.03 -11.67 1.56
C GLY B 32 -11.51 -10.83 0.37
N ASP B 33 -10.62 -9.97 -0.10
CA ASP B 33 -10.94 -9.10 -1.22
C ASP B 33 -10.25 -9.62 -2.48
N VAL B 34 -10.70 -9.11 -3.62
CA VAL B 34 -10.13 -9.51 -4.90
C VAL B 34 -9.53 -8.30 -5.60
N VAL B 35 -8.22 -8.34 -5.77
CA VAL B 35 -7.52 -7.24 -6.43
C VAL B 35 -6.69 -7.80 -7.59
N LEU B 36 -6.63 -7.01 -8.65
CA LEU B 36 -5.89 -7.40 -9.84
C LEU B 36 -4.59 -6.60 -9.91
N VAL B 37 -3.50 -7.32 -10.14
CA VAL B 37 -2.20 -6.69 -10.24
C VAL B 37 -1.99 -6.15 -11.66
N ILE B 38 -1.98 -4.83 -11.77
CA ILE B 38 -1.80 -4.18 -13.05
C ILE B 38 -0.54 -3.33 -13.01
N PRO B 39 0.07 -3.13 -14.21
CA PRO B 39 1.28 -2.34 -14.33
C PRO B 39 0.96 -0.84 -14.20
N PHE B 40 1.51 -0.25 -13.15
CA PHE B 40 1.30 1.17 -12.90
C PHE B 40 1.75 2.01 -14.10
N GLN B 41 1.57 3.31 -13.98
CA GLN B 41 1.95 4.23 -15.03
C GLN B 41 3.36 4.79 -14.77
N ASN B 42 4.03 4.18 -13.81
CA ASN B 42 5.37 4.61 -13.46
C ASN B 42 5.79 3.93 -12.15
N PRO B 43 7.13 3.69 -12.03
CA PRO B 43 7.67 3.06 -10.84
C PRO B 43 7.69 4.05 -9.66
N GLU B 44 7.56 5.31 -9.99
CA GLU B 44 7.56 6.35 -8.97
C GLU B 44 6.25 6.34 -8.19
N GLU B 45 5.25 5.70 -8.77
CA GLU B 45 3.95 5.60 -8.13
C GLU B 45 3.87 4.32 -7.30
N GLN B 46 4.99 3.61 -7.25
CA GLN B 46 5.04 2.37 -6.48
C GLN B 46 5.70 2.62 -5.13
N ASP B 47 5.18 1.93 -4.12
CA ASP B 47 5.70 2.06 -2.77
C ASP B 47 6.20 0.70 -2.29
N GLU B 48 7.38 0.72 -1.68
CA GLU B 48 7.97 -0.50 -1.17
C GLU B 48 6.98 -1.25 -0.29
N GLY B 49 6.64 -2.45 -0.72
CA GLY B 49 5.69 -3.28 0.02
C GLY B 49 4.27 -3.11 -0.52
N TRP B 50 4.13 -2.18 -1.45
CA TRP B 50 2.83 -1.90 -2.05
C TRP B 50 3.04 -1.78 -3.56
N LEU B 51 1.95 -2.01 -4.29
CA LEU B 51 1.99 -1.92 -5.74
C LEU B 51 0.65 -1.38 -6.25
N MET B 52 0.61 -1.09 -7.55
CA MET B 52 -0.60 -0.58 -8.17
C MET B 52 -1.51 -1.72 -8.61
N GLY B 53 -2.65 -1.80 -7.94
CA GLY B 53 -3.63 -2.85 -8.25
C GLY B 53 -5.05 -2.28 -8.21
N VAL B 54 -5.97 -3.06 -8.75
CA VAL B 54 -7.37 -2.66 -8.79
C VAL B 54 -8.22 -3.78 -8.18
N LYS B 55 -9.28 -3.36 -7.50
CA LYS B 55 -10.19 -4.30 -6.86
C LYS B 55 -11.12 -4.89 -7.92
N GLU B 56 -11.74 -6.01 -7.56
CA GLU B 56 -12.66 -6.68 -8.46
C GLU B 56 -13.79 -5.74 -8.87
N SER B 57 -14.29 -5.01 -7.88
CA SER B 57 -15.38 -4.06 -8.12
C SER B 57 -14.91 -2.97 -9.07
N ASP B 58 -13.65 -2.59 -8.94
CA ASP B 58 -13.07 -1.56 -9.79
C ASP B 58 -13.01 -2.06 -11.23
N TRP B 59 -12.80 -3.37 -11.36
CA TRP B 59 -12.71 -3.98 -12.68
C TRP B 59 -13.97 -3.58 -13.46
N ASN B 60 -15.11 -3.73 -12.80
CA ASN B 60 -16.38 -3.39 -13.43
C ASN B 60 -16.34 -1.93 -13.90
N GLN B 61 -15.50 -1.15 -13.23
CA GLN B 61 -15.36 0.26 -13.55
C GLN B 61 -14.21 0.46 -14.54
N HIS B 62 -13.82 -0.64 -15.17
CA HIS B 62 -12.73 -0.60 -16.14
C HIS B 62 -12.92 0.61 -17.07
N LYS B 63 -14.17 1.05 -17.18
CA LYS B 63 -14.49 2.18 -18.03
C LYS B 63 -13.68 3.40 -17.58
N LYS B 64 -13.40 3.43 -16.28
CA LYS B 64 -12.64 4.53 -15.70
C LYS B 64 -11.64 3.98 -14.69
N LEU B 65 -10.87 3.00 -15.13
CA LEU B 65 -9.88 2.37 -14.27
C LEU B 65 -8.84 3.42 -13.86
N GLU B 66 -8.63 4.38 -14.76
CA GLU B 66 -7.67 5.43 -14.51
C GLU B 66 -7.98 6.13 -13.18
N LYS B 67 -9.27 6.22 -12.89
CA LYS B 67 -9.71 6.86 -11.66
C LYS B 67 -10.08 5.78 -10.63
N CYS B 68 -9.77 4.54 -10.99
CA CYS B 68 -10.07 3.41 -10.11
C CYS B 68 -8.74 2.86 -9.59
N ARG B 69 -7.67 3.20 -10.30
CA ARG B 69 -6.34 2.74 -9.92
C ARG B 69 -6.02 3.19 -8.49
N GLY B 70 -5.18 2.39 -7.83
CA GLY B 70 -4.78 2.69 -6.47
C GLY B 70 -3.57 1.87 -6.07
N VAL B 71 -3.15 2.06 -4.82
CA VAL B 71 -1.99 1.33 -4.30
C VAL B 71 -2.44 0.48 -3.10
N PHE B 72 -1.84 -0.71 -3.01
CA PHE B 72 -2.15 -1.62 -1.93
C PHE B 72 -0.93 -2.42 -1.51
N PRO B 73 -0.90 -2.78 -0.20
CA PRO B 73 0.22 -3.56 0.33
C PRO B 73 0.14 -5.01 -0.10
N GLU B 74 1.08 -5.40 -0.97
CA GLU B 74 1.12 -6.76 -1.47
C GLU B 74 1.50 -7.73 -0.36
N ASN B 75 2.22 -7.20 0.62
CA ASN B 75 2.66 -8.00 1.75
C ASN B 75 1.46 -8.29 2.66
N PHE B 76 0.33 -7.68 2.31
CA PHE B 76 -0.89 -7.86 3.08
C PHE B 76 -1.95 -8.61 2.26
N THR B 77 -1.55 -9.01 1.06
CA THR B 77 -2.45 -9.72 0.18
C THR B 77 -1.79 -11.01 -0.33
N GLU B 78 -2.58 -11.79 -1.06
CA GLU B 78 -2.09 -13.05 -1.60
C GLU B 78 -2.33 -13.09 -3.12
N ARG B 79 -1.37 -13.70 -3.80
CA ARG B 79 -1.45 -13.82 -5.25
C ARG B 79 -2.35 -15.00 -5.64
N VAL B 80 -3.26 -14.73 -6.55
CA VAL B 80 -4.19 -15.76 -7.01
C VAL B 80 -3.91 -16.06 -8.49
N PRO B 81 -3.80 -17.38 -8.79
CA PRO B 81 -3.54 -17.82 -10.16
C PRO B 81 -4.79 -17.68 -11.02
N LEU A 1 0.44 -15.62 8.43
CA LEU A 1 0.40 -14.47 9.32
C LEU A 1 1.75 -13.75 9.27
N LEU A 2 1.70 -12.48 8.93
CA LEU A 2 2.91 -11.67 8.84
C LEU A 2 3.34 -11.27 10.25
N PRO A 3 4.58 -11.70 10.61
CA PRO A 3 5.13 -11.40 11.92
C PRO A 3 5.58 -9.93 12.00
N THR A 4 5.16 -9.28 13.07
CA THR A 4 5.51 -7.88 13.27
C THR A 4 7.00 -7.74 13.55
N PRO A 5 7.63 -6.75 12.85
CA PRO A 5 9.05 -6.50 13.01
C PRO A 5 9.33 -5.79 14.33
N PRO A 6 10.65 -5.68 14.66
CA PRO A 6 11.06 -5.02 15.90
C PRO A 6 10.93 -3.50 15.77
N LEU A 7 10.90 -2.85 16.93
CA LEU A 7 10.78 -1.40 16.97
C LEU A 7 11.95 -0.77 16.21
N SER A 8 11.61 0.14 15.31
CA SER A 8 12.62 0.82 14.51
C SER A 8 13.02 2.13 15.20
N PRO A 9 14.23 2.62 14.82
CA PRO A 9 14.75 3.86 15.38
C PRO A 9 14.03 5.07 14.78
N SER A 10 14.32 6.23 15.36
CA SER A 10 13.71 7.46 14.90
C SER A 10 14.31 7.87 13.54
N ARG A 11 13.80 7.24 12.50
CA ARG A 11 14.28 7.52 11.15
C ARG A 11 13.63 8.81 10.63
N ARG A 12 14.23 9.93 11.01
CA ARG A 12 13.72 11.23 10.59
C ARG A 12 14.27 11.58 9.21
N SER A 13 13.35 11.69 8.25
CA SER A 13 13.73 12.02 6.89
C SER A 13 13.65 13.53 6.68
N GLY A 14 12.44 14.05 6.85
CA GLY A 14 12.21 15.47 6.68
C GLY A 14 13.11 16.30 7.61
N GLY B 1 -7.69 16.75 -3.40
CA GLY B 1 -6.51 15.90 -3.46
C GLY B 1 -5.46 16.49 -4.40
N ARG B 2 -4.45 15.69 -4.66
CA ARG B 2 -3.36 16.11 -5.54
C ARG B 2 -3.45 15.35 -6.88
N LEU B 3 -3.18 16.09 -7.95
CA LEU B 3 -3.22 15.50 -9.27
C LEU B 3 -1.80 15.08 -9.68
N ASP B 4 -0.83 15.87 -9.24
CA ASP B 4 0.56 15.59 -9.55
C ASP B 4 1.02 14.38 -8.72
N LEU B 5 2.04 13.71 -9.25
CA LEU B 5 2.58 12.54 -8.58
C LEU B 5 3.90 12.91 -7.90
N PRO B 6 4.28 12.10 -6.88
CA PRO B 6 5.51 12.34 -6.14
C PRO B 6 6.73 11.92 -6.97
N PRO B 7 7.76 12.80 -6.95
CA PRO B 7 8.98 12.54 -7.69
C PRO B 7 9.83 11.49 -6.99
N GLY B 8 10.35 10.56 -7.78
CA GLY B 8 11.19 9.49 -7.24
C GLY B 8 10.34 8.27 -6.88
N PHE B 9 9.05 8.51 -6.69
CA PHE B 9 8.13 7.45 -6.33
C PHE B 9 8.49 6.16 -7.07
N MET B 10 8.23 5.04 -6.41
CA MET B 10 8.52 3.74 -7.00
C MET B 10 7.22 3.02 -7.39
N PHE B 11 6.48 2.63 -6.37
CA PHE B 11 5.22 1.93 -6.59
C PHE B 11 4.29 2.09 -5.39
N LYS B 12 3.11 1.49 -5.51
CA LYS B 12 2.12 1.55 -4.45
C LYS B 12 2.09 0.22 -3.71
N VAL B 13 1.81 0.30 -2.41
CA VAL B 13 1.75 -0.89 -1.59
C VAL B 13 0.46 -0.86 -0.75
N GLN B 14 0.16 -2.00 -0.15
CA GLN B 14 -1.04 -2.12 0.67
C GLN B 14 -0.70 -2.80 2.00
N ALA B 15 -1.12 -2.17 3.08
CA ALA B 15 -0.88 -2.71 4.41
C ALA B 15 -1.79 -3.92 4.64
N GLN B 16 -1.24 -4.90 5.34
CA GLN B 16 -1.98 -6.11 5.64
C GLN B 16 -2.26 -6.21 7.14
N HIS B 17 -1.72 -5.24 7.87
CA HIS B 17 -1.90 -5.22 9.32
C HIS B 17 -2.05 -3.77 9.78
N ASP B 18 -2.42 -3.62 11.04
CA ASP B 18 -2.60 -2.29 11.63
C ASP B 18 -1.50 -2.04 12.66
N TYR B 19 -0.52 -1.26 12.24
CA TYR B 19 0.60 -0.93 13.11
C TYR B 19 0.63 0.57 13.42
N THR B 20 0.42 0.88 14.70
CA THR B 20 0.42 2.27 15.14
C THR B 20 1.85 2.75 15.35
N ALA B 21 2.24 3.71 14.51
CA ALA B 21 3.57 4.28 14.59
C ALA B 21 3.48 5.73 15.03
N THR B 22 4.04 6.00 16.21
CA THR B 22 4.03 7.34 16.75
C THR B 22 5.46 7.85 16.97
N ASP B 23 5.96 8.55 15.95
CA ASP B 23 7.31 9.09 16.03
C ASP B 23 7.32 10.47 15.37
N THR B 24 8.52 11.04 15.27
CA THR B 24 8.69 12.35 14.68
C THR B 24 8.67 12.25 13.15
N ASP B 25 8.78 11.02 12.67
CA ASP B 25 8.78 10.78 11.24
C ASP B 25 8.32 9.34 10.97
N GLU B 26 7.31 8.93 11.72
CA GLU B 26 6.77 7.59 11.57
C GLU B 26 5.58 7.60 10.60
N LEU B 27 5.23 6.41 10.12
CA LEU B 27 4.13 6.27 9.19
C LEU B 27 3.14 5.25 9.74
N GLN B 28 1.96 5.73 10.11
CA GLN B 28 0.92 4.87 10.64
C GLN B 28 0.27 4.07 9.52
N LEU B 29 0.05 2.79 9.79
CA LEU B 29 -0.57 1.91 8.82
C LEU B 29 -1.74 1.17 9.48
N LYS B 30 -2.75 0.90 8.66
CA LYS B 30 -3.93 0.20 9.14
C LYS B 30 -4.22 -1.00 8.25
N ALA B 31 -4.42 -2.14 8.88
CA ALA B 31 -4.70 -3.36 8.15
C ALA B 31 -5.59 -3.05 6.95
N GLY B 32 -4.94 -2.93 5.80
CA GLY B 32 -5.65 -2.63 4.56
C GLY B 32 -5.54 -1.14 4.22
N ASP B 33 -4.32 -0.65 4.25
CA ASP B 33 -4.07 0.76 3.94
C ASP B 33 -3.34 0.85 2.60
N VAL B 34 -3.19 2.08 2.14
CA VAL B 34 -2.51 2.34 0.88
C VAL B 34 -1.30 3.24 1.11
N VAL B 35 -0.16 2.75 0.65
CA VAL B 35 1.09 3.49 0.80
C VAL B 35 1.87 3.46 -0.51
N LEU B 36 2.60 4.54 -0.75
CA LEU B 36 3.39 4.64 -1.97
C LEU B 36 4.88 4.61 -1.62
N VAL B 37 5.57 3.65 -2.19
CA VAL B 37 7.00 3.50 -1.94
C VAL B 37 7.76 4.62 -2.66
N ILE B 38 8.32 5.52 -1.86
CA ILE B 38 9.07 6.63 -2.40
C ILE B 38 10.51 6.57 -1.89
N PRO B 39 11.43 7.16 -2.70
CA PRO B 39 12.84 7.17 -2.34
C PRO B 39 13.12 8.20 -1.23
N PHE B 40 13.55 7.68 -0.08
CA PHE B 40 13.83 8.53 1.06
C PHE B 40 14.84 9.62 0.67
N GLN B 41 15.12 10.48 1.64
CA GLN B 41 16.07 11.56 1.43
C GLN B 41 17.50 11.10 1.72
N ASN B 42 17.60 9.86 2.18
CA ASN B 42 18.90 9.28 2.49
C ASN B 42 18.71 7.85 2.99
N PRO B 43 19.82 7.07 2.96
CA PRO B 43 19.78 5.69 3.40
C PRO B 43 19.74 5.61 4.92
N GLU B 44 20.08 6.72 5.55
CA GLU B 44 20.08 6.79 7.01
C GLU B 44 18.65 6.88 7.54
N GLU B 45 17.74 7.26 6.64
CA GLU B 45 16.35 7.40 7.01
C GLU B 45 15.63 6.05 6.86
N GLN B 46 16.38 5.07 6.38
CA GLN B 46 15.83 3.74 6.18
C GLN B 46 16.23 2.82 7.34
N ASP B 47 15.31 1.95 7.70
CA ASP B 47 15.55 1.01 8.80
C ASP B 47 15.38 -0.42 8.28
N GLU B 48 16.24 -1.30 8.76
CA GLU B 48 16.20 -2.69 8.36
C GLU B 48 14.80 -3.27 8.60
N GLY B 49 14.14 -3.62 7.51
CA GLY B 49 12.80 -4.18 7.59
C GLY B 49 11.74 -3.09 7.37
N TRP B 50 12.21 -1.86 7.26
CA TRP B 50 11.32 -0.73 7.05
C TRP B 50 11.92 0.15 5.96
N LEU B 51 11.07 0.97 5.37
CA LEU B 51 11.51 1.87 4.31
C LEU B 51 10.67 3.15 4.37
N MET B 52 11.09 4.13 3.58
CA MET B 52 10.39 5.40 3.52
C MET B 52 9.25 5.36 2.50
N GLY B 53 8.03 5.45 3.02
CA GLY B 53 6.86 5.42 2.17
C GLY B 53 5.86 6.48 2.59
N VAL B 54 4.90 6.75 1.70
CA VAL B 54 3.87 7.73 1.97
C VAL B 54 2.49 7.09 1.80
N LYS B 55 1.58 7.51 2.66
CA LYS B 55 0.22 6.99 2.62
C LYS B 55 -0.56 7.71 1.52
N GLU B 56 -1.67 7.10 1.13
CA GLU B 56 -2.51 7.66 0.09
C GLU B 56 -3.00 9.06 0.50
N SER B 57 -3.32 9.17 1.78
CA SER B 57 -3.80 10.44 2.31
C SER B 57 -2.70 11.51 2.19
N ASP B 58 -1.49 11.12 2.56
CA ASP B 58 -0.36 12.02 2.50
C ASP B 58 -0.16 12.47 1.05
N TRP B 59 -0.50 11.59 0.13
CA TRP B 59 -0.37 11.88 -1.29
C TRP B 59 -1.07 13.22 -1.55
N ASN B 60 -2.28 13.33 -1.04
CA ASN B 60 -3.08 14.54 -1.22
C ASN B 60 -2.41 15.68 -0.46
N GLN B 61 -1.65 15.31 0.56
CA GLN B 61 -0.95 16.30 1.37
C GLN B 61 0.35 16.73 0.70
N HIS B 62 0.44 16.44 -0.60
CA HIS B 62 1.61 16.79 -1.37
C HIS B 62 2.04 18.22 -1.04
N LYS B 63 1.06 19.00 -0.57
CA LYS B 63 1.32 20.39 -0.22
C LYS B 63 2.44 20.44 0.82
N LYS B 64 2.53 19.39 1.61
CA LYS B 64 3.55 19.31 2.65
C LYS B 64 4.04 17.87 2.76
N LEU B 65 4.43 17.32 1.62
CA LEU B 65 4.93 15.96 1.57
C LEU B 65 6.19 15.85 2.43
N GLU B 66 6.93 16.94 2.50
CA GLU B 66 8.15 16.97 3.29
C GLU B 66 7.84 16.67 4.76
N LYS B 67 6.56 16.79 5.10
CA LYS B 67 6.12 16.53 6.46
C LYS B 67 5.18 15.32 6.47
N CYS B 68 5.08 14.68 5.31
CA CYS B 68 4.23 13.53 5.16
C CYS B 68 5.10 12.27 5.15
N ARG B 69 6.33 12.44 4.68
CA ARG B 69 7.27 11.34 4.61
C ARG B 69 7.36 10.63 5.97
N GLY B 70 7.49 9.32 5.90
CA GLY B 70 7.58 8.52 7.11
C GLY B 70 8.24 7.17 6.82
N VAL B 71 8.31 6.34 7.86
CA VAL B 71 8.91 5.03 7.74
C VAL B 71 7.88 3.96 8.12
N PHE B 72 7.92 2.86 7.40
CA PHE B 72 7.00 1.76 7.67
C PHE B 72 7.65 0.41 7.36
N PRO B 73 7.20 -0.63 8.12
CA PRO B 73 7.74 -1.96 7.94
C PRO B 73 7.17 -2.61 6.66
N GLU B 74 8.07 -2.87 5.73
CA GLU B 74 7.69 -3.48 4.46
C GLU B 74 7.25 -4.92 4.69
N ASN B 75 7.84 -5.54 5.70
CA ASN B 75 7.52 -6.92 6.04
C ASN B 75 6.11 -6.98 6.65
N PHE B 76 5.55 -5.81 6.87
CA PHE B 76 4.22 -5.71 7.45
C PHE B 76 3.21 -5.18 6.42
N THR B 77 3.70 -4.96 5.21
CA THR B 77 2.87 -4.46 4.13
C THR B 77 2.98 -5.36 2.91
N GLU B 78 2.21 -5.02 1.88
CA GLU B 78 2.22 -5.79 0.65
C GLU B 78 2.38 -4.85 -0.55
N ARG B 79 3.17 -5.32 -1.51
CA ARG B 79 3.42 -4.54 -2.71
C ARG B 79 2.26 -4.68 -3.68
N VAL B 80 1.87 -3.56 -4.26
CA VAL B 80 0.77 -3.54 -5.22
C VAL B 80 1.33 -3.38 -6.63
N PRO B 81 1.10 -4.44 -7.46
CA PRO B 81 1.57 -4.43 -8.83
C PRO B 81 0.71 -3.52 -9.71
N LEU A 1 0.44 -15.62 8.43
CA LEU A 1 0.40 -14.47 9.32
C LEU A 1 1.44 -13.45 8.86
N LEU A 2 1.01 -12.56 7.98
CA LEU A 2 1.90 -11.53 7.46
C LEU A 2 1.49 -10.18 8.05
N PRO A 3 2.43 -9.58 8.83
CA PRO A 3 2.19 -8.29 9.45
C PRO A 3 2.27 -7.16 8.43
N THR A 4 1.29 -6.27 8.48
CA THR A 4 1.25 -5.14 7.57
C THR A 4 2.42 -4.20 7.83
N PRO A 5 3.10 -3.80 6.73
CA PRO A 5 4.24 -2.89 6.82
C PRO A 5 3.78 -1.46 7.10
N PRO A 6 4.78 -0.59 7.40
CA PRO A 6 4.48 0.81 7.68
C PRO A 6 4.17 1.57 6.40
N LEU A 7 3.54 2.73 6.58
CA LEU A 7 3.18 3.57 5.45
C LEU A 7 4.44 3.94 4.66
N SER A 8 4.36 3.74 3.35
CA SER A 8 5.49 4.05 2.49
C SER A 8 5.37 5.48 1.98
N PRO A 9 6.53 6.04 1.55
CA PRO A 9 6.59 7.40 1.04
C PRO A 9 5.99 7.47 -0.37
N SER A 10 5.88 8.71 -0.86
CA SER A 10 5.33 8.93 -2.18
C SER A 10 6.31 8.44 -3.25
N ARG A 11 6.28 7.13 -3.48
CA ARG A 11 7.16 6.52 -4.46
C ARG A 11 6.61 6.75 -5.87
N ARG A 12 7.00 7.89 -6.44
CA ARG A 12 6.57 8.24 -7.78
C ARG A 12 7.47 7.58 -8.82
N SER A 13 6.89 6.64 -9.54
CA SER A 13 7.64 5.92 -10.58
C SER A 13 7.85 6.84 -11.79
N GLY A 14 6.75 7.25 -12.38
CA GLY A 14 6.80 8.12 -13.55
C GLY A 14 5.58 7.92 -14.44
N GLY B 1 -4.29 -8.93 -24.28
CA GLY B 1 -3.15 -8.61 -23.44
C GLY B 1 -1.98 -8.08 -24.27
N ARG B 2 -0.85 -7.92 -23.60
CA ARG B 2 0.34 -7.42 -24.27
C ARG B 2 0.84 -8.43 -25.30
N LEU B 3 1.99 -8.12 -25.89
CA LEU B 3 2.57 -8.99 -26.90
C LEU B 3 3.97 -9.42 -26.45
N ASP B 4 4.69 -8.46 -25.86
CA ASP B 4 6.03 -8.73 -25.38
C ASP B 4 6.06 -8.59 -23.85
N LEU B 5 7.01 -9.28 -23.25
CA LEU B 5 7.16 -9.24 -21.80
C LEU B 5 8.00 -8.03 -21.41
N PRO B 6 7.86 -7.62 -20.12
CA PRO B 6 8.61 -6.49 -19.61
C PRO B 6 10.08 -6.86 -19.37
N PRO B 7 10.97 -5.95 -19.84
CA PRO B 7 12.41 -6.17 -19.69
C PRO B 7 12.85 -5.91 -18.24
N GLY B 8 13.75 -6.76 -17.79
CA GLY B 8 14.27 -6.64 -16.43
C GLY B 8 13.43 -7.47 -15.45
N PHE B 9 12.20 -7.75 -15.86
CA PHE B 9 11.30 -8.53 -15.03
C PHE B 9 12.05 -9.63 -14.27
N MET B 10 11.51 -9.98 -13.12
CA MET B 10 12.12 -11.02 -12.30
C MET B 10 11.24 -12.27 -12.24
N PHE B 11 10.10 -12.14 -11.59
CA PHE B 11 9.17 -13.24 -11.45
C PHE B 11 7.77 -12.74 -11.10
N LYS B 12 6.83 -13.67 -11.08
CA LYS B 12 5.45 -13.34 -10.75
C LYS B 12 5.20 -13.63 -9.28
N VAL B 13 4.53 -12.69 -8.63
CA VAL B 13 4.21 -12.83 -7.22
C VAL B 13 2.69 -12.77 -7.03
N GLN B 14 2.27 -13.15 -5.83
CA GLN B 14 0.85 -13.14 -5.51
C GLN B 14 0.62 -12.53 -4.13
N ALA B 15 -0.39 -11.66 -4.07
CA ALA B 15 -0.72 -10.99 -2.83
C ALA B 15 -1.51 -11.95 -1.94
N GLN B 16 -1.44 -11.70 -0.64
CA GLN B 16 -2.15 -12.53 0.32
C GLN B 16 -3.10 -11.68 1.15
N HIS B 17 -3.12 -10.39 0.85
CA HIS B 17 -3.98 -9.46 1.57
C HIS B 17 -4.47 -8.38 0.60
N ASP B 18 -5.44 -7.61 1.07
CA ASP B 18 -6.00 -6.54 0.27
C ASP B 18 -5.54 -5.19 0.82
N TYR B 19 -4.61 -4.58 0.10
CA TYR B 19 -4.08 -3.29 0.51
C TYR B 19 -4.42 -2.21 -0.52
N THR B 20 -5.27 -1.29 -0.10
CA THR B 20 -5.69 -0.20 -0.96
C THR B 20 -4.61 0.87 -1.02
N ALA B 21 -4.03 1.01 -2.21
CA ALA B 21 -2.98 2.00 -2.42
C ALA B 21 -3.50 3.09 -3.36
N THR B 22 -3.55 4.30 -2.82
CA THR B 22 -4.02 5.44 -3.60
C THR B 22 -2.92 6.49 -3.72
N ASP B 23 -2.17 6.41 -4.81
CA ASP B 23 -1.09 7.34 -5.06
C ASP B 23 -1.04 7.68 -6.54
N THR B 24 -0.03 8.46 -6.91
CA THR B 24 0.14 8.86 -8.30
C THR B 24 0.94 7.81 -9.07
N ASP B 25 1.40 6.81 -8.34
CA ASP B 25 2.18 5.73 -8.94
C ASP B 25 2.24 4.55 -7.97
N GLU B 26 1.10 4.29 -7.33
CA GLU B 26 1.01 3.19 -6.38
C GLU B 26 0.50 1.92 -7.09
N LEU B 27 0.57 0.82 -6.36
CA LEU B 27 0.13 -0.46 -6.90
C LEU B 27 -0.87 -1.10 -5.93
N GLN B 28 -2.11 -1.18 -6.38
CA GLN B 28 -3.16 -1.76 -5.56
C GLN B 28 -3.05 -3.29 -5.57
N LEU B 29 -3.29 -3.88 -4.41
CA LEU B 29 -3.22 -5.32 -4.26
C LEU B 29 -4.49 -5.83 -3.57
N LYS B 30 -4.92 -7.01 -3.97
CA LYS B 30 -6.12 -7.60 -3.40
C LYS B 30 -5.80 -9.04 -2.97
N ALA B 31 -6.16 -9.35 -1.73
CA ALA B 31 -5.92 -10.67 -1.20
C ALA B 31 -6.15 -11.72 -2.30
N GLY B 32 -5.03 -12.15 -2.87
CA GLY B 32 -5.08 -13.14 -3.95
C GLY B 32 -4.93 -12.48 -5.31
N ASP B 33 -4.00 -11.54 -5.38
CA ASP B 33 -3.74 -10.83 -6.62
C ASP B 33 -2.42 -11.31 -7.22
N VAL B 34 -2.19 -10.91 -8.45
CA VAL B 34 -0.97 -11.29 -9.15
C VAL B 34 -0.16 -10.03 -9.47
N VAL B 35 1.09 -10.07 -9.06
CA VAL B 35 2.00 -8.95 -9.31
C VAL B 35 3.35 -9.47 -9.76
N LEU B 36 3.89 -8.82 -10.78
CA LEU B 36 5.19 -9.21 -11.31
C LEU B 36 6.28 -8.29 -10.73
N VAL B 37 7.35 -8.92 -10.27
CA VAL B 37 8.45 -8.18 -9.70
C VAL B 37 9.39 -7.72 -10.82
N ILE B 38 9.38 -6.41 -11.04
CA ILE B 38 10.22 -5.82 -12.08
C ILE B 38 11.24 -4.89 -11.43
N PRO B 39 12.39 -4.71 -12.14
CA PRO B 39 13.45 -3.85 -11.65
C PRO B 39 13.08 -2.38 -11.81
N PHE B 40 12.96 -1.70 -10.69
CA PHE B 40 12.61 -0.28 -10.69
C PHE B 40 13.61 0.52 -11.51
N GLN B 41 13.38 1.83 -11.55
CA GLN B 41 14.25 2.72 -12.29
C GLN B 41 15.47 3.11 -11.44
N ASN B 42 15.31 2.99 -10.14
CA ASN B 42 16.38 3.32 -9.22
C ASN B 42 16.07 2.69 -7.85
N PRO B 43 17.16 2.30 -7.14
CA PRO B 43 17.03 1.70 -5.82
C PRO B 43 16.67 2.75 -4.77
N GLU B 44 16.99 4.00 -5.09
CA GLU B 44 16.72 5.09 -4.19
C GLU B 44 15.22 5.37 -4.11
N GLU B 45 14.52 4.90 -5.15
CA GLU B 45 13.08 5.08 -5.21
C GLU B 45 12.36 3.96 -4.44
N GLN B 46 13.02 2.81 -4.42
CA GLN B 46 12.46 1.66 -3.73
C GLN B 46 12.28 1.96 -2.25
N ASP B 47 11.11 1.60 -1.74
CA ASP B 47 10.79 1.82 -0.34
C ASP B 47 11.15 0.57 0.47
N GLU B 48 11.46 0.81 1.74
CA GLU B 48 11.83 -0.29 2.63
C GLU B 48 10.61 -1.15 2.94
N GLY B 49 10.64 -2.38 2.44
CA GLY B 49 9.54 -3.31 2.65
C GLY B 49 8.58 -3.30 1.46
N TRP B 50 8.88 -2.45 0.50
CA TRP B 50 8.05 -2.34 -0.70
C TRP B 50 8.98 -2.26 -1.91
N LEU B 51 8.57 -2.94 -2.98
CA LEU B 51 9.36 -2.95 -4.20
C LEU B 51 8.45 -2.54 -5.37
N MET B 52 9.09 -2.31 -6.51
CA MET B 52 8.37 -1.92 -7.70
C MET B 52 7.89 -3.15 -8.48
N GLY B 53 6.58 -3.32 -8.52
CA GLY B 53 6.00 -4.45 -9.22
C GLY B 53 4.80 -4.00 -10.06
N VAL B 54 4.31 -4.93 -10.88
CA VAL B 54 3.17 -4.64 -11.74
C VAL B 54 2.15 -5.77 -11.62
N LYS B 55 0.89 -5.38 -11.65
CA LYS B 55 -0.19 -6.35 -11.54
C LYS B 55 -0.36 -7.07 -12.88
N GLU B 56 -1.01 -8.23 -12.82
CA GLU B 56 -1.25 -9.02 -14.01
C GLU B 56 -2.04 -8.21 -15.05
N SER B 57 -3.00 -7.45 -14.54
CA SER B 57 -3.83 -6.62 -15.40
C SER B 57 -2.97 -5.54 -16.06
N ASP B 58 -2.04 -5.02 -15.29
CA ASP B 58 -1.15 -3.98 -15.77
C ASP B 58 -0.25 -4.56 -16.87
N TRP B 59 0.08 -5.83 -16.71
CA TRP B 59 0.93 -6.51 -17.67
C TRP B 59 0.35 -6.28 -19.07
N ASN B 60 -0.95 -6.49 -19.17
CA ASN B 60 -1.64 -6.30 -20.44
C ASN B 60 -1.42 -4.88 -20.94
N GLN B 61 -1.16 -3.99 -19.99
CA GLN B 61 -0.92 -2.60 -20.32
C GLN B 61 0.58 -2.34 -20.52
N HIS B 62 1.30 -3.43 -20.71
CA HIS B 62 2.74 -3.34 -20.92
C HIS B 62 3.05 -2.21 -21.92
N LYS B 63 2.05 -1.91 -22.73
CA LYS B 63 2.20 -0.85 -23.73
C LYS B 63 2.57 0.45 -23.04
N LYS B 64 2.10 0.59 -21.80
CA LYS B 64 2.37 1.78 -21.02
C LYS B 64 2.76 1.39 -19.60
N LEU B 65 3.69 0.44 -19.51
CA LEU B 65 4.14 -0.04 -18.22
C LEU B 65 4.73 1.13 -17.42
N GLU B 66 5.30 2.07 -18.16
CA GLU B 66 5.91 3.23 -17.53
C GLU B 66 4.88 3.98 -16.68
N LYS B 67 3.64 3.91 -17.12
CA LYS B 67 2.55 4.56 -16.41
C LYS B 67 1.71 3.50 -15.69
N CYS B 68 2.22 2.28 -15.70
CA CYS B 68 1.53 1.17 -15.06
C CYS B 68 2.34 0.76 -13.83
N ARG B 69 3.60 1.16 -13.83
CA ARG B 69 4.49 0.83 -12.72
C ARG B 69 3.89 1.31 -11.39
N GLY B 70 4.29 0.64 -10.32
CA GLY B 70 3.79 0.98 -9.00
C GLY B 70 4.68 0.36 -7.91
N VAL B 71 4.28 0.59 -6.67
CA VAL B 71 5.02 0.07 -5.53
C VAL B 71 4.06 -0.69 -4.61
N PHE B 72 4.57 -1.78 -4.05
CA PHE B 72 3.77 -2.59 -3.14
C PHE B 72 4.65 -3.29 -2.11
N PRO B 73 4.04 -3.58 -0.94
CA PRO B 73 4.76 -4.25 0.14
C PRO B 73 4.96 -5.73 -0.17
N GLU B 74 6.21 -6.11 -0.33
CA GLU B 74 6.55 -7.49 -0.63
C GLU B 74 6.27 -8.38 0.59
N ASN B 75 6.39 -7.79 1.76
CA ASN B 75 6.15 -8.51 3.00
C ASN B 75 4.66 -8.86 3.09
N PHE B 76 3.87 -8.15 2.30
CA PHE B 76 2.43 -8.37 2.29
C PHE B 76 2.02 -9.24 1.09
N THR B 77 3.03 -9.67 0.34
CA THR B 77 2.79 -10.50 -0.82
C THR B 77 3.72 -11.71 -0.81
N GLU B 78 3.52 -12.59 -1.80
CA GLU B 78 4.33 -13.78 -1.92
C GLU B 78 4.69 -14.04 -3.38
N ARG B 79 5.97 -14.22 -3.62
CA ARG B 79 6.46 -14.47 -4.97
C ARG B 79 6.15 -15.92 -5.38
N VAL B 80 5.79 -16.08 -6.64
CA VAL B 80 5.47 -17.39 -7.18
C VAL B 80 6.68 -17.94 -7.93
N PRO B 81 7.14 -19.13 -7.47
CA PRO B 81 8.29 -19.77 -8.09
C PRO B 81 7.91 -20.40 -9.44
N LEU A 1 0.44 -15.62 8.43
CA LEU A 1 0.40 -14.47 9.32
C LEU A 1 1.79 -13.83 9.37
N LEU A 2 2.09 -13.06 8.34
CA LEU A 2 3.38 -12.38 8.26
C LEU A 2 3.16 -10.86 8.20
N PRO A 3 2.96 -10.26 9.40
CA PRO A 3 2.73 -8.82 9.48
C PRO A 3 4.03 -8.05 9.26
N THR A 4 3.93 -6.97 8.50
CA THR A 4 5.07 -6.15 8.20
C THR A 4 5.58 -5.47 9.47
N PRO A 5 6.92 -5.59 9.71
CA PRO A 5 7.54 -5.00 10.88
C PRO A 5 7.67 -3.48 10.72
N PRO A 6 8.05 -2.82 11.84
CA PRO A 6 8.22 -1.37 11.83
C PRO A 6 9.52 -0.98 11.11
N LEU A 7 9.59 0.29 10.74
CA LEU A 7 10.76 0.81 10.05
C LEU A 7 11.99 0.59 10.93
N SER A 8 13.01 -0.01 10.33
CA SER A 8 14.24 -0.28 11.04
C SER A 8 15.24 0.86 10.81
N PRO A 9 16.22 0.97 11.75
CA PRO A 9 17.23 2.00 11.65
C PRO A 9 18.26 1.67 10.57
N SER A 10 19.13 2.62 10.30
CA SER A 10 20.17 2.44 9.31
C SER A 10 21.24 1.48 9.83
N ARG A 11 20.97 0.20 9.68
CA ARG A 11 21.90 -0.82 10.13
C ARG A 11 23.03 -0.99 9.12
N ARG A 12 24.09 -0.23 9.34
CA ARG A 12 25.26 -0.28 8.47
C ARG A 12 26.34 -1.17 9.08
N SER A 13 26.59 -2.28 8.41
CA SER A 13 27.60 -3.22 8.88
C SER A 13 28.87 -2.47 9.27
N GLY A 14 29.30 -2.68 10.51
CA GLY A 14 30.49 -2.03 11.01
C GLY A 14 31.40 -3.04 11.72
N GLY B 1 29.65 -17.49 -9.54
CA GLY B 1 29.30 -17.74 -8.15
C GLY B 1 30.55 -17.90 -7.28
N ARG B 2 30.33 -17.89 -5.98
CA ARG B 2 31.43 -18.05 -5.03
C ARG B 2 32.01 -19.46 -5.11
N LEU B 3 32.99 -19.71 -4.27
CA LEU B 3 33.64 -21.01 -4.24
C LEU B 3 33.46 -21.63 -2.85
N ASP B 4 33.59 -20.77 -1.84
CA ASP B 4 33.45 -21.22 -0.46
C ASP B 4 32.21 -20.58 0.15
N LEU B 5 31.65 -21.27 1.13
CA LEU B 5 30.46 -20.78 1.81
C LEU B 5 30.88 -19.80 2.90
N PRO B 6 29.89 -18.95 3.33
CA PRO B 6 30.14 -17.97 4.36
C PRO B 6 30.23 -18.62 5.74
N PRO B 7 31.26 -18.20 6.51
CA PRO B 7 31.47 -18.75 7.85
C PRO B 7 30.46 -18.16 8.83
N GLY B 8 30.03 -19.00 9.77
CA GLY B 8 29.07 -18.58 10.77
C GLY B 8 27.64 -18.79 10.28
N PHE B 9 27.51 -18.89 8.96
CA PHE B 9 26.21 -19.08 8.35
C PHE B 9 25.34 -20.00 9.21
N MET B 10 24.03 -19.76 9.13
CA MET B 10 23.08 -20.55 9.90
C MET B 10 22.29 -21.48 8.98
N PHE B 11 21.40 -20.89 8.20
CA PHE B 11 20.58 -21.65 7.28
C PHE B 11 20.02 -20.76 6.17
N LYS B 12 19.25 -21.38 5.28
CA LYS B 12 18.65 -20.65 4.18
C LYS B 12 17.20 -20.31 4.53
N VAL B 13 16.78 -19.14 4.08
CA VAL B 13 15.42 -18.68 4.34
C VAL B 13 14.75 -18.33 3.01
N GLN B 14 13.44 -18.19 3.07
CA GLN B 14 12.66 -17.87 1.88
C GLN B 14 11.68 -16.73 2.20
N ALA B 15 11.78 -15.67 1.42
CA ALA B 15 10.91 -14.52 1.59
C ALA B 15 9.50 -14.87 1.11
N GLN B 16 8.52 -14.33 1.82
CA GLN B 16 7.13 -14.58 1.49
C GLN B 16 6.45 -13.28 1.06
N HIS B 17 7.20 -12.19 1.16
CA HIS B 17 6.67 -10.88 0.79
C HIS B 17 7.75 -10.10 0.03
N ASP B 18 7.33 -8.99 -0.54
CA ASP B 18 8.24 -8.15 -1.29
C ASP B 18 8.46 -6.84 -0.53
N TYR B 19 9.63 -6.72 0.07
CA TYR B 19 9.98 -5.53 0.82
C TYR B 19 11.16 -4.79 0.18
N THR B 20 10.92 -3.53 -0.13
CA THR B 20 11.95 -2.71 -0.75
C THR B 20 12.76 -1.98 0.32
N ALA B 21 14.02 -2.34 0.43
CA ALA B 21 14.90 -1.73 1.40
C ALA B 21 15.89 -0.81 0.68
N THR B 22 15.80 0.48 1.01
CA THR B 22 16.67 1.46 0.40
C THR B 22 17.55 2.12 1.46
N ASP B 23 18.73 1.54 1.64
CA ASP B 23 19.68 2.05 2.62
C ASP B 23 21.10 1.88 2.09
N THR B 24 22.06 2.18 2.94
CA THR B 24 23.46 2.06 2.57
C THR B 24 24.02 0.72 3.03
N ASP B 25 23.11 -0.15 3.47
CA ASP B 25 23.50 -1.46 3.93
C ASP B 25 22.26 -2.25 4.34
N GLU B 26 21.30 -2.29 3.43
CA GLU B 26 20.05 -3.00 3.69
C GLU B 26 19.97 -4.26 2.83
N LEU B 27 18.95 -5.06 3.11
CA LEU B 27 18.76 -6.30 2.36
C LEU B 27 17.36 -6.29 1.73
N GLN B 28 17.35 -6.24 0.41
CA GLN B 28 16.09 -6.22 -0.32
C GLN B 28 15.53 -7.64 -0.45
N LEU B 29 14.23 -7.76 -0.22
CA LEU B 29 13.56 -9.04 -0.30
C LEU B 29 12.38 -8.94 -1.25
N LYS B 30 12.17 -10.00 -2.01
CA LYS B 30 11.08 -10.04 -2.97
C LYS B 30 10.25 -11.31 -2.74
N ALA B 31 8.96 -11.11 -2.51
CA ALA B 31 8.06 -12.21 -2.27
C ALA B 31 8.54 -13.44 -3.05
N GLY B 32 9.12 -14.37 -2.30
CA GLY B 32 9.64 -15.59 -2.90
C GLY B 32 11.12 -15.45 -3.25
N ASP B 33 11.88 -14.99 -2.28
CA ASP B 33 13.31 -14.79 -2.47
C ASP B 33 14.07 -15.81 -1.62
N VAL B 34 15.38 -15.88 -1.86
CA VAL B 34 16.22 -16.80 -1.13
C VAL B 34 17.30 -16.01 -0.38
N VAL B 35 17.28 -16.15 0.94
CA VAL B 35 18.25 -15.46 1.78
C VAL B 35 18.89 -16.46 2.74
N LEU B 36 20.13 -16.18 3.10
CA LEU B 36 20.86 -17.05 4.00
C LEU B 36 21.13 -16.30 5.31
N VAL B 37 20.74 -16.93 6.41
CA VAL B 37 20.94 -16.33 7.72
C VAL B 37 22.40 -16.50 8.15
N ILE B 38 23.06 -15.36 8.29
CA ILE B 38 24.46 -15.37 8.69
C ILE B 38 24.63 -14.51 9.94
N PRO B 39 25.68 -14.84 10.73
CA PRO B 39 25.97 -14.11 11.95
C PRO B 39 26.59 -12.75 11.64
N PHE B 40 25.86 -11.70 12.02
CA PHE B 40 26.32 -10.34 11.79
C PHE B 40 27.70 -10.12 12.42
N GLN B 41 28.21 -8.91 12.22
CA GLN B 41 29.51 -8.55 12.76
C GLN B 41 29.37 -8.00 14.18
N ASN B 42 28.16 -8.11 14.69
CA ASN B 42 27.87 -7.62 16.04
C ASN B 42 26.36 -7.53 16.23
N PRO B 43 25.94 -7.50 17.52
CA PRO B 43 24.53 -7.41 17.85
C PRO B 43 24.01 -5.99 17.63
N GLU B 44 24.94 -5.05 17.55
CA GLU B 44 24.59 -3.66 17.33
C GLU B 44 24.12 -3.45 15.88
N GLU B 45 24.52 -4.38 15.02
CA GLU B 45 24.16 -4.30 13.62
C GLU B 45 22.82 -5.01 13.39
N GLN B 46 22.27 -5.54 14.47
CA GLN B 46 21.00 -6.23 14.39
C GLN B 46 19.86 -5.32 14.84
N ASP B 47 18.76 -5.40 14.12
CA ASP B 47 17.59 -4.58 14.44
C ASP B 47 16.49 -5.47 15.01
N GLU B 48 15.60 -4.84 15.75
CA GLU B 48 14.49 -5.56 16.37
C GLU B 48 13.48 -5.99 15.31
N GLY B 49 13.47 -7.28 15.04
CA GLY B 49 12.56 -7.83 14.05
C GLY B 49 13.26 -8.06 12.72
N TRP B 50 14.54 -7.67 12.69
CA TRP B 50 15.34 -7.83 11.48
C TRP B 50 16.72 -8.33 11.89
N LEU B 51 17.22 -9.27 11.11
CA LEU B 51 18.53 -9.85 11.37
C LEU B 51 19.43 -9.66 10.15
N MET B 52 20.70 -9.98 10.33
CA MET B 52 21.66 -9.86 9.24
C MET B 52 21.68 -11.13 8.38
N GLY B 53 21.24 -10.97 7.15
CA GLY B 53 21.20 -12.08 6.21
C GLY B 53 21.74 -11.68 4.85
N VAL B 54 21.88 -12.67 3.98
CA VAL B 54 22.38 -12.42 2.64
C VAL B 54 21.48 -13.15 1.63
N LYS B 55 21.32 -12.51 0.47
CA LYS B 55 20.49 -13.08 -0.58
C LYS B 55 21.31 -14.11 -1.35
N GLU B 56 20.60 -14.96 -2.07
CA GLU B 56 21.24 -16.00 -2.86
C GLU B 56 22.20 -15.37 -3.88
N SER B 57 21.74 -14.30 -4.51
CA SER B 57 22.54 -13.60 -5.49
C SER B 57 23.80 -13.04 -4.84
N ASP B 58 23.62 -12.48 -3.64
CA ASP B 58 24.73 -11.92 -2.91
C ASP B 58 25.73 -13.01 -2.57
N TRP B 59 25.21 -14.21 -2.35
CA TRP B 59 26.06 -15.35 -2.03
C TRP B 59 27.16 -15.44 -3.09
N ASN B 60 26.74 -15.36 -4.34
CA ASN B 60 27.66 -15.43 -5.45
C ASN B 60 28.76 -14.39 -5.26
N GLN B 61 28.42 -13.33 -4.54
CA GLN B 61 29.36 -12.26 -4.28
C GLN B 61 30.01 -12.45 -2.91
N HIS B 62 29.90 -13.67 -2.39
CA HIS B 62 30.47 -14.00 -1.09
C HIS B 62 31.89 -13.43 -1.00
N LYS B 63 32.48 -13.22 -2.16
CA LYS B 63 33.84 -12.68 -2.22
C LYS B 63 33.88 -11.33 -1.51
N LYS B 64 32.75 -10.65 -1.54
CA LYS B 64 32.64 -9.35 -0.90
C LYS B 64 31.32 -9.28 -0.12
N LEU B 65 31.11 -10.28 0.70
CA LEU B 65 29.89 -10.35 1.51
C LEU B 65 29.94 -9.25 2.57
N GLU B 66 31.15 -8.91 2.99
CA GLU B 66 31.34 -7.88 3.99
C GLU B 66 30.61 -6.60 3.57
N LYS B 67 30.56 -6.38 2.27
CA LYS B 67 29.91 -5.21 1.74
C LYS B 67 28.62 -5.61 1.03
N CYS B 68 28.27 -6.89 1.20
CA CYS B 68 27.07 -7.42 0.59
C CYS B 68 26.03 -7.67 1.69
N ARG B 69 26.54 -7.82 2.91
CA ARG B 69 25.69 -8.07 4.05
C ARG B 69 24.57 -7.03 4.12
N GLY B 70 23.46 -7.43 4.72
CA GLY B 70 22.32 -6.54 4.84
C GLY B 70 21.41 -6.99 5.99
N VAL B 71 20.32 -6.25 6.17
CA VAL B 71 19.36 -6.56 7.22
C VAL B 71 17.98 -6.79 6.59
N PHE B 72 17.26 -7.73 7.18
CA PHE B 72 15.92 -8.05 6.70
C PHE B 72 15.04 -8.56 7.83
N PRO B 73 13.71 -8.29 7.69
CA PRO B 73 12.74 -8.71 8.69
C PRO B 73 12.49 -10.22 8.61
N GLU B 74 12.81 -10.90 9.69
CA GLU B 74 12.62 -12.34 9.75
C GLU B 74 11.13 -12.68 9.81
N ASN B 75 10.39 -11.78 10.44
CA ASN B 75 8.95 -11.96 10.58
C ASN B 75 8.28 -11.80 9.22
N PHE B 76 9.08 -11.40 8.25
CA PHE B 76 8.59 -11.21 6.90
C PHE B 76 9.14 -12.28 5.95
N THR B 77 9.95 -13.17 6.52
CA THR B 77 10.54 -14.24 5.73
C THR B 77 10.24 -15.59 6.37
N GLU B 78 10.62 -16.65 5.66
CA GLU B 78 10.40 -17.99 6.14
C GLU B 78 11.72 -18.76 6.24
N ARG B 79 11.80 -19.63 7.24
CA ARG B 79 12.99 -20.41 7.44
C ARG B 79 12.93 -21.71 6.63
N VAL B 80 13.96 -21.93 5.83
CA VAL B 80 14.03 -23.11 4.99
C VAL B 80 14.96 -24.14 5.65
N PRO B 81 14.46 -25.39 5.75
CA PRO B 81 15.23 -26.47 6.36
C PRO B 81 16.34 -26.94 5.41
N LEU A 1 0.44 -15.62 8.43
CA LEU A 1 0.40 -14.47 9.32
C LEU A 1 1.80 -13.82 9.36
N LEU A 2 1.83 -12.56 8.97
CA LEU A 2 3.07 -11.81 8.95
C LEU A 2 2.99 -10.67 9.96
N PRO A 3 3.48 -10.95 11.20
CA PRO A 3 3.47 -9.96 12.26
C PRO A 3 4.55 -8.91 12.04
N THR A 4 4.19 -7.66 12.33
CA THR A 4 5.11 -6.55 12.17
C THR A 4 6.26 -6.67 13.17
N PRO A 5 7.51 -6.52 12.63
CA PRO A 5 8.69 -6.61 13.48
C PRO A 5 8.86 -5.33 14.30
N PRO A 6 9.82 -5.39 15.26
CA PRO A 6 10.10 -4.25 16.12
C PRO A 6 10.87 -3.17 15.37
N LEU A 7 10.82 -1.97 15.93
CA LEU A 7 11.51 -0.84 15.32
C LEU A 7 13.01 -1.13 15.23
N SER A 8 13.54 -0.96 14.04
CA SER A 8 14.96 -1.21 13.81
C SER A 8 15.75 0.09 13.99
N PRO A 9 17.08 -0.08 14.25
CA PRO A 9 17.95 1.06 14.44
C PRO A 9 18.26 1.75 13.11
N SER A 10 18.93 2.89 13.21
CA SER A 10 19.29 3.65 12.03
C SER A 10 20.41 2.94 11.27
N ARG A 11 19.99 2.08 10.35
CA ARG A 11 20.95 1.33 9.54
C ARG A 11 21.50 2.20 8.41
N ARG A 12 22.47 3.03 8.77
CA ARG A 12 23.09 3.92 7.81
C ARG A 12 24.58 3.61 7.66
N SER A 13 24.87 2.63 6.82
CA SER A 13 26.24 2.21 6.58
C SER A 13 26.90 1.80 7.90
N GLY A 14 28.18 1.47 7.81
CA GLY A 14 28.92 1.05 8.99
C GLY A 14 29.53 2.26 9.71
N GLY B 1 13.90 5.05 -16.86
CA GLY B 1 14.39 4.12 -15.88
C GLY B 1 15.84 3.70 -16.19
N ARG B 2 16.28 2.66 -15.50
CA ARG B 2 17.63 2.15 -15.69
C ARG B 2 17.60 0.83 -16.44
N LEU B 3 18.59 0.64 -17.30
CA LEU B 3 18.69 -0.57 -18.09
C LEU B 3 19.66 -1.53 -17.40
N ASP B 4 20.70 -0.96 -16.82
CA ASP B 4 21.71 -1.75 -16.13
C ASP B 4 21.12 -2.29 -14.82
N LEU B 5 21.70 -3.39 -14.35
CA LEU B 5 21.26 -4.01 -13.12
C LEU B 5 22.25 -3.69 -12.01
N PRO B 6 21.75 -3.79 -10.74
CA PRO B 6 22.59 -3.52 -9.58
C PRO B 6 23.55 -4.68 -9.32
N PRO B 7 24.82 -4.31 -9.04
CA PRO B 7 25.85 -5.30 -8.77
C PRO B 7 25.68 -5.90 -7.37
N GLY B 8 25.81 -7.22 -7.31
CA GLY B 8 25.66 -7.92 -6.05
C GLY B 8 24.22 -8.39 -5.84
N PHE B 9 23.31 -7.71 -6.51
CA PHE B 9 21.90 -8.05 -6.40
C PHE B 9 21.71 -9.56 -6.28
N MET B 10 20.64 -9.94 -5.58
CA MET B 10 20.34 -11.35 -5.38
C MET B 10 19.06 -11.73 -6.12
N PHE B 11 17.95 -11.22 -5.61
CA PHE B 11 16.65 -11.51 -6.20
C PHE B 11 15.65 -10.40 -5.89
N LYS B 12 14.43 -10.58 -6.39
CA LYS B 12 13.38 -9.60 -6.17
C LYS B 12 12.44 -10.10 -5.07
N VAL B 13 11.83 -9.16 -4.39
CA VAL B 13 10.92 -9.48 -3.30
C VAL B 13 9.61 -8.71 -3.50
N GLN B 14 8.60 -9.13 -2.75
CA GLN B 14 7.30 -8.48 -2.82
C GLN B 14 6.74 -8.26 -1.42
N ALA B 15 6.44 -7.00 -1.12
CA ALA B 15 5.90 -6.63 0.17
C ALA B 15 4.47 -7.16 0.29
N GLN B 16 4.14 -7.63 1.48
CA GLN B 16 2.81 -8.17 1.74
C GLN B 16 2.06 -7.28 2.73
N HIS B 17 2.76 -6.24 3.19
CA HIS B 17 2.17 -5.31 4.14
C HIS B 17 2.66 -3.89 3.84
N ASP B 18 2.03 -2.93 4.48
CA ASP B 18 2.39 -1.53 4.30
C ASP B 18 3.02 -1.00 5.59
N TYR B 19 4.33 -0.87 5.55
CA TYR B 19 5.08 -0.38 6.70
C TYR B 19 5.76 0.95 6.38
N THR B 20 5.48 1.95 7.21
CA THR B 20 6.06 3.26 7.03
C THR B 20 7.41 3.35 7.73
N ALA B 21 8.46 3.48 6.94
CA ALA B 21 9.80 3.57 7.48
C ALA B 21 10.35 4.97 7.20
N THR B 22 10.61 5.69 8.29
CA THR B 22 11.14 7.04 8.18
C THR B 22 12.50 7.14 8.88
N ASP B 23 13.55 6.96 8.11
CA ASP B 23 14.90 7.02 8.64
C ASP B 23 15.82 7.68 7.62
N THR B 24 17.10 7.70 7.96
CA THR B 24 18.09 8.29 7.07
C THR B 24 18.64 7.25 6.09
N ASP B 25 18.19 6.03 6.28
CA ASP B 25 18.60 4.93 5.42
C ASP B 25 17.59 3.79 5.51
N GLU B 26 16.33 4.17 5.67
CA GLU B 26 15.26 3.19 5.78
C GLU B 26 14.65 2.92 4.39
N LEU B 27 13.80 1.91 4.36
CA LEU B 27 13.15 1.53 3.10
C LEU B 27 11.65 1.36 3.35
N GLN B 28 10.88 2.25 2.74
CA GLN B 28 9.44 2.20 2.88
C GLN B 28 8.85 1.06 2.04
N LEU B 29 7.86 0.39 2.62
CA LEU B 29 7.22 -0.72 1.94
C LEU B 29 5.70 -0.54 2.00
N LYS B 30 5.05 -0.86 0.89
CA LYS B 30 3.61 -0.73 0.81
C LYS B 30 3.01 -2.09 0.41
N ALA B 31 2.08 -2.55 1.23
CA ALA B 31 1.42 -3.82 0.98
C ALA B 31 1.31 -4.03 -0.53
N GLY B 32 2.16 -4.91 -1.04
CA GLY B 32 2.16 -5.21 -2.47
C GLY B 32 3.16 -4.33 -3.21
N ASP B 33 4.36 -4.26 -2.66
CA ASP B 33 5.41 -3.46 -3.26
C ASP B 33 6.47 -4.38 -3.86
N VAL B 34 7.38 -3.79 -4.62
CA VAL B 34 8.45 -4.54 -5.25
C VAL B 34 9.79 -4.04 -4.75
N VAL B 35 10.57 -4.96 -4.21
CA VAL B 35 11.89 -4.61 -3.70
C VAL B 35 12.91 -5.67 -4.14
N LEU B 36 14.14 -5.23 -4.32
CA LEU B 36 15.21 -6.12 -4.74
C LEU B 36 16.17 -6.34 -3.58
N VAL B 37 16.51 -7.61 -3.36
CA VAL B 37 17.42 -7.97 -2.29
C VAL B 37 18.86 -7.83 -2.78
N ILE B 38 19.56 -6.87 -2.20
CA ILE B 38 20.95 -6.62 -2.58
C ILE B 38 21.84 -6.84 -1.36
N PRO B 39 23.13 -7.21 -1.64
CA PRO B 39 24.09 -7.45 -0.58
C PRO B 39 24.56 -6.14 0.04
N PHE B 40 24.25 -5.96 1.31
CA PHE B 40 24.63 -4.76 2.02
C PHE B 40 26.15 -4.57 1.98
N GLN B 41 26.59 -3.47 2.57
CA GLN B 41 28.01 -3.15 2.61
C GLN B 41 28.71 -3.93 3.73
N ASN B 42 27.90 -4.67 4.47
CA ASN B 42 28.42 -5.47 5.57
C ASN B 42 27.26 -6.07 6.36
N PRO B 43 27.51 -7.29 6.91
CA PRO B 43 26.49 -7.97 7.68
C PRO B 43 26.34 -7.35 9.07
N GLU B 44 27.35 -6.58 9.45
CA GLU B 44 27.34 -5.92 10.74
C GLU B 44 26.32 -4.78 10.75
N GLU B 45 25.92 -4.39 9.56
CA GLU B 45 24.95 -3.31 9.41
C GLU B 45 23.53 -3.88 9.35
N GLN B 46 23.44 -5.10 8.84
CA GLN B 46 22.15 -5.77 8.72
C GLN B 46 21.45 -5.81 10.08
N ASP B 47 20.17 -5.44 10.06
CA ASP B 47 19.39 -5.43 11.28
C ASP B 47 18.71 -6.79 11.45
N GLU B 48 18.40 -7.11 12.70
CA GLU B 48 17.74 -8.38 13.01
C GLU B 48 16.27 -8.33 12.58
N GLY B 49 15.95 -9.13 11.58
CA GLY B 49 14.60 -9.19 11.08
C GLY B 49 14.42 -8.28 9.86
N TRP B 50 15.47 -7.54 9.57
CA TRP B 50 15.45 -6.62 8.44
C TRP B 50 16.75 -6.80 7.65
N LEU B 51 16.64 -6.63 6.34
CA LEU B 51 17.79 -6.77 5.46
C LEU B 51 17.89 -5.54 4.56
N MET B 52 19.01 -5.46 3.85
CA MET B 52 19.24 -4.35 2.94
C MET B 52 18.69 -4.65 1.55
N GLY B 53 17.67 -3.90 1.18
CA GLY B 53 17.05 -4.08 -0.12
C GLY B 53 16.78 -2.73 -0.78
N VAL B 54 16.29 -2.79 -2.02
CA VAL B 54 15.99 -1.59 -2.77
C VAL B 54 14.63 -1.77 -3.48
N LYS B 55 13.90 -0.66 -3.55
CA LYS B 55 12.60 -0.67 -4.19
C LYS B 55 12.79 -0.61 -5.71
N GLU B 56 11.73 -1.01 -6.41
CA GLU B 56 11.76 -1.00 -7.86
C GLU B 56 12.06 0.41 -8.39
N SER B 57 11.40 1.38 -7.75
CA SER B 57 11.58 2.77 -8.14
C SER B 57 13.05 3.17 -7.99
N ASP B 58 13.62 2.77 -6.87
CA ASP B 58 15.02 3.08 -6.58
C ASP B 58 15.90 2.49 -7.68
N TRP B 59 15.46 1.36 -8.21
CA TRP B 59 16.19 0.69 -9.27
C TRP B 59 16.46 1.71 -10.38
N ASN B 60 15.42 2.43 -10.74
CA ASN B 60 15.53 3.43 -11.79
C ASN B 60 16.42 4.58 -11.30
N GLN B 61 16.47 4.72 -9.98
CA GLN B 61 17.28 5.77 -9.37
C GLN B 61 18.73 5.29 -9.22
N HIS B 62 19.06 4.25 -9.97
CA HIS B 62 20.40 3.70 -9.93
C HIS B 62 21.43 4.85 -9.98
N LYS B 63 20.98 5.97 -10.52
CA LYS B 63 21.85 7.13 -10.63
C LYS B 63 22.37 7.51 -9.24
N LYS B 64 21.56 7.22 -8.24
CA LYS B 64 21.92 7.52 -6.87
C LYS B 64 21.46 6.38 -5.95
N LEU B 65 21.82 5.17 -6.34
CA LEU B 65 21.46 3.99 -5.58
C LEU B 65 22.09 4.07 -4.19
N GLU B 66 23.26 4.71 -4.15
CA GLU B 66 23.98 4.86 -2.89
C GLU B 66 23.13 5.62 -1.88
N LYS B 67 22.12 6.29 -2.39
CA LYS B 67 21.22 7.06 -1.55
C LYS B 67 19.82 6.45 -1.61
N CYS B 68 19.74 5.29 -2.25
CA CYS B 68 18.46 4.60 -2.38
C CYS B 68 18.47 3.41 -1.42
N ARG B 69 19.67 2.92 -1.13
CA ARG B 69 19.81 1.79 -0.23
C ARG B 69 19.03 2.03 1.06
N GLY B 70 18.39 0.98 1.53
CA GLY B 70 17.61 1.06 2.76
C GLY B 70 17.47 -0.31 3.42
N VAL B 71 16.74 -0.33 4.53
CA VAL B 71 16.54 -1.57 5.27
C VAL B 71 15.04 -1.85 5.35
N PHE B 72 14.70 -3.13 5.25
CA PHE B 72 13.32 -3.55 5.31
C PHE B 72 13.19 -4.91 6.01
N PRO B 73 12.04 -5.09 6.72
CA PRO B 73 11.79 -6.33 7.43
C PRO B 73 11.40 -7.45 6.45
N GLU B 74 12.24 -8.46 6.39
CA GLU B 74 11.99 -9.59 5.51
C GLU B 74 10.80 -10.40 6.01
N ASN B 75 10.64 -10.41 7.34
CA ASN B 75 9.54 -11.14 7.94
C ASN B 75 8.23 -10.44 7.62
N PHE B 76 8.34 -9.29 6.98
CA PHE B 76 7.17 -8.51 6.61
C PHE B 76 7.02 -8.44 5.09
N THR B 77 7.94 -9.09 4.41
CA THR B 77 7.92 -9.12 2.95
C THR B 77 7.99 -10.56 2.44
N GLU B 78 7.93 -10.69 1.12
CA GLU B 78 8.01 -12.00 0.50
C GLU B 78 9.06 -12.01 -0.61
N ARG B 79 9.72 -13.15 -0.75
CA ARG B 79 10.75 -13.30 -1.76
C ARG B 79 10.12 -13.69 -3.10
N VAL B 80 10.62 -13.06 -4.16
CA VAL B 80 10.12 -13.32 -5.49
C VAL B 80 11.20 -14.04 -6.30
N PRO B 81 10.76 -15.02 -7.13
CA PRO B 81 11.67 -15.78 -7.95
C PRO B 81 12.15 -14.96 -9.15
N LEU A 1 0.44 -15.62 8.43
CA LEU A 1 0.40 -14.47 9.32
C LEU A 1 1.20 -13.33 8.69
N LEU A 2 0.51 -12.20 8.52
CA LEU A 2 1.14 -11.03 7.93
C LEU A 2 1.99 -10.32 8.98
N PRO A 3 3.31 -10.18 8.67
CA PRO A 3 4.23 -9.54 9.58
C PRO A 3 4.03 -8.02 9.57
N THR A 4 4.37 -7.40 10.70
CA THR A 4 4.24 -5.96 10.84
C THR A 4 5.29 -5.25 10.00
N PRO A 5 4.83 -4.23 9.23
CA PRO A 5 5.72 -3.46 8.38
C PRO A 5 6.57 -2.49 9.22
N PRO A 6 7.55 -1.84 8.52
CA PRO A 6 8.43 -0.90 9.19
C PRO A 6 7.71 0.42 9.46
N LEU A 7 8.28 1.19 10.38
CA LEU A 7 7.70 2.48 10.73
C LEU A 7 7.66 3.37 9.50
N SER A 8 6.48 3.92 9.24
CA SER A 8 6.29 4.79 8.09
C SER A 8 6.49 6.25 8.51
N PRO A 9 6.80 7.10 7.50
CA PRO A 9 7.01 8.52 7.75
C PRO A 9 5.68 9.24 7.98
N SER A 10 5.78 10.50 8.36
CA SER A 10 4.60 11.31 8.62
C SER A 10 3.90 11.64 7.30
N ARG A 11 2.94 10.81 6.95
CA ARG A 11 2.18 11.02 5.72
C ARG A 11 1.13 12.10 5.92
N ARG A 12 1.44 13.30 5.43
CA ARG A 12 0.52 14.41 5.55
C ARG A 12 -0.54 14.35 4.45
N SER A 13 -1.78 14.16 4.87
CA SER A 13 -2.88 14.08 3.93
C SER A 13 -4.08 14.86 4.47
N GLY A 14 -4.37 14.65 5.74
CA GLY A 14 -5.49 15.32 6.39
C GLY A 14 -5.05 15.93 7.72
N GLY B 1 -23.17 8.76 14.29
CA GLY B 1 -22.52 8.42 13.04
C GLY B 1 -22.73 9.53 12.00
N ARG B 2 -22.25 9.27 10.79
CA ARG B 2 -22.38 10.23 9.71
C ARG B 2 -23.72 10.04 9.01
N LEU B 3 -23.89 10.78 7.91
CA LEU B 3 -25.11 10.70 7.13
C LEU B 3 -24.77 10.34 5.69
N ASP B 4 -23.72 10.96 5.18
CA ASP B 4 -23.29 10.71 3.82
C ASP B 4 -21.94 9.96 3.84
N LEU B 5 -21.70 9.22 2.78
CA LEU B 5 -20.46 8.46 2.67
C LEU B 5 -19.37 9.36 2.10
N PRO B 6 -18.09 8.92 2.34
CA PRO B 6 -16.95 9.68 1.85
C PRO B 6 -16.77 9.51 0.34
N PRO B 7 -16.52 10.66 -0.34
CA PRO B 7 -16.33 10.65 -1.78
C PRO B 7 -14.96 10.09 -2.14
N GLY B 8 -14.92 9.39 -3.27
CA GLY B 8 -13.68 8.79 -3.73
C GLY B 8 -13.47 7.40 -3.12
N PHE B 9 -14.14 7.17 -2.00
CA PHE B 9 -14.02 5.91 -1.31
C PHE B 9 -13.93 4.75 -2.30
N MET B 10 -13.19 3.72 -1.90
CA MET B 10 -13.02 2.56 -2.74
C MET B 10 -13.78 1.35 -2.18
N PHE B 11 -13.29 0.86 -1.06
CA PHE B 11 -13.91 -0.29 -0.41
C PHE B 11 -13.55 -0.34 1.08
N LYS B 12 -14.07 -1.36 1.74
CA LYS B 12 -13.82 -1.54 3.16
C LYS B 12 -12.77 -2.65 3.35
N VAL B 13 -11.95 -2.47 4.38
CA VAL B 13 -10.92 -3.44 4.68
C VAL B 13 -11.06 -3.90 6.13
N GLN B 14 -10.34 -4.97 6.45
CA GLN B 14 -10.38 -5.52 7.80
C GLN B 14 -8.96 -5.82 8.28
N ALA B 15 -8.64 -5.29 9.46
CA ALA B 15 -7.33 -5.50 10.05
C ALA B 15 -7.23 -6.94 10.56
N GLN B 16 -6.02 -7.48 10.47
CA GLN B 16 -5.78 -8.84 10.92
C GLN B 16 -4.78 -8.84 12.08
N HIS B 17 -4.31 -7.65 12.42
CA HIS B 17 -3.36 -7.51 13.51
C HIS B 17 -3.65 -6.20 14.27
N ASP B 18 -2.97 -6.06 15.40
CA ASP B 18 -3.14 -4.88 16.23
C ASP B 18 -1.86 -4.04 16.19
N TYR B 19 -1.92 -2.97 15.40
CA TYR B 19 -0.77 -2.09 15.26
C TYR B 19 -1.09 -0.70 15.80
N THR B 20 -0.34 -0.29 16.81
CA THR B 20 -0.53 1.02 17.42
C THR B 20 0.26 2.08 16.66
N ALA B 21 -0.48 2.98 16.03
CA ALA B 21 0.13 4.05 15.26
C ALA B 21 -0.15 5.38 15.95
N THR B 22 0.93 6.02 16.40
CA THR B 22 0.81 7.29 17.08
C THR B 22 1.61 8.37 16.33
N ASP B 23 0.92 9.08 15.45
CA ASP B 23 1.54 10.13 14.66
C ASP B 23 0.57 11.29 14.51
N THR B 24 0.99 12.27 13.74
CA THR B 24 0.17 13.45 13.50
C THR B 24 -0.96 13.13 12.50
N ASP B 25 -0.78 12.01 11.81
CA ASP B 25 -1.76 11.59 10.83
C ASP B 25 -1.67 10.07 10.65
N GLU B 26 -1.54 9.38 11.78
CA GLU B 26 -1.44 7.93 11.76
C GLU B 26 -2.82 7.29 11.93
N LEU B 27 -2.91 6.03 11.55
CA LEU B 27 -4.16 5.31 11.66
C LEU B 27 -3.96 4.05 12.50
N GLN B 28 -4.58 4.04 13.67
CA GLN B 28 -4.48 2.92 14.58
C GLN B 28 -5.36 1.76 14.10
N LEU B 29 -4.80 0.56 14.17
CA LEU B 29 -5.52 -0.62 13.75
C LEU B 29 -5.45 -1.67 14.85
N LYS B 30 -6.57 -2.36 15.05
CA LYS B 30 -6.65 -3.39 16.06
C LYS B 30 -7.07 -4.71 15.42
N ALA B 31 -6.27 -5.74 15.66
CA ALA B 31 -6.54 -7.05 15.12
C ALA B 31 -8.05 -7.27 15.05
N GLY B 32 -8.60 -7.05 13.86
CA GLY B 32 -10.03 -7.22 13.65
C GLY B 32 -10.75 -5.87 13.65
N ASP B 33 -10.19 -4.94 12.89
CA ASP B 33 -10.76 -3.61 12.79
C ASP B 33 -11.36 -3.42 11.39
N VAL B 34 -12.10 -2.33 11.25
CA VAL B 34 -12.74 -2.02 9.99
C VAL B 34 -12.25 -0.67 9.49
N VAL B 35 -11.67 -0.67 8.30
CA VAL B 35 -11.16 0.55 7.70
C VAL B 35 -11.66 0.66 6.26
N LEU B 36 -11.85 1.91 5.83
CA LEU B 36 -12.32 2.17 4.48
C LEU B 36 -11.20 2.76 3.65
N VAL B 37 -10.93 2.11 2.52
CA VAL B 37 -9.87 2.58 1.64
C VAL B 37 -10.39 3.76 0.81
N ILE B 38 -9.85 4.93 1.11
CA ILE B 38 -10.25 6.14 0.41
C ILE B 38 -9.04 6.70 -0.35
N PRO B 39 -9.34 7.44 -1.45
CA PRO B 39 -8.30 8.04 -2.27
C PRO B 39 -7.68 9.25 -1.58
N PHE B 40 -6.39 9.13 -1.25
CA PHE B 40 -5.68 10.20 -0.59
C PHE B 40 -5.72 11.48 -1.42
N GLN B 41 -5.06 12.51 -0.91
CA GLN B 41 -5.00 13.79 -1.58
C GLN B 41 -4.03 13.74 -2.76
N ASN B 42 -3.10 12.79 -2.68
CA ASN B 42 -2.11 12.62 -3.73
C ASN B 42 -1.32 11.34 -3.46
N PRO B 43 -0.76 10.78 -4.56
CA PRO B 43 0.03 9.55 -4.47
C PRO B 43 1.40 9.82 -3.85
N GLU B 44 1.79 11.09 -3.92
CA GLU B 44 3.08 11.50 -3.37
C GLU B 44 3.04 11.51 -1.85
N GLU B 45 1.83 11.37 -1.32
CA GLU B 45 1.63 11.37 0.12
C GLU B 45 1.38 9.94 0.61
N GLN B 46 1.61 8.99 -0.28
CA GLN B 46 1.41 7.59 0.05
C GLN B 46 2.73 6.95 0.48
N ASP B 47 2.62 6.05 1.46
CA ASP B 47 3.80 5.38 1.98
C ASP B 47 3.84 3.95 1.42
N GLU B 48 5.05 3.42 1.32
CA GLU B 48 5.24 2.08 0.81
C GLU B 48 4.80 1.04 1.85
N GLY B 49 3.75 0.30 1.50
CA GLY B 49 3.22 -0.71 2.39
C GLY B 49 2.04 -0.17 3.20
N TRP B 50 1.78 1.11 3.02
CA TRP B 50 0.68 1.76 3.72
C TRP B 50 -0.08 2.62 2.71
N LEU B 51 -1.30 2.96 3.09
CA LEU B 51 -2.14 3.77 2.23
C LEU B 51 -3.06 4.64 3.10
N MET B 52 -3.77 5.55 2.44
CA MET B 52 -4.69 6.43 3.14
C MET B 52 -6.07 5.78 3.30
N GLY B 53 -6.41 5.50 4.54
CA GLY B 53 -7.68 4.87 4.85
C GLY B 53 -8.31 5.50 6.10
N VAL B 54 -9.54 5.07 6.39
CA VAL B 54 -10.25 5.58 7.54
C VAL B 54 -10.93 4.41 8.26
N LYS B 55 -10.91 4.48 9.58
CA LYS B 55 -11.52 3.44 10.39
C LYS B 55 -13.03 3.64 10.42
N GLU B 56 -13.74 2.57 10.79
CA GLU B 56 -15.18 2.63 10.87
C GLU B 56 -15.64 3.73 11.83
N SER B 57 -14.86 3.89 12.89
CA SER B 57 -15.17 4.91 13.89
C SER B 57 -15.00 6.30 13.28
N ASP B 58 -13.88 6.47 12.59
CA ASP B 58 -13.59 7.75 11.96
C ASP B 58 -14.69 8.09 10.96
N TRP B 59 -15.23 7.05 10.35
CA TRP B 59 -16.30 7.22 9.38
C TRP B 59 -17.39 8.09 10.01
N ASN B 60 -17.75 7.72 11.23
CA ASN B 60 -18.78 8.46 11.95
C ASN B 60 -18.37 9.93 12.05
N GLN B 61 -17.07 10.16 11.98
CA GLN B 61 -16.54 11.51 12.07
C GLN B 61 -16.42 12.12 10.66
N HIS B 62 -17.13 11.50 9.73
CA HIS B 62 -17.13 11.98 8.36
C HIS B 62 -17.29 13.49 8.33
N LYS B 63 -17.86 14.01 9.40
CA LYS B 63 -18.08 15.45 9.52
C LYS B 63 -16.74 16.17 9.41
N LYS B 64 -15.70 15.51 9.87
CA LYS B 64 -14.35 16.07 9.83
C LYS B 64 -13.35 14.96 9.52
N LEU B 65 -13.57 14.31 8.39
CA LEU B 65 -12.69 13.23 7.97
C LEU B 65 -11.34 13.81 7.56
N GLU B 66 -11.39 15.03 7.04
CA GLU B 66 -10.19 15.70 6.59
C GLU B 66 -9.16 15.76 7.72
N LYS B 67 -9.67 15.87 8.94
CA LYS B 67 -8.81 15.93 10.11
C LYS B 67 -8.85 14.59 10.84
N CYS B 68 -9.48 13.62 10.19
CA CYS B 68 -9.61 12.29 10.76
C CYS B 68 -8.80 11.31 9.89
N ARG B 69 -8.37 11.81 8.74
CA ARG B 69 -7.60 11.00 7.82
C ARG B 69 -6.37 10.43 8.51
N GLY B 70 -5.87 9.33 7.96
CA GLY B 70 -4.70 8.67 8.52
C GLY B 70 -4.11 7.67 7.52
N VAL B 71 -3.01 7.05 7.95
CA VAL B 71 -2.35 6.08 7.11
C VAL B 71 -2.30 4.73 7.82
N PHE B 72 -2.45 3.66 7.05
CA PHE B 72 -2.43 2.33 7.60
C PHE B 72 -1.71 1.35 6.66
N PRO B 73 -0.99 0.39 7.29
CA PRO B 73 -0.25 -0.61 6.52
C PRO B 73 -1.20 -1.65 5.91
N GLU B 74 -1.30 -1.60 4.59
CA GLU B 74 -2.17 -2.53 3.88
C GLU B 74 -1.62 -3.95 3.97
N ASN B 75 -0.30 -4.02 4.13
CA ASN B 75 0.36 -5.32 4.23
C ASN B 75 0.05 -5.95 5.59
N PHE B 76 -0.64 -5.17 6.42
CA PHE B 76 -1.01 -5.63 7.74
C PHE B 76 -2.53 -5.72 7.89
N THR B 77 -3.22 -5.42 6.79
CA THR B 77 -4.67 -5.46 6.78
C THR B 77 -5.18 -6.31 5.61
N GLU B 78 -6.49 -6.48 5.57
CA GLU B 78 -7.11 -7.27 4.52
C GLU B 78 -8.27 -6.50 3.90
N ARG B 79 -8.40 -6.62 2.58
CA ARG B 79 -9.46 -5.95 1.86
C ARG B 79 -10.77 -6.73 1.98
N VAL B 80 -11.85 -6.00 2.14
CA VAL B 80 -13.16 -6.62 2.27
C VAL B 80 -14.00 -6.27 1.04
N PRO B 81 -14.70 -7.32 0.51
CA PRO B 81 -15.54 -7.15 -0.66
C PRO B 81 -16.82 -6.42 -0.31
N LEU A 1 0.44 -15.62 8.43
CA LEU A 1 0.40 -14.47 9.32
C LEU A 1 1.21 -13.33 8.69
N LEU A 2 0.53 -12.20 8.50
CA LEU A 2 1.16 -11.03 7.92
C LEU A 2 1.94 -10.29 9.00
N PRO A 3 3.28 -10.16 8.75
CA PRO A 3 4.15 -9.47 9.70
C PRO A 3 3.94 -7.95 9.64
N THR A 4 4.25 -7.31 10.75
CA THR A 4 4.10 -5.86 10.83
C THR A 4 5.12 -5.17 9.92
N PRO A 5 4.61 -4.23 9.09
CA PRO A 5 5.45 -3.49 8.17
C PRO A 5 6.26 -2.42 8.91
N PRO A 6 7.22 -1.81 8.17
CA PRO A 6 8.06 -0.77 8.74
C PRO A 6 7.30 0.54 8.90
N LEU A 7 7.84 1.41 9.74
CA LEU A 7 7.23 2.70 9.98
C LEU A 7 7.11 3.47 8.67
N SER A 8 5.90 3.94 8.39
CA SER A 8 5.64 4.69 7.19
C SER A 8 5.80 6.20 7.45
N PRO A 9 6.05 6.95 6.34
CA PRO A 9 6.22 8.39 6.44
C PRO A 9 4.88 9.09 6.68
N SER A 10 4.96 10.38 6.92
CA SER A 10 3.77 11.19 7.16
C SER A 10 3.00 11.38 5.86
N ARG A 11 2.09 10.44 5.60
CA ARG A 11 1.28 10.50 4.40
C ARG A 11 0.15 11.51 4.56
N ARG A 12 0.33 12.67 3.93
CA ARG A 12 -0.66 13.72 4.00
C ARG A 12 -1.82 13.43 3.03
N SER A 13 -3.00 13.32 3.59
CA SER A 13 -4.19 13.05 2.79
C SER A 13 -5.42 13.64 3.47
N GLY A 14 -5.70 13.13 4.67
CA GLY A 14 -6.84 13.59 5.43
C GLY A 14 -8.04 13.87 4.52
N GLY B 1 -25.21 5.97 11.77
CA GLY B 1 -24.12 6.03 10.82
C GLY B 1 -24.42 7.05 9.71
N ARG B 2 -23.51 7.09 8.75
CA ARG B 2 -23.66 8.00 7.62
C ARG B 2 -24.93 7.67 6.84
N LEU B 3 -25.10 8.37 5.71
CA LEU B 3 -26.26 8.16 4.87
C LEU B 3 -25.79 7.78 3.46
N ASP B 4 -24.75 8.46 3.02
CA ASP B 4 -24.20 8.21 1.70
C ASP B 4 -22.84 7.53 1.84
N LEU B 5 -22.46 6.80 0.79
CA LEU B 5 -21.19 6.09 0.79
C LEU B 5 -20.12 7.00 0.17
N PRO B 6 -18.84 6.65 0.49
CA PRO B 6 -17.72 7.42 -0.02
C PRO B 6 -17.48 7.12 -1.51
N PRO B 7 -17.28 8.21 -2.29
CA PRO B 7 -17.04 8.08 -3.71
C PRO B 7 -15.61 7.59 -3.98
N GLY B 8 -15.49 6.77 -5.03
CA GLY B 8 -14.19 6.23 -5.40
C GLY B 8 -13.91 4.94 -4.63
N PHE B 9 -14.58 4.79 -3.50
CA PHE B 9 -14.40 3.61 -2.68
C PHE B 9 -14.19 2.36 -3.53
N MET B 10 -13.40 1.44 -3.00
CA MET B 10 -13.11 0.20 -3.70
C MET B 10 -13.82 -0.99 -3.05
N PHE B 11 -13.34 -1.35 -1.87
CA PHE B 11 -13.92 -2.46 -1.13
C PHE B 11 -13.61 -2.34 0.36
N LYS B 12 -14.09 -3.32 1.11
CA LYS B 12 -13.88 -3.35 2.54
C LYS B 12 -12.79 -4.38 2.87
N VAL B 13 -12.00 -4.05 3.89
CA VAL B 13 -10.92 -4.93 4.30
C VAL B 13 -11.09 -5.28 5.79
N GLN B 14 -10.36 -6.29 6.22
CA GLN B 14 -10.43 -6.72 7.61
C GLN B 14 -9.02 -6.88 8.18
N ALA B 15 -8.76 -6.15 9.26
CA ALA B 15 -7.45 -6.21 9.89
C ALA B 15 -7.29 -7.56 10.60
N GLN B 16 -6.07 -8.07 10.56
CA GLN B 16 -5.77 -9.34 11.18
C GLN B 16 -4.81 -9.15 12.36
N HIS B 17 -4.37 -7.91 12.52
CA HIS B 17 -3.45 -7.58 13.60
C HIS B 17 -3.83 -6.22 14.19
N ASP B 18 -3.20 -5.91 15.31
CA ASP B 18 -3.46 -4.65 16.00
C ASP B 18 -2.23 -3.76 15.91
N TYR B 19 -2.32 -2.75 15.06
CA TYR B 19 -1.22 -1.81 14.87
C TYR B 19 -1.60 -0.40 15.31
N THR B 20 -0.84 0.12 16.27
CA THR B 20 -1.10 1.45 16.78
C THR B 20 -0.43 2.50 15.89
N ALA B 21 -1.28 3.30 15.24
CA ALA B 21 -0.79 4.34 14.35
C ALA B 21 -1.12 5.71 14.97
N THR B 22 -0.07 6.45 15.28
CA THR B 22 -0.22 7.76 15.86
C THR B 22 0.41 8.82 14.97
N ASP B 23 -0.41 9.41 14.11
CA ASP B 23 0.06 10.44 13.20
C ASP B 23 -1.01 11.51 13.05
N THR B 24 -0.73 12.46 12.17
CA THR B 24 -1.66 13.54 11.92
C THR B 24 -2.70 13.13 10.86
N ASP B 25 -2.49 11.94 10.31
CA ASP B 25 -3.39 11.42 9.30
C ASP B 25 -3.16 9.91 9.15
N GLU B 26 -2.94 9.26 10.28
CA GLU B 26 -2.71 7.83 10.29
C GLU B 26 -4.03 7.08 10.50
N LEU B 27 -3.97 5.78 10.28
CA LEU B 27 -5.14 4.94 10.45
C LEU B 27 -4.83 3.82 11.45
N GLN B 28 -5.51 3.88 12.58
CA GLN B 28 -5.32 2.88 13.62
C GLN B 28 -6.10 1.61 13.29
N LEU B 29 -5.42 0.48 13.39
CA LEU B 29 -6.04 -0.79 13.10
C LEU B 29 -5.89 -1.71 14.31
N LYS B 30 -6.96 -2.44 14.59
CA LYS B 30 -6.95 -3.37 15.72
C LYS B 30 -7.34 -4.76 15.23
N ALA B 31 -6.47 -5.72 15.54
CA ALA B 31 -6.71 -7.10 15.15
C ALA B 31 -8.21 -7.35 15.07
N GLY B 32 -8.72 -7.39 13.86
CA GLY B 32 -10.14 -7.63 13.63
C GLY B 32 -10.89 -6.32 13.43
N ASP B 33 -10.31 -5.45 12.60
CA ASP B 33 -10.91 -4.17 12.32
C ASP B 33 -11.48 -4.18 10.90
N VAL B 34 -12.33 -3.19 10.63
CA VAL B 34 -12.95 -3.08 9.32
C VAL B 34 -12.57 -1.74 8.69
N VAL B 35 -11.87 -1.84 7.57
CA VAL B 35 -11.43 -0.64 6.85
C VAL B 35 -11.90 -0.72 5.40
N LEU B 36 -12.20 0.44 4.84
CA LEU B 36 -12.65 0.51 3.47
C LEU B 36 -11.55 1.13 2.60
N VAL B 37 -11.22 0.43 1.53
CA VAL B 37 -10.19 0.91 0.61
C VAL B 37 -10.77 1.99 -0.29
N ILE B 38 -10.26 3.20 -0.13
CA ILE B 38 -10.72 4.33 -0.93
C ILE B 38 -9.54 4.91 -1.70
N PRO B 39 -9.87 5.52 -2.88
CA PRO B 39 -8.85 6.13 -3.72
C PRO B 39 -8.36 7.45 -3.13
N PHE B 40 -7.08 7.47 -2.79
CA PHE B 40 -6.48 8.65 -2.21
C PHE B 40 -6.60 9.85 -3.16
N GLN B 41 -6.06 10.98 -2.72
CA GLN B 41 -6.09 12.18 -3.52
C GLN B 41 -4.94 12.20 -4.52
N ASN B 42 -4.17 11.13 -4.50
CA ASN B 42 -3.03 10.99 -5.40
C ASN B 42 -2.18 9.79 -4.99
N PRO B 43 -1.50 9.20 -6.00
CA PRO B 43 -0.65 8.05 -5.74
C PRO B 43 0.65 8.45 -5.04
N GLU B 44 0.96 9.73 -5.16
CA GLU B 44 2.17 10.26 -4.55
C GLU B 44 2.00 10.37 -3.03
N GLU B 45 0.75 10.17 -2.59
CA GLU B 45 0.44 10.25 -1.18
C GLU B 45 0.32 8.83 -0.58
N GLN B 46 0.68 7.85 -1.41
CA GLN B 46 0.62 6.47 -0.98
C GLN B 46 1.99 6.01 -0.47
N ASP B 47 1.96 5.12 0.50
CA ASP B 47 3.18 4.59 1.07
C ASP B 47 3.36 3.13 0.65
N GLU B 48 4.61 2.69 0.67
CA GLU B 48 4.93 1.33 0.29
C GLU B 48 4.51 0.36 1.39
N GLY B 49 3.53 -0.47 1.06
CA GLY B 49 3.03 -1.45 2.01
C GLY B 49 1.79 -0.92 2.74
N TRP B 50 1.45 0.32 2.45
CA TRP B 50 0.30 0.96 3.07
C TRP B 50 -0.48 1.69 1.97
N LEU B 51 -1.74 1.97 2.27
CA LEU B 51 -2.60 2.67 1.33
C LEU B 51 -3.59 3.53 2.09
N MET B 52 -4.33 4.35 1.34
CA MET B 52 -5.32 5.22 1.94
C MET B 52 -6.66 4.50 2.11
N GLY B 53 -7.02 4.28 3.36
CA GLY B 53 -8.27 3.61 3.68
C GLY B 53 -9.01 4.31 4.81
N VAL B 54 -10.20 3.81 5.10
CA VAL B 54 -11.01 4.38 6.16
C VAL B 54 -11.62 3.26 7.00
N LYS B 55 -11.64 3.47 8.30
CA LYS B 55 -12.18 2.47 9.22
C LYS B 55 -13.71 2.53 9.16
N GLU B 56 -14.34 1.45 9.61
CA GLU B 56 -15.79 1.37 9.62
C GLU B 56 -16.38 2.50 10.47
N SER B 57 -15.72 2.76 11.59
CA SER B 57 -16.17 3.81 12.49
C SER B 57 -16.08 5.17 11.78
N ASP B 58 -15.05 5.32 10.98
CA ASP B 58 -14.83 6.56 10.25
C ASP B 58 -15.94 6.74 9.22
N TRP B 59 -16.39 5.61 8.68
CA TRP B 59 -17.45 5.62 7.68
C TRP B 59 -18.62 6.42 8.24
N ASN B 60 -18.98 6.10 9.48
CA ASN B 60 -20.07 6.78 10.14
C ASN B 60 -19.80 8.28 10.16
N GLN B 61 -18.52 8.62 10.12
CA GLN B 61 -18.11 10.01 10.14
C GLN B 61 -17.96 10.54 8.70
N HIS B 62 -18.55 9.81 7.78
CA HIS B 62 -18.49 10.18 6.37
C HIS B 62 -18.77 11.68 6.24
N LYS B 63 -19.46 12.21 7.23
CA LYS B 63 -19.81 13.62 7.22
C LYS B 63 -18.53 14.46 7.16
N LYS B 64 -17.48 13.92 7.78
CA LYS B 64 -16.19 14.59 7.80
C LYS B 64 -15.08 13.59 7.51
N LEU B 65 -15.32 12.77 6.49
CA LEU B 65 -14.35 11.76 6.10
C LEU B 65 -13.00 12.43 5.84
N GLU B 66 -13.07 13.68 5.40
CA GLU B 66 -11.86 14.43 5.10
C GLU B 66 -10.95 14.46 6.33
N LYS B 67 -11.54 14.14 7.47
CA LYS B 67 -10.78 14.13 8.72
C LYS B 67 -10.72 12.71 9.25
N CYS B 68 -11.17 11.78 8.42
CA CYS B 68 -11.17 10.37 8.80
C CYS B 68 -10.11 9.64 7.96
N ARG B 69 -9.84 10.21 6.79
CA ARG B 69 -8.86 9.64 5.88
C ARG B 69 -7.55 9.36 6.62
N GLY B 70 -6.92 8.26 6.25
CA GLY B 70 -5.66 7.87 6.87
C GLY B 70 -4.94 6.81 6.03
N VAL B 71 -3.81 6.37 6.56
CA VAL B 71 -3.01 5.37 5.88
C VAL B 71 -2.95 4.10 6.75
N PHE B 72 -2.96 2.96 6.07
CA PHE B 72 -2.91 1.68 6.77
C PHE B 72 -2.14 0.65 5.94
N PRO B 73 -1.40 -0.24 6.67
CA PRO B 73 -0.62 -1.28 6.03
C PRO B 73 -1.53 -2.40 5.50
N GLU B 74 -1.58 -2.50 4.18
CA GLU B 74 -2.39 -3.53 3.55
C GLU B 74 -1.80 -4.92 3.79
N ASN B 75 -0.49 -4.94 3.99
CA ASN B 75 0.21 -6.19 4.23
C ASN B 75 -0.09 -6.67 5.65
N PHE B 76 -0.84 -5.84 6.37
CA PHE B 76 -1.21 -6.17 7.74
C PHE B 76 -2.72 -6.34 7.88
N THR B 77 -3.40 -6.28 6.74
CA THR B 77 -4.84 -6.42 6.72
C THR B 77 -5.26 -7.46 5.68
N GLU B 78 -6.55 -7.75 5.67
CA GLU B 78 -7.09 -8.73 4.73
C GLU B 78 -8.22 -8.10 3.90
N ARG B 79 -8.33 -8.56 2.67
CA ARG B 79 -9.35 -8.05 1.77
C ARG B 79 -10.66 -8.82 1.97
N VAL B 80 -11.75 -8.08 2.04
CA VAL B 80 -13.06 -8.67 2.24
C VAL B 80 -13.85 -8.58 0.93
N PRO B 81 -14.20 -9.77 0.38
CA PRO B 81 -14.95 -9.83 -0.87
C PRO B 81 -16.42 -9.48 -0.63
N LEU A 1 0.44 -15.62 8.43
CA LEU A 1 0.40 -14.47 9.32
C LEU A 1 1.21 -13.32 8.70
N LEU A 2 0.53 -12.21 8.48
CA LEU A 2 1.17 -11.05 7.90
C LEU A 2 1.95 -10.31 8.99
N PRO A 3 3.29 -10.16 8.73
CA PRO A 3 4.15 -9.47 9.67
C PRO A 3 3.94 -7.96 9.61
N THR A 4 4.40 -7.29 10.66
CA THR A 4 4.26 -5.85 10.75
C THR A 4 5.35 -5.16 9.91
N PRO A 5 4.89 -4.15 9.12
CA PRO A 5 5.81 -3.41 8.26
C PRO A 5 6.65 -2.43 9.09
N PRO A 6 7.66 -1.82 8.41
CA PRO A 6 8.54 -0.87 9.06
C PRO A 6 7.83 0.47 9.29
N LEU A 7 8.42 1.28 10.16
CA LEU A 7 7.86 2.58 10.47
C LEU A 7 7.74 3.40 9.19
N SER A 8 6.55 3.96 9.00
CA SER A 8 6.29 4.78 7.82
C SER A 8 6.62 6.24 8.10
N PRO A 9 6.88 7.00 7.01
CA PRO A 9 7.20 8.41 7.13
C PRO A 9 5.96 9.24 7.45
N SER A 10 6.18 10.52 7.71
CA SER A 10 5.09 11.42 8.02
C SER A 10 4.26 11.70 6.76
N ARG A 11 3.24 10.87 6.58
CA ARG A 11 2.37 11.02 5.42
C ARG A 11 1.37 12.16 5.65
N ARG A 12 1.73 13.32 5.12
CA ARG A 12 0.89 14.49 5.25
C ARG A 12 -0.21 14.48 4.18
N SER A 13 -1.44 14.38 4.66
CA SER A 13 -2.59 14.36 3.76
C SER A 13 -3.48 15.58 4.01
N GLY A 14 -4.34 15.86 3.04
CA GLY A 14 -5.24 16.99 3.15
C GLY A 14 -5.85 17.07 4.54
N GLY B 1 -24.73 7.21 12.18
CA GLY B 1 -23.81 6.89 11.11
C GLY B 1 -24.11 7.71 9.85
N ARG B 2 -23.36 7.42 8.80
CA ARG B 2 -23.54 8.12 7.54
C ARG B 2 -24.21 7.21 6.51
N LEU B 3 -25.05 7.82 5.69
CA LEU B 3 -25.77 7.07 4.66
C LEU B 3 -25.01 7.21 3.34
N ASP B 4 -24.47 8.39 3.12
CA ASP B 4 -23.73 8.67 1.90
C ASP B 4 -22.39 7.92 1.94
N LEU B 5 -21.85 7.66 0.77
CA LEU B 5 -20.58 6.96 0.66
C LEU B 5 -19.48 7.95 0.27
N PRO B 6 -18.22 7.57 0.60
CA PRO B 6 -17.08 8.42 0.30
C PRO B 6 -16.75 8.38 -1.21
N PRO B 7 -16.49 9.58 -1.77
CA PRO B 7 -16.17 9.70 -3.18
C PRO B 7 -14.73 9.22 -3.44
N GLY B 8 -14.58 8.48 -4.53
CA GLY B 8 -13.28 7.96 -4.91
C GLY B 8 -13.03 6.60 -4.26
N PHE B 9 -13.72 6.36 -3.16
CA PHE B 9 -13.58 5.11 -2.43
C PHE B 9 -13.36 3.94 -3.40
N MET B 10 -12.60 2.96 -2.93
CA MET B 10 -12.32 1.79 -3.74
C MET B 10 -13.10 0.58 -3.24
N PHE B 11 -12.70 0.09 -2.07
CA PHE B 11 -13.36 -1.06 -1.48
C PHE B 11 -13.13 -1.10 0.03
N LYS B 12 -13.69 -2.13 0.66
CA LYS B 12 -13.56 -2.29 2.09
C LYS B 12 -12.45 -3.31 2.39
N VAL B 13 -11.74 -3.08 3.48
CA VAL B 13 -10.66 -3.96 3.87
C VAL B 13 -10.87 -4.40 5.33
N GLN B 14 -10.15 -5.44 5.71
CA GLN B 14 -10.25 -5.96 7.06
C GLN B 14 -8.85 -6.23 7.63
N ALA B 15 -8.58 -5.59 8.76
CA ALA B 15 -7.29 -5.75 9.41
C ALA B 15 -7.18 -7.16 9.97
N GLN B 16 -5.94 -7.63 10.08
CA GLN B 16 -5.68 -8.96 10.60
C GLN B 16 -4.73 -8.89 11.80
N HIS B 17 -4.34 -7.67 12.13
CA HIS B 17 -3.44 -7.45 13.25
C HIS B 17 -3.80 -6.14 13.96
N ASP B 18 -3.19 -5.94 15.11
CA ASP B 18 -3.44 -4.74 15.89
C ASP B 18 -2.19 -3.86 15.86
N TYR B 19 -2.26 -2.79 15.08
CA TYR B 19 -1.15 -1.87 14.96
C TYR B 19 -1.53 -0.49 15.49
N THR B 20 -1.03 -0.19 16.68
CA THR B 20 -1.31 1.10 17.30
C THR B 20 -0.48 2.19 16.64
N ALA B 21 -1.18 3.10 15.97
CA ALA B 21 -0.52 4.20 15.30
C ALA B 21 -0.91 5.52 15.98
N THR B 22 0.10 6.20 16.50
CA THR B 22 -0.11 7.47 17.18
C THR B 22 0.60 8.60 16.45
N ASP B 23 -0.12 9.26 15.56
CA ASP B 23 0.43 10.35 14.79
C ASP B 23 -0.65 11.43 14.60
N THR B 24 -0.29 12.43 13.81
CA THR B 24 -1.21 13.53 13.53
C THR B 24 -1.96 13.28 12.22
N ASP B 25 -1.67 12.14 11.62
CA ASP B 25 -2.31 11.77 10.37
C ASP B 25 -2.07 10.29 10.10
N GLU B 26 -2.42 9.47 11.09
CA GLU B 26 -2.26 8.03 10.97
C GLU B 26 -3.61 7.33 11.07
N LEU B 27 -3.58 6.02 10.86
CA LEU B 27 -4.79 5.23 10.92
C LEU B 27 -4.56 4.02 11.83
N GLN B 28 -5.26 4.02 12.95
CA GLN B 28 -5.14 2.93 13.91
C GLN B 28 -5.94 1.71 13.44
N LEU B 29 -5.33 0.55 13.58
CA LEU B 29 -5.97 -0.69 13.18
C LEU B 29 -5.90 -1.70 14.33
N LYS B 30 -6.94 -2.51 14.43
CA LYS B 30 -7.01 -3.52 15.48
C LYS B 30 -7.32 -4.88 14.84
N ALA B 31 -6.52 -5.86 15.22
CA ALA B 31 -6.70 -7.21 14.70
C ALA B 31 -8.19 -7.51 14.57
N GLY B 32 -8.71 -7.32 13.36
CA GLY B 32 -10.11 -7.56 13.09
C GLY B 32 -10.89 -6.25 13.02
N ASP B 33 -10.32 -5.29 12.30
CA ASP B 33 -10.94 -3.99 12.14
C ASP B 33 -11.43 -3.83 10.70
N VAL B 34 -12.20 -2.78 10.49
CA VAL B 34 -12.73 -2.50 9.16
C VAL B 34 -12.19 -1.17 8.66
N VAL B 35 -11.63 -1.20 7.46
CA VAL B 35 -11.07 0.00 6.85
C VAL B 35 -11.47 0.06 5.38
N LEU B 36 -11.69 1.28 4.91
CA LEU B 36 -12.08 1.48 3.51
C LEU B 36 -10.91 2.10 2.76
N VAL B 37 -10.63 1.53 1.59
CA VAL B 37 -9.55 2.01 0.75
C VAL B 37 -10.05 3.16 -0.12
N ILE B 38 -9.49 4.33 0.13
CA ILE B 38 -9.87 5.53 -0.61
C ILE B 38 -8.63 6.08 -1.33
N PRO B 39 -8.90 6.78 -2.46
CA PRO B 39 -7.83 7.38 -3.24
C PRO B 39 -7.27 8.63 -2.56
N PHE B 40 -6.00 8.55 -2.20
CA PHE B 40 -5.34 9.67 -1.54
C PHE B 40 -5.35 10.91 -2.42
N GLN B 41 -4.70 11.95 -1.93
CA GLN B 41 -4.64 13.21 -2.66
C GLN B 41 -3.53 13.14 -3.72
N ASN B 42 -2.55 12.29 -3.45
CA ASN B 42 -1.43 12.13 -4.37
C ASN B 42 -0.69 10.84 -4.03
N PRO B 43 -0.10 10.22 -5.09
CA PRO B 43 0.66 8.99 -4.91
C PRO B 43 2.01 9.25 -4.27
N GLU B 44 2.45 10.51 -4.37
CA GLU B 44 3.72 10.91 -3.80
C GLU B 44 3.66 10.87 -2.27
N GLU B 45 2.45 11.06 -1.75
CA GLU B 45 2.23 11.06 -0.32
C GLU B 45 2.13 9.62 0.19
N GLN B 46 1.66 8.74 -0.68
CA GLN B 46 1.51 7.34 -0.32
C GLN B 46 2.84 6.78 0.18
N ASP B 47 2.74 5.98 1.23
CA ASP B 47 3.92 5.36 1.82
C ASP B 47 4.08 3.94 1.27
N GLU B 48 5.32 3.49 1.25
CA GLU B 48 5.63 2.15 0.76
C GLU B 48 5.18 1.10 1.78
N GLY B 49 4.18 0.32 1.38
CA GLY B 49 3.65 -0.72 2.24
C GLY B 49 2.41 -0.24 2.98
N TRP B 50 2.09 1.03 2.77
CA TRP B 50 0.93 1.62 3.41
C TRP B 50 0.19 2.45 2.36
N LEU B 51 -1.09 2.69 2.64
CA LEU B 51 -1.91 3.48 1.73
C LEU B 51 -2.90 4.32 2.54
N MET B 52 -3.60 5.20 1.83
CA MET B 52 -4.58 6.06 2.48
C MET B 52 -5.94 5.37 2.55
N GLY B 53 -6.36 5.09 3.78
CA GLY B 53 -7.64 4.44 4.00
C GLY B 53 -8.40 5.09 5.16
N VAL B 54 -9.60 4.59 5.40
CA VAL B 54 -10.43 5.11 6.47
C VAL B 54 -11.09 3.96 7.21
N LYS B 55 -11.25 4.15 8.52
CA LYS B 55 -11.86 3.13 9.35
C LYS B 55 -13.39 3.22 9.23
N GLU B 56 -14.05 2.14 9.62
CA GLU B 56 -15.50 2.09 9.56
C GLU B 56 -16.11 3.24 10.38
N SER B 57 -15.53 3.44 11.56
CA SER B 57 -16.00 4.49 12.44
C SER B 57 -15.88 5.86 11.75
N ASP B 58 -14.73 6.06 11.11
CA ASP B 58 -14.47 7.30 10.41
C ASP B 58 -15.53 7.50 9.33
N TRP B 59 -15.98 6.38 8.77
CA TRP B 59 -16.98 6.43 7.72
C TRP B 59 -18.15 7.26 8.23
N ASN B 60 -18.58 6.94 9.45
CA ASN B 60 -19.69 7.66 10.06
C ASN B 60 -19.28 9.11 10.33
N GLN B 61 -17.97 9.31 10.44
CA GLN B 61 -17.44 10.63 10.70
C GLN B 61 -17.33 11.42 9.39
N HIS B 62 -18.03 10.94 8.38
CA HIS B 62 -18.01 11.58 7.08
C HIS B 62 -18.15 13.10 7.25
N LYS B 63 -18.73 13.48 8.39
CA LYS B 63 -18.93 14.88 8.68
C LYS B 63 -17.58 15.60 8.64
N LYS B 64 -16.53 14.86 8.98
CA LYS B 64 -15.19 15.42 8.98
C LYS B 64 -14.21 14.38 8.44
N LEU B 65 -14.54 13.88 7.25
CA LEU B 65 -13.70 12.88 6.60
C LEU B 65 -12.30 13.47 6.37
N GLU B 66 -12.28 14.77 6.14
CA GLU B 66 -11.02 15.47 5.91
C GLU B 66 -10.09 15.30 7.11
N LYS B 67 -10.69 14.93 8.23
CA LYS B 67 -9.93 14.74 9.46
C LYS B 67 -9.97 13.26 9.87
N CYS B 68 -10.52 12.46 8.96
CA CYS B 68 -10.63 11.03 9.21
C CYS B 68 -9.55 10.32 8.41
N ARG B 69 -9.12 10.98 7.33
CA ARG B 69 -8.10 10.42 6.47
C ARG B 69 -6.90 9.96 7.29
N GLY B 70 -6.39 8.79 6.94
CA GLY B 70 -5.24 8.23 7.64
C GLY B 70 -4.46 7.27 6.74
N VAL B 71 -3.39 6.73 7.29
CA VAL B 71 -2.56 5.79 6.55
C VAL B 71 -2.48 4.47 7.31
N PHE B 72 -2.48 3.39 6.56
CA PHE B 72 -2.41 2.06 7.14
C PHE B 72 -1.65 1.10 6.23
N PRO B 73 -0.94 0.13 6.88
CA PRO B 73 -0.17 -0.85 6.14
C PRO B 73 -1.08 -1.91 5.51
N GLU B 74 -1.06 -1.94 4.19
CA GLU B 74 -1.88 -2.89 3.46
C GLU B 74 -1.38 -4.31 3.68
N ASN B 75 -0.07 -4.42 3.88
CA ASN B 75 0.55 -5.71 4.12
C ASN B 75 0.17 -6.23 5.50
N PHE B 76 -0.53 -5.38 6.24
CA PHE B 76 -0.97 -5.73 7.58
C PHE B 76 -2.48 -5.87 7.64
N THR B 77 -3.12 -5.66 6.49
CA THR B 77 -4.57 -5.75 6.40
C THR B 77 -4.97 -6.73 5.29
N GLU B 78 -6.26 -6.90 5.13
CA GLU B 78 -6.79 -7.79 4.11
C GLU B 78 -7.90 -7.10 3.32
N ARG B 79 -8.04 -7.50 2.06
CA ARG B 79 -9.05 -6.93 1.19
C ARG B 79 -10.36 -7.70 1.33
N VAL B 80 -11.44 -6.95 1.51
CA VAL B 80 -12.76 -7.54 1.66
C VAL B 80 -13.56 -7.32 0.38
N PRO B 81 -13.89 -8.45 -0.30
CA PRO B 81 -14.66 -8.38 -1.53
C PRO B 81 -16.13 -8.07 -1.25
N LEU A 1 0.44 -15.62 8.43
CA LEU A 1 0.40 -14.47 9.32
C LEU A 1 1.21 -13.33 8.69
N LEU A 2 0.53 -12.22 8.48
CA LEU A 2 1.17 -11.05 7.89
C LEU A 2 1.94 -10.30 8.98
N PRO A 3 3.27 -10.14 8.73
CA PRO A 3 4.13 -9.46 9.67
C PRO A 3 3.92 -7.95 9.61
N THR A 4 4.14 -7.30 10.75
CA THR A 4 3.98 -5.86 10.84
C THR A 4 5.05 -5.15 10.02
N PRO A 5 4.60 -4.16 9.20
CA PRO A 5 5.51 -3.40 8.37
C PRO A 5 6.30 -2.38 9.21
N PRO A 6 7.31 -1.76 8.56
CA PRO A 6 8.14 -0.77 9.22
C PRO A 6 7.38 0.55 9.41
N LEU A 7 7.91 1.38 10.29
CA LEU A 7 7.30 2.67 10.57
C LEU A 7 7.22 3.48 9.27
N SER A 8 6.03 4.00 9.01
CA SER A 8 5.81 4.80 7.81
C SER A 8 6.04 6.27 8.11
N PRO A 9 6.37 7.04 7.03
CA PRO A 9 6.63 8.45 7.17
C PRO A 9 5.32 9.23 7.37
N SER A 10 5.47 10.52 7.66
CA SER A 10 4.31 11.37 7.87
C SER A 10 3.61 11.64 6.54
N ARG A 11 2.69 10.76 6.20
CA ARG A 11 1.94 10.89 4.96
C ARG A 11 0.83 11.93 5.13
N ARG A 12 0.96 13.01 4.37
CA ARG A 12 -0.02 14.08 4.43
C ARG A 12 -1.19 13.77 3.49
N SER A 13 -2.37 13.67 4.09
CA SER A 13 -3.57 13.38 3.32
C SER A 13 -4.46 14.62 3.24
N GLY A 14 -4.08 15.51 2.34
CA GLY A 14 -4.82 16.75 2.15
C GLY A 14 -4.40 17.81 3.17
N GLY B 1 -25.34 6.77 9.50
CA GLY B 1 -24.28 6.64 8.51
C GLY B 1 -24.43 7.70 7.41
N ARG B 2 -23.52 7.63 6.44
CA ARG B 2 -23.55 8.57 5.33
C ARG B 2 -24.75 8.30 4.43
N LEU B 3 -24.76 8.99 3.29
CA LEU B 3 -25.84 8.84 2.34
C LEU B 3 -25.26 8.43 0.99
N ASP B 4 -24.17 9.08 0.62
CA ASP B 4 -23.52 8.80 -0.65
C ASP B 4 -22.17 8.11 -0.38
N LEU B 5 -21.74 7.33 -1.35
CA LEU B 5 -20.47 6.62 -1.23
C LEU B 5 -19.33 7.55 -1.65
N PRO B 6 -18.10 7.19 -1.19
CA PRO B 6 -16.92 7.97 -1.51
C PRO B 6 -16.49 7.75 -2.96
N PRO B 7 -16.19 8.88 -3.65
CA PRO B 7 -15.76 8.83 -5.04
C PRO B 7 -14.31 8.34 -5.14
N GLY B 8 -14.08 7.53 -6.17
CA GLY B 8 -12.74 6.98 -6.39
C GLY B 8 -12.56 5.66 -5.64
N PHE B 9 -13.36 5.49 -4.61
CA PHE B 9 -13.30 4.28 -3.80
C PHE B 9 -12.99 3.06 -4.67
N MET B 10 -12.28 2.11 -4.08
CA MET B 10 -11.92 0.89 -4.78
C MET B 10 -12.76 -0.29 -4.29
N PHE B 11 -12.46 -0.74 -3.09
CA PHE B 11 -13.18 -1.86 -2.49
C PHE B 11 -13.01 -1.87 -0.97
N LYS B 12 -13.68 -2.82 -0.35
CA LYS B 12 -13.63 -2.96 1.09
C LYS B 12 -12.53 -3.96 1.47
N VAL B 13 -11.79 -3.62 2.52
CA VAL B 13 -10.71 -4.47 2.98
C VAL B 13 -11.00 -4.92 4.43
N GLN B 14 -10.24 -5.90 4.87
CA GLN B 14 -10.40 -6.42 6.22
C GLN B 14 -9.04 -6.56 6.89
N ALA B 15 -8.95 -6.00 8.10
CA ALA B 15 -7.71 -6.07 8.86
C ALA B 15 -7.56 -7.46 9.46
N GLN B 16 -6.31 -7.89 9.57
CA GLN B 16 -6.01 -9.20 10.12
C GLN B 16 -5.17 -9.06 11.40
N HIS B 17 -4.88 -7.81 11.74
CA HIS B 17 -4.08 -7.52 12.93
C HIS B 17 -4.54 -6.19 13.53
N ASP B 18 -4.05 -5.94 14.73
CA ASP B 18 -4.40 -4.71 15.43
C ASP B 18 -3.18 -3.79 15.46
N TYR B 19 -3.23 -2.78 14.60
CA TYR B 19 -2.14 -1.82 14.51
C TYR B 19 -2.60 -0.43 14.98
N THR B 20 -2.06 -0.02 16.12
CA THR B 20 -2.40 1.27 16.68
C THR B 20 -1.58 2.38 16.01
N ALA B 21 -2.28 3.24 15.29
CA ALA B 21 -1.63 4.33 14.59
C ALA B 21 -2.07 5.66 15.22
N THR B 22 -1.09 6.37 15.76
CA THR B 22 -1.37 7.65 16.39
C THR B 22 -0.62 8.77 15.67
N ASP B 23 -1.32 9.39 14.72
CA ASP B 23 -0.74 10.47 13.95
C ASP B 23 -1.80 11.53 13.69
N THR B 24 -1.43 12.53 12.90
CA THR B 24 -2.34 13.61 12.57
C THR B 24 -3.16 13.25 11.33
N ASP B 25 -2.89 12.07 10.80
CA ASP B 25 -3.58 11.60 9.61
C ASP B 25 -3.34 10.10 9.44
N GLU B 26 -3.26 9.41 10.57
CA GLU B 26 -3.03 7.98 10.56
C GLU B 26 -4.36 7.23 10.56
N LEU B 27 -4.29 5.95 10.22
CA LEU B 27 -5.47 5.11 10.20
C LEU B 27 -5.28 3.92 11.15
N GLN B 28 -6.09 3.91 12.20
CA GLN B 28 -6.01 2.84 13.18
C GLN B 28 -6.84 1.63 12.71
N LEU B 29 -6.26 0.46 12.89
CA LEU B 29 -6.92 -0.77 12.49
C LEU B 29 -6.88 -1.76 13.67
N LYS B 30 -7.89 -2.62 13.69
CA LYS B 30 -7.98 -3.63 14.74
C LYS B 30 -8.20 -5.00 14.12
N ALA B 31 -7.40 -5.96 14.57
CA ALA B 31 -7.51 -7.32 14.06
C ALA B 31 -8.98 -7.66 13.81
N GLY B 32 -9.36 -7.57 12.55
CA GLY B 32 -10.74 -7.87 12.16
C GLY B 32 -11.55 -6.58 12.00
N ASP B 33 -10.94 -5.62 11.32
CA ASP B 33 -11.59 -4.35 11.09
C ASP B 33 -11.94 -4.23 9.60
N VAL B 34 -12.73 -3.20 9.29
CA VAL B 34 -13.16 -2.97 7.92
C VAL B 34 -12.62 -1.62 7.44
N VAL B 35 -11.93 -1.65 6.32
CA VAL B 35 -11.37 -0.44 5.75
C VAL B 35 -11.64 -0.41 4.25
N LEU B 36 -11.90 0.79 3.75
CA LEU B 36 -12.18 0.98 2.33
C LEU B 36 -10.94 1.55 1.65
N VAL B 37 -10.60 0.95 0.52
CA VAL B 37 -9.46 1.40 -0.25
C VAL B 37 -9.87 2.51 -1.20
N ILE B 38 -9.41 3.72 -0.90
CA ILE B 38 -9.74 4.87 -1.73
C ILE B 38 -8.45 5.41 -2.36
N PRO B 39 -8.64 6.06 -3.54
CA PRO B 39 -7.51 6.63 -4.26
C PRO B 39 -7.01 7.90 -3.58
N PHE B 40 -5.77 7.83 -3.11
CA PHE B 40 -5.16 8.98 -2.43
C PHE B 40 -5.15 10.21 -3.34
N GLN B 41 -4.52 11.26 -2.85
CA GLN B 41 -4.43 12.49 -3.60
C GLN B 41 -3.22 12.46 -4.55
N ASN B 42 -2.47 11.38 -4.45
CA ASN B 42 -1.29 11.21 -5.27
C ASN B 42 -0.54 9.95 -4.83
N PRO B 43 0.12 9.30 -5.83
CA PRO B 43 0.89 8.09 -5.54
C PRO B 43 2.20 8.43 -4.84
N GLU B 44 2.63 9.67 -5.01
CA GLU B 44 3.87 10.13 -4.40
C GLU B 44 3.70 10.24 -2.88
N GLU B 45 2.46 10.42 -2.47
CA GLU B 45 2.15 10.53 -1.06
C GLU B 45 1.96 9.15 -0.43
N GLN B 46 1.82 8.15 -1.30
CA GLN B 46 1.63 6.79 -0.86
C GLN B 46 2.92 6.26 -0.24
N ASP B 47 2.76 5.55 0.88
CA ASP B 47 3.90 4.99 1.58
C ASP B 47 4.10 3.54 1.12
N GLU B 48 5.37 3.12 1.14
CA GLU B 48 5.70 1.77 0.73
C GLU B 48 5.19 0.76 1.76
N GLY B 49 4.20 -0.02 1.34
CA GLY B 49 3.63 -1.03 2.21
C GLY B 49 2.36 -0.50 2.89
N TRP B 50 2.03 0.74 2.57
CA TRP B 50 0.85 1.38 3.14
C TRP B 50 0.15 2.15 2.03
N LEU B 51 -1.17 2.22 2.13
CA LEU B 51 -1.96 2.93 1.15
C LEU B 51 -3.01 3.79 1.86
N MET B 52 -3.69 4.61 1.08
CA MET B 52 -4.71 5.48 1.63
C MET B 52 -6.07 4.77 1.68
N GLY B 53 -6.53 4.55 2.89
CA GLY B 53 -7.82 3.89 3.10
C GLY B 53 -8.60 4.55 4.23
N VAL B 54 -9.84 4.09 4.39
CA VAL B 54 -10.70 4.62 5.43
C VAL B 54 -11.45 3.48 6.11
N LYS B 55 -11.67 3.65 7.40
CA LYS B 55 -12.36 2.63 8.18
C LYS B 55 -13.87 2.73 7.91
N GLU B 56 -14.56 1.65 8.22
CA GLU B 56 -16.00 1.61 8.02
C GLU B 56 -16.69 2.72 8.79
N SER B 57 -16.24 2.91 10.03
CA SER B 57 -16.80 3.94 10.88
C SER B 57 -16.63 5.31 10.22
N ASP B 58 -15.48 5.48 9.56
CA ASP B 58 -15.19 6.73 8.89
C ASP B 58 -16.17 6.92 7.72
N TRP B 59 -16.56 5.80 7.13
CA TRP B 59 -17.48 5.84 6.02
C TRP B 59 -18.70 6.68 6.42
N ASN B 60 -19.20 6.40 7.62
CA ASN B 60 -20.35 7.12 8.14
C ASN B 60 -20.03 8.62 8.18
N GLN B 61 -18.74 8.91 8.30
CA GLN B 61 -18.29 10.28 8.35
C GLN B 61 -17.92 10.79 6.96
N HIS B 62 -18.39 10.05 5.96
CA HIS B 62 -18.13 10.40 4.58
C HIS B 62 -18.36 11.90 4.38
N LYS B 63 -19.17 12.46 5.25
CA LYS B 63 -19.49 13.88 5.18
C LYS B 63 -18.19 14.68 5.26
N LYS B 64 -17.22 14.13 5.97
CA LYS B 64 -15.93 14.78 6.12
C LYS B 64 -14.82 13.79 5.83
N LEU B 65 -14.96 13.10 4.71
CA LEU B 65 -13.97 12.12 4.29
C LEU B 65 -12.59 12.78 4.24
N GLU B 66 -12.60 14.06 3.92
CA GLU B 66 -11.36 14.82 3.84
C GLU B 66 -10.67 14.86 5.21
N LYS B 67 -11.46 14.60 6.24
CA LYS B 67 -10.95 14.61 7.59
C LYS B 67 -11.02 13.20 8.18
N CYS B 68 -11.38 12.26 7.32
CA CYS B 68 -11.48 10.87 7.73
C CYS B 68 -10.38 10.07 7.03
N ARG B 69 -9.74 10.72 6.07
CA ARG B 69 -8.66 10.09 5.33
C ARG B 69 -7.53 9.67 6.27
N GLY B 70 -6.83 8.62 5.89
CA GLY B 70 -5.73 8.12 6.69
C GLY B 70 -4.87 7.14 5.88
N VAL B 71 -3.83 6.63 6.54
CA VAL B 71 -2.93 5.70 5.89
C VAL B 71 -2.84 4.43 6.73
N PHE B 72 -2.75 3.30 6.04
CA PHE B 72 -2.65 2.01 6.72
C PHE B 72 -1.84 1.02 5.87
N PRO B 73 -1.16 0.08 6.60
CA PRO B 73 -0.35 -0.93 5.93
C PRO B 73 -1.23 -2.00 5.28
N GLU B 74 -1.16 -2.06 3.97
CA GLU B 74 -1.93 -3.03 3.22
C GLU B 74 -1.41 -4.44 3.46
N ASN B 75 -0.12 -4.52 3.74
CA ASN B 75 0.52 -5.80 4.01
C ASN B 75 0.08 -6.30 5.38
N PHE B 76 -0.67 -5.47 6.07
CA PHE B 76 -1.16 -5.82 7.39
C PHE B 76 -2.68 -6.01 7.38
N THR B 77 -3.25 -5.88 6.19
CA THR B 77 -4.69 -6.04 6.03
C THR B 77 -4.98 -7.03 4.91
N GLU B 78 -6.27 -7.24 4.67
CA GLU B 78 -6.71 -8.16 3.63
C GLU B 78 -7.78 -7.50 2.76
N ARG B 79 -7.80 -7.92 1.50
CA ARG B 79 -8.76 -7.39 0.55
C ARG B 79 -10.04 -8.22 0.57
N VAL B 80 -11.17 -7.52 0.62
CA VAL B 80 -12.46 -8.18 0.64
C VAL B 80 -13.18 -7.92 -0.68
N PRO B 81 -13.42 -9.03 -1.44
CA PRO B 81 -14.10 -8.92 -2.72
C PRO B 81 -15.60 -8.69 -2.53
N LEU A 1 0.44 -15.62 8.43
CA LEU A 1 0.40 -14.47 9.32
C LEU A 1 1.65 -13.62 9.08
N LEU A 2 1.40 -12.36 8.73
CA LEU A 2 2.49 -11.43 8.46
C LEU A 2 3.03 -10.89 9.80
N PRO A 3 4.35 -11.13 10.02
CA PRO A 3 4.99 -10.67 11.24
C PRO A 3 5.22 -9.16 11.22
N THR A 4 5.29 -8.58 12.41
CA THR A 4 5.51 -7.15 12.53
C THR A 4 6.94 -6.80 12.13
N PRO A 5 7.06 -5.73 11.30
CA PRO A 5 8.36 -5.27 10.85
C PRO A 5 9.11 -4.53 11.96
N PRO A 6 10.41 -4.23 11.69
CA PRO A 6 11.24 -3.53 12.65
C PRO A 6 10.87 -2.05 12.72
N LEU A 7 11.34 -1.40 13.78
CA LEU A 7 11.06 0.01 13.97
C LEU A 7 11.58 0.79 12.77
N SER A 8 10.70 1.65 12.24
CA SER A 8 11.05 2.46 11.09
C SER A 8 11.64 3.79 11.54
N PRO A 9 12.44 4.42 10.63
CA PRO A 9 13.06 5.70 10.94
C PRO A 9 12.05 6.83 10.88
N SER A 10 12.51 8.02 11.27
CA SER A 10 11.64 9.19 11.26
C SER A 10 11.36 9.62 9.82
N ARG A 11 10.26 9.13 9.29
CA ARG A 11 9.86 9.46 7.93
C ARG A 11 9.22 10.85 7.88
N ARG A 12 9.89 11.75 7.17
CA ARG A 12 9.41 13.11 7.03
C ARG A 12 8.66 13.28 5.72
N SER A 13 7.37 13.57 5.84
CA SER A 13 6.53 13.76 4.66
C SER A 13 5.42 14.77 4.97
N GLY A 14 4.60 14.40 5.95
CA GLY A 14 3.49 15.26 6.35
C GLY A 14 3.47 15.45 7.87
N GLY B 1 -18.06 12.74 5.09
CA GLY B 1 -16.71 12.53 4.60
C GLY B 1 -16.28 13.64 3.64
N ARG B 2 -15.10 13.47 3.08
CA ARG B 2 -14.57 14.45 2.15
C ARG B 2 -15.47 14.55 0.90
N LEU B 3 -15.01 15.33 -0.06
CA LEU B 3 -15.75 15.51 -1.30
C LEU B 3 -14.87 15.11 -2.48
N ASP B 4 -13.61 15.51 -2.40
CA ASP B 4 -12.66 15.20 -3.45
C ASP B 4 -11.71 14.10 -2.97
N LEU B 5 -11.18 13.36 -3.94
CA LEU B 5 -10.26 12.28 -3.63
C LEU B 5 -8.83 12.81 -3.63
N PRO B 6 -7.92 12.04 -2.97
CA PRO B 6 -6.53 12.43 -2.89
C PRO B 6 -5.81 12.17 -4.22
N PRO B 7 -5.03 13.20 -4.67
CA PRO B 7 -4.30 13.10 -5.92
C PRO B 7 -3.08 12.20 -5.76
N GLY B 8 -2.79 11.45 -6.82
CA GLY B 8 -1.66 10.54 -6.82
C GLY B 8 -2.05 9.17 -6.27
N PHE B 9 -3.11 9.17 -5.47
CA PHE B 9 -3.60 7.93 -4.88
C PHE B 9 -3.45 6.76 -5.85
N MET B 10 -3.21 5.59 -5.27
CA MET B 10 -3.04 4.39 -6.07
C MET B 10 -4.23 3.44 -5.90
N PHE B 11 -4.33 2.86 -4.71
CA PHE B 11 -5.40 1.94 -4.40
C PHE B 11 -5.64 1.85 -2.90
N LYS B 12 -6.61 1.02 -2.53
CA LYS B 12 -6.93 0.83 -1.13
C LYS B 12 -6.29 -0.46 -0.62
N VAL B 13 -5.92 -0.44 0.65
CA VAL B 13 -5.29 -1.60 1.26
C VAL B 13 -6.08 -2.00 2.51
N GLN B 14 -5.77 -3.18 3.01
CA GLN B 14 -6.44 -3.69 4.20
C GLN B 14 -5.41 -4.25 5.18
N ALA B 15 -5.44 -3.71 6.40
CA ALA B 15 -4.52 -4.14 7.44
C ALA B 15 -4.93 -5.54 7.92
N GLN B 16 -3.92 -6.33 8.26
CA GLN B 16 -4.15 -7.68 8.73
C GLN B 16 -3.68 -7.83 10.18
N HIS B 17 -3.21 -6.71 10.73
CA HIS B 17 -2.73 -6.70 12.10
C HIS B 17 -3.00 -5.33 12.73
N ASP B 18 -2.81 -5.27 14.04
CA ASP B 18 -3.02 -4.04 14.77
C ASP B 18 -1.68 -3.50 15.27
N TYR B 19 -1.16 -2.52 14.56
CA TYR B 19 0.11 -1.91 14.92
C TYR B 19 -0.08 -0.46 15.36
N THR B 20 0.27 -0.21 16.61
CA THR B 20 0.15 1.13 17.17
C THR B 20 1.35 1.98 16.78
N ALA B 21 1.09 3.01 15.98
CA ALA B 21 2.14 3.90 15.54
C ALA B 21 1.96 5.27 16.20
N THR B 22 2.95 5.64 17.01
CA THR B 22 2.91 6.91 17.70
C THR B 22 4.11 7.77 17.31
N ASP B 23 3.88 8.62 16.32
CA ASP B 23 4.93 9.50 15.83
C ASP B 23 4.33 10.86 15.47
N THR B 24 5.17 11.73 14.94
CA THR B 24 4.73 13.05 14.55
C THR B 24 4.14 13.03 13.13
N ASP B 25 4.23 11.87 12.50
CA ASP B 25 3.70 11.70 11.17
C ASP B 25 3.57 10.20 10.86
N GLU B 26 3.15 9.46 11.87
CA GLU B 26 2.99 8.02 11.72
C GLU B 26 1.55 7.69 11.32
N LEU B 27 1.33 6.44 10.97
CA LEU B 27 0.01 5.98 10.56
C LEU B 27 -0.35 4.72 11.34
N GLN B 28 -1.36 4.85 12.19
CA GLN B 28 -1.81 3.72 12.99
C GLN B 28 -2.69 2.79 12.16
N LEU B 29 -2.52 1.50 12.38
CA LEU B 29 -3.30 0.51 11.66
C LEU B 29 -3.96 -0.44 12.66
N LYS B 30 -5.06 -1.04 12.23
CA LYS B 30 -5.79 -1.96 13.08
C LYS B 30 -6.09 -3.24 12.28
N ALA B 31 -5.74 -4.36 12.87
CA ALA B 31 -5.96 -5.65 12.23
C ALA B 31 -7.32 -5.63 11.54
N GLY B 32 -7.29 -5.36 10.25
CA GLY B 32 -8.51 -5.31 9.46
C GLY B 32 -8.94 -3.86 9.21
N ASP B 33 -7.96 -2.99 9.09
CA ASP B 33 -8.22 -1.58 8.85
C ASP B 33 -8.13 -1.29 7.35
N VAL B 34 -8.56 -0.10 6.99
CA VAL B 34 -8.53 0.32 5.59
C VAL B 34 -7.55 1.48 5.42
N VAL B 35 -6.63 1.31 4.50
CA VAL B 35 -5.63 2.35 4.23
C VAL B 35 -5.51 2.54 2.72
N LEU B 36 -5.29 3.78 2.33
CA LEU B 36 -5.14 4.12 0.92
C LEU B 36 -3.65 4.34 0.61
N VAL B 37 -3.19 3.69 -0.44
CA VAL B 37 -1.81 3.82 -0.86
C VAL B 37 -1.65 5.05 -1.76
N ILE B 38 -0.99 6.06 -1.22
CA ILE B 38 -0.77 7.29 -1.95
C ILE B 38 0.74 7.48 -2.19
N PRO B 39 1.06 8.21 -3.28
CA PRO B 39 2.45 8.47 -3.63
C PRO B 39 3.05 9.52 -2.70
N PHE B 40 4.06 9.10 -1.95
CA PHE B 40 4.72 9.99 -1.02
C PHE B 40 5.31 11.20 -1.76
N GLN B 41 6.07 11.99 -1.01
CA GLN B 41 6.69 13.18 -1.58
C GLN B 41 8.01 12.83 -2.26
N ASN B 42 8.53 11.66 -1.89
CA ASN B 42 9.79 11.20 -2.46
C ASN B 42 10.07 9.78 -1.96
N PRO B 43 10.83 9.01 -2.80
CA PRO B 43 11.17 7.64 -2.46
C PRO B 43 12.25 7.60 -1.39
N GLU B 44 12.97 8.71 -1.26
CA GLU B 44 14.03 8.82 -0.28
C GLU B 44 13.46 8.84 1.13
N GLU B 45 12.23 9.33 1.23
CA GLU B 45 11.56 9.41 2.52
C GLU B 45 10.93 8.06 2.86
N GLN B 46 10.57 7.32 1.83
CA GLN B 46 9.96 6.02 2.02
C GLN B 46 10.85 5.13 2.90
N ASP B 47 10.21 4.42 3.81
CA ASP B 47 10.93 3.54 4.71
C ASP B 47 10.89 2.12 4.17
N GLU B 48 11.94 1.36 4.47
CA GLU B 48 12.03 -0.01 4.02
C GLU B 48 11.02 -0.88 4.77
N GLY B 49 10.05 -1.39 4.03
CA GLY B 49 9.03 -2.25 4.61
C GLY B 49 7.77 -1.43 4.94
N TRP B 50 7.87 -0.14 4.73
CA TRP B 50 6.75 0.75 5.01
C TRP B 50 6.62 1.74 3.83
N LEU B 51 5.44 2.31 3.70
CA LEU B 51 5.18 3.26 2.64
C LEU B 51 4.23 4.35 3.15
N MET B 52 4.04 5.36 2.32
CA MET B 52 3.17 6.47 2.67
C MET B 52 1.72 6.17 2.27
N GLY B 53 0.88 6.04 3.28
CA GLY B 53 -0.53 5.76 3.05
C GLY B 53 -1.41 6.55 4.01
N VAL B 54 -2.71 6.40 3.82
CA VAL B 54 -3.68 7.10 4.67
C VAL B 54 -4.82 6.15 5.01
N LYS B 55 -5.34 6.30 6.22
CA LYS B 55 -6.43 5.47 6.68
C LYS B 55 -7.74 5.98 6.09
N GLU B 56 -8.74 5.11 6.09
CA GLU B 56 -10.04 5.47 5.56
C GLU B 56 -10.62 6.67 6.30
N SER B 57 -10.47 6.64 7.61
CA SER B 57 -10.96 7.72 8.45
C SER B 57 -10.27 9.03 8.08
N ASP B 58 -8.99 8.90 7.75
CA ASP B 58 -8.20 10.07 7.37
C ASP B 58 -8.75 10.65 6.06
N TRP B 59 -9.24 9.75 5.22
CA TRP B 59 -9.79 10.16 3.94
C TRP B 59 -10.83 11.26 4.20
N ASN B 60 -11.69 10.98 5.16
CA ASN B 60 -12.74 11.93 5.52
C ASN B 60 -12.11 13.27 5.88
N GLN B 61 -10.86 13.20 6.34
CA GLN B 61 -10.13 14.39 6.72
C GLN B 61 -9.28 14.89 5.56
N HIS B 62 -9.62 14.42 4.37
CA HIS B 62 -8.90 14.82 3.17
C HIS B 62 -8.68 16.33 3.18
N LYS B 63 -9.55 17.02 3.90
CA LYS B 63 -9.47 18.47 4.00
C LYS B 63 -8.10 18.86 4.55
N LYS B 64 -7.56 17.98 5.38
CA LYS B 64 -6.26 18.22 5.99
C LYS B 64 -5.43 16.94 5.92
N LEU B 65 -5.40 16.35 4.73
CA LEU B 65 -4.66 15.12 4.52
C LEU B 65 -3.16 15.42 4.60
N GLU B 66 -2.81 16.65 4.21
CA GLU B 66 -1.43 17.09 4.24
C GLU B 66 -0.81 16.84 5.61
N LYS B 67 -1.63 17.02 6.64
CA LYS B 67 -1.19 16.84 7.99
C LYS B 67 -1.77 15.54 8.55
N CYS B 68 -2.38 14.78 7.65
CA CYS B 68 -2.99 13.50 8.03
C CYS B 68 -2.10 12.38 7.50
N ARG B 69 -1.25 12.73 6.54
CA ARG B 69 -0.35 11.76 5.95
C ARG B 69 0.41 11.01 7.05
N GLY B 70 0.83 9.79 6.72
CA GLY B 70 1.57 8.98 7.65
C GLY B 70 2.29 7.83 6.94
N VAL B 71 2.95 7.00 7.73
CA VAL B 71 3.68 5.86 7.18
C VAL B 71 3.20 4.58 7.85
N PHE B 72 3.14 3.52 7.06
CA PHE B 72 2.71 2.23 7.57
C PHE B 72 3.44 1.09 6.89
N PRO B 73 3.63 -0.02 7.65
CA PRO B 73 4.32 -1.19 7.13
C PRO B 73 3.44 -1.97 6.14
N GLU B 74 3.88 -2.01 4.90
CA GLU B 74 3.14 -2.70 3.87
C GLU B 74 3.20 -4.22 4.10
N ASN B 75 4.29 -4.64 4.70
CA ASN B 75 4.48 -6.05 4.99
C ASN B 75 3.55 -6.48 6.13
N PHE B 76 2.86 -5.48 6.68
CA PHE B 76 1.94 -5.73 7.77
C PHE B 76 0.50 -5.49 7.33
N THR B 77 0.34 -5.16 6.06
CA THR B 77 -0.98 -4.91 5.51
C THR B 77 -1.17 -5.72 4.23
N GLU B 78 -2.36 -5.56 3.64
CA GLU B 78 -2.69 -6.27 2.41
C GLU B 78 -3.26 -5.30 1.38
N ARG B 79 -2.93 -5.55 0.13
CA ARG B 79 -3.40 -4.71 -0.96
C ARG B 79 -4.79 -5.17 -1.43
N VAL B 80 -5.65 -4.20 -1.63
CA VAL B 80 -7.01 -4.50 -2.07
C VAL B 80 -7.14 -4.16 -3.56
N PRO B 81 -7.86 -5.04 -4.29
CA PRO B 81 -8.08 -4.85 -5.71
C PRO B 81 -9.10 -3.73 -5.97
N LEU A 1 0.44 -15.62 8.43
CA LEU A 1 0.40 -14.47 9.32
C LEU A 1 1.69 -13.66 9.14
N LEU A 2 1.63 -12.69 8.24
CA LEU A 2 2.77 -11.84 7.97
C LEU A 2 2.49 -10.43 8.50
N PRO A 3 3.36 -10.00 9.45
CA PRO A 3 3.21 -8.68 10.04
C PRO A 3 3.67 -7.59 9.08
N THR A 4 2.79 -6.62 8.87
CA THR A 4 3.10 -5.52 7.96
C THR A 4 4.21 -4.65 8.54
N PRO A 5 5.19 -4.30 7.66
CA PRO A 5 6.31 -3.47 8.07
C PRO A 5 5.88 -2.01 8.23
N PRO A 6 6.81 -1.21 8.81
CA PRO A 6 6.54 0.21 9.03
C PRO A 6 6.63 0.99 7.71
N LEU A 7 6.05 2.18 7.73
CA LEU A 7 6.05 3.03 6.56
C LEU A 7 7.49 3.33 6.15
N SER A 8 7.77 3.09 4.88
CA SER A 8 9.11 3.33 4.36
C SER A 8 9.19 4.74 3.76
N PRO A 9 10.45 5.24 3.64
CA PRO A 9 10.69 6.57 3.09
C PRO A 9 10.50 6.57 1.58
N SER A 10 10.56 7.77 1.01
CA SER A 10 10.40 7.92 -0.42
C SER A 10 11.65 7.42 -1.14
N ARG A 11 11.67 6.12 -1.37
CA ARG A 11 12.81 5.49 -2.05
C ARG A 11 12.71 5.72 -3.56
N ARG A 12 13.17 6.89 -3.98
CA ARG A 12 13.14 7.25 -5.39
C ARG A 12 14.57 7.49 -5.90
N SER A 13 14.96 6.68 -6.88
CA SER A 13 16.29 6.81 -7.46
C SER A 13 16.67 8.28 -7.58
N GLY A 14 17.44 8.74 -6.61
CA GLY A 14 17.88 10.13 -6.59
C GLY A 14 16.75 11.07 -6.98
N GLY B 1 5.69 -8.89 -24.37
CA GLY B 1 6.57 -8.90 -23.22
C GLY B 1 7.98 -8.43 -23.61
N ARG B 2 8.88 -8.54 -22.65
CA ARG B 2 10.26 -8.14 -22.88
C ARG B 2 10.95 -9.12 -23.82
N LEU B 3 12.26 -8.98 -23.92
CA LEU B 3 13.05 -9.84 -24.78
C LEU B 3 14.20 -10.45 -23.97
N ASP B 4 14.85 -9.59 -23.18
CA ASP B 4 15.96 -10.04 -22.36
C ASP B 4 15.60 -9.86 -20.89
N LEU B 5 16.25 -10.65 -20.05
CA LEU B 5 16.00 -10.59 -18.62
C LEU B 5 16.87 -9.50 -18.01
N PRO B 6 16.47 -9.04 -16.79
CA PRO B 6 17.20 -8.00 -16.09
C PRO B 6 18.49 -8.56 -15.48
N PRO B 7 19.58 -7.79 -15.66
CA PRO B 7 20.88 -8.20 -15.13
C PRO B 7 20.95 -7.99 -13.63
N GLY B 8 21.66 -8.89 -12.96
CA GLY B 8 21.81 -8.82 -11.52
C GLY B 8 20.64 -9.51 -10.82
N PHE B 9 19.56 -9.69 -11.56
CA PHE B 9 18.38 -10.34 -11.02
C PHE B 9 18.76 -11.47 -10.06
N MET B 10 17.88 -11.71 -9.09
CA MET B 10 18.12 -12.75 -8.11
C MET B 10 17.18 -13.93 -8.34
N PHE B 11 15.90 -13.72 -8.01
CA PHE B 11 14.90 -14.75 -8.17
C PHE B 11 13.50 -14.16 -8.23
N LYS B 12 12.52 -15.04 -8.37
CA LYS B 12 11.13 -14.61 -8.43
C LYS B 12 10.47 -14.80 -7.07
N VAL B 13 9.76 -13.78 -6.65
CA VAL B 13 9.07 -13.82 -5.36
C VAL B 13 7.57 -13.78 -5.59
N GLN B 14 6.83 -14.10 -4.53
CA GLN B 14 5.37 -14.10 -4.61
C GLN B 14 4.78 -13.35 -3.41
N ALA B 15 3.95 -12.37 -3.72
CA ALA B 15 3.32 -11.58 -2.68
C ALA B 15 2.27 -12.43 -1.97
N GLN B 16 2.11 -12.14 -0.69
CA GLN B 16 1.15 -12.88 0.12
C GLN B 16 0.08 -11.92 0.68
N HIS B 17 0.29 -10.64 0.43
CA HIS B 17 -0.62 -9.62 0.89
C HIS B 17 -0.76 -8.52 -0.18
N ASP B 18 -1.75 -7.67 0.03
CA ASP B 18 -1.99 -6.58 -0.90
C ASP B 18 -1.56 -5.26 -0.26
N TYR B 19 -0.44 -4.74 -0.74
CA TYR B 19 0.09 -3.49 -0.22
C TYR B 19 0.08 -2.40 -1.29
N THR B 20 -0.78 -1.42 -1.07
CA THR B 20 -0.91 -0.31 -2.00
C THR B 20 0.16 0.75 -1.73
N ALA B 21 1.07 0.90 -2.69
CA ALA B 21 2.14 1.86 -2.56
C ALA B 21 1.93 2.99 -3.57
N THR B 22 1.72 4.19 -3.04
CA THR B 22 1.51 5.36 -3.89
C THR B 22 2.61 6.38 -3.67
N ASP B 23 3.66 6.27 -4.49
CA ASP B 23 4.78 7.18 -4.39
C ASP B 23 5.31 7.47 -5.81
N THR B 24 6.43 8.17 -5.85
CA THR B 24 7.05 8.51 -7.11
C THR B 24 8.13 7.49 -7.47
N ASP B 25 8.10 6.37 -6.76
CA ASP B 25 9.06 5.31 -7.00
C ASP B 25 8.79 4.16 -6.02
N GLU B 26 7.61 3.60 -6.14
CA GLU B 26 7.21 2.50 -5.28
C GLU B 26 6.76 1.29 -6.13
N LEU B 27 6.57 0.17 -5.44
CA LEU B 27 6.15 -1.04 -6.12
C LEU B 27 4.88 -1.57 -5.45
N GLN B 28 3.79 -1.54 -6.21
CA GLN B 28 2.51 -2.01 -5.70
C GLN B 28 2.44 -3.54 -5.80
N LEU B 29 2.00 -4.15 -4.70
CA LEU B 29 1.88 -5.59 -4.64
C LEU B 29 0.45 -5.96 -4.23
N LYS B 30 -0.02 -7.06 -4.81
CA LYS B 30 -1.37 -7.53 -4.52
C LYS B 30 -1.29 -8.97 -4.01
N ALA B 31 -1.98 -9.21 -2.90
CA ALA B 31 -1.99 -10.54 -2.29
C ALA B 31 -2.03 -11.59 -3.41
N GLY B 32 -0.86 -12.14 -3.69
CA GLY B 32 -0.75 -13.16 -4.71
C GLY B 32 -0.22 -12.57 -6.02
N ASP B 33 0.86 -11.80 -5.90
CA ASP B 33 1.46 -11.17 -7.05
C ASP B 33 2.81 -11.81 -7.34
N VAL B 34 3.40 -11.43 -8.46
CA VAL B 34 4.69 -11.96 -8.86
C VAL B 34 5.69 -10.81 -8.99
N VAL B 35 6.79 -10.92 -8.24
CA VAL B 35 7.82 -9.91 -8.27
C VAL B 35 9.18 -10.59 -8.39
N LEU B 36 10.11 -9.89 -9.03
CA LEU B 36 11.45 -10.40 -9.23
C LEU B 36 12.44 -9.57 -8.40
N VAL B 37 13.19 -10.27 -7.57
CA VAL B 37 14.17 -9.62 -6.72
C VAL B 37 15.40 -9.26 -7.55
N ILE B 38 15.58 -7.97 -7.77
CA ILE B 38 16.71 -7.48 -8.54
C ILE B 38 17.57 -6.57 -7.67
N PRO B 39 18.88 -6.51 -8.02
CA PRO B 39 19.81 -5.68 -7.27
C PRO B 39 19.63 -4.20 -7.61
N PHE B 40 19.24 -3.44 -6.60
CA PHE B 40 19.01 -2.02 -6.78
C PHE B 40 20.25 -1.34 -7.38
N GLN B 41 20.11 -0.05 -7.64
CA GLN B 41 21.20 0.72 -8.21
C GLN B 41 22.03 1.37 -7.10
N ASN B 42 21.79 0.92 -5.87
CA ASN B 42 22.50 1.44 -4.73
C ASN B 42 21.76 1.04 -3.44
N PRO B 43 22.52 1.07 -2.31
CA PRO B 43 21.94 0.72 -1.03
C PRO B 43 21.05 1.83 -0.50
N GLU B 44 21.21 3.01 -1.08
CA GLU B 44 20.43 4.17 -0.67
C GLU B 44 19.00 4.03 -1.20
N GLU B 45 18.85 3.20 -2.22
CA GLU B 45 17.54 2.98 -2.81
C GLU B 45 16.79 1.88 -2.07
N GLN B 46 17.50 1.26 -1.13
CA GLN B 46 16.91 0.20 -0.34
C GLN B 46 16.45 0.73 1.02
N ASP B 47 15.35 0.18 1.50
CA ASP B 47 14.80 0.60 2.79
C ASP B 47 14.84 -0.58 3.76
N GLU B 48 14.79 -0.26 5.04
CA GLU B 48 14.83 -1.28 6.07
C GLU B 48 13.52 -2.08 6.08
N GLY B 49 13.63 -3.32 5.61
CA GLY B 49 12.47 -4.19 5.56
C GLY B 49 11.87 -4.21 4.15
N TRP B 50 12.49 -3.44 3.26
CA TRP B 50 12.02 -3.36 1.89
C TRP B 50 13.26 -3.38 0.98
N LEU B 51 13.10 -4.04 -0.16
CA LEU B 51 14.17 -4.14 -1.13
C LEU B 51 13.66 -3.72 -2.50
N MET B 52 14.59 -3.61 -3.44
CA MET B 52 14.24 -3.21 -4.79
C MET B 52 13.86 -4.42 -5.64
N GLY B 53 12.58 -4.46 -6.01
CA GLY B 53 12.08 -5.56 -6.81
C GLY B 53 11.16 -5.05 -7.92
N VAL B 54 10.88 -5.93 -8.87
CA VAL B 54 10.02 -5.58 -9.98
C VAL B 54 8.91 -6.63 -10.11
N LYS B 55 7.73 -6.15 -10.51
CA LYS B 55 6.59 -7.04 -10.66
C LYS B 55 6.69 -7.73 -12.02
N GLU B 56 5.91 -8.82 -12.15
CA GLU B 56 5.90 -9.58 -13.38
C GLU B 56 5.50 -8.69 -14.56
N SER B 57 4.55 -7.80 -14.30
CA SER B 57 4.08 -6.89 -15.32
C SER B 57 5.19 -5.92 -15.72
N ASP B 58 5.84 -5.38 -14.71
CA ASP B 58 6.92 -4.43 -14.93
C ASP B 58 8.04 -5.12 -15.73
N TRP B 59 8.18 -6.42 -15.49
CA TRP B 59 9.19 -7.20 -16.18
C TRP B 59 9.03 -6.96 -17.68
N ASN B 60 7.80 -7.06 -18.13
CA ASN B 60 7.50 -6.85 -19.54
C ASN B 60 8.02 -5.49 -19.98
N GLN B 61 8.10 -4.59 -19.01
CA GLN B 61 8.58 -3.24 -19.28
C GLN B 61 10.08 -3.14 -19.01
N HIS B 62 10.71 -4.31 -18.94
CA HIS B 62 12.13 -4.38 -18.68
C HIS B 62 12.86 -3.36 -19.57
N LYS B 63 12.20 -3.00 -20.67
CA LYS B 63 12.77 -2.05 -21.60
C LYS B 63 13.06 -0.74 -20.87
N LYS B 64 12.23 -0.45 -19.87
CA LYS B 64 12.37 0.75 -19.10
C LYS B 64 12.32 0.42 -17.61
N LEU B 65 13.01 -0.66 -17.26
CA LEU B 65 13.05 -1.11 -15.87
C LEU B 65 13.55 0.03 -14.99
N GLU B 66 14.42 0.86 -15.58
CA GLU B 66 14.99 1.98 -14.86
C GLU B 66 13.87 2.90 -14.34
N LYS B 67 12.72 2.81 -15.00
CA LYS B 67 11.58 3.62 -14.62
C LYS B 67 10.45 2.70 -14.12
N CYS B 68 10.78 1.43 -13.99
CA CYS B 68 9.82 0.45 -13.52
C CYS B 68 10.24 -0.04 -12.14
N ARG B 69 11.47 0.29 -11.79
CA ARG B 69 12.02 -0.09 -10.50
C ARG B 69 11.13 0.43 -9.37
N GLY B 70 11.13 -0.30 -8.26
CA GLY B 70 10.34 0.09 -7.11
C GLY B 70 10.86 -0.60 -5.85
N VAL B 71 10.16 -0.33 -4.74
CA VAL B 71 10.53 -0.91 -3.47
C VAL B 71 9.33 -1.62 -2.87
N PHE B 72 9.60 -2.74 -2.21
CA PHE B 72 8.55 -3.53 -1.59
C PHE B 72 9.07 -4.27 -0.35
N PRO B 73 8.15 -4.48 0.62
CA PRO B 73 8.52 -5.17 1.85
C PRO B 73 8.67 -6.67 1.62
N GLU B 74 9.86 -7.16 1.89
CA GLU B 74 10.16 -8.58 1.71
C GLU B 74 9.39 -9.42 2.74
N ASN B 75 9.25 -8.84 3.92
CA ASN B 75 8.55 -9.52 5.00
C ASN B 75 7.05 -9.59 4.66
N PHE B 76 6.69 -8.94 3.57
CA PHE B 76 5.31 -8.92 3.13
C PHE B 76 5.12 -9.77 1.87
N THR B 77 6.22 -10.38 1.44
CA THR B 77 6.19 -11.22 0.26
C THR B 77 6.80 -12.60 0.57
N GLU B 78 6.83 -13.44 -0.46
CA GLU B 78 7.37 -14.77 -0.31
C GLU B 78 8.35 -15.08 -1.45
N ARG B 79 9.31 -15.93 -1.15
CA ARG B 79 10.31 -16.31 -2.13
C ARG B 79 9.83 -17.52 -2.94
N VAL B 80 9.84 -17.36 -4.25
CA VAL B 80 9.41 -18.42 -5.15
C VAL B 80 10.63 -19.07 -5.79
N PRO B 81 10.59 -20.43 -5.88
CA PRO B 81 11.69 -21.19 -6.47
C PRO B 81 11.68 -21.05 -7.99
N LEU A 1 0.44 -15.62 8.43
CA LEU A 1 0.40 -14.47 9.32
C LEU A 1 1.17 -13.31 8.67
N LEU A 2 0.46 -12.20 8.51
CA LEU A 2 1.06 -11.01 7.92
C LEU A 2 1.91 -10.29 8.97
N PRO A 3 3.22 -10.13 8.63
CA PRO A 3 4.14 -9.46 9.53
C PRO A 3 3.91 -7.95 9.52
N THR A 4 4.31 -7.32 10.62
CA THR A 4 4.15 -5.87 10.75
C THR A 4 5.07 -5.15 9.77
N PRO A 5 4.47 -4.19 9.01
CA PRO A 5 5.22 -3.42 8.04
C PRO A 5 6.10 -2.38 8.73
N PRO A 6 6.98 -1.72 7.91
CA PRO A 6 7.87 -0.70 8.43
C PRO A 6 7.12 0.60 8.73
N LEU A 7 7.76 1.45 9.50
CA LEU A 7 7.17 2.73 9.86
C LEU A 7 6.85 3.52 8.59
N SER A 8 5.62 4.01 8.52
CA SER A 8 5.17 4.77 7.37
C SER A 8 5.43 6.26 7.61
N PRO A 9 5.52 7.01 6.48
CA PRO A 9 5.76 8.44 6.55
C PRO A 9 4.50 9.20 6.98
N SER A 10 4.66 10.49 7.20
CA SER A 10 3.54 11.32 7.62
C SER A 10 2.56 11.50 6.47
N ARG A 11 1.58 10.62 6.43
CA ARG A 11 0.56 10.66 5.39
C ARG A 11 -0.47 11.75 5.69
N ARG A 12 -0.30 12.88 5.01
CA ARG A 12 -1.19 14.01 5.19
C ARG A 12 -2.48 13.80 4.37
N SER A 13 -3.58 13.64 5.09
CA SER A 13 -4.86 13.43 4.45
C SER A 13 -5.99 13.52 5.48
N GLY A 14 -6.74 14.62 5.40
CA GLY A 14 -7.84 14.84 6.32
C GLY A 14 -7.57 16.05 7.22
N GLY B 1 -25.29 5.34 14.87
CA GLY B 1 -24.41 5.25 13.72
C GLY B 1 -24.86 6.20 12.60
N ARG B 2 -24.08 6.20 11.53
CA ARG B 2 -24.39 7.04 10.38
C ARG B 2 -25.62 6.52 9.66
N LEU B 3 -26.14 7.35 8.76
CA LEU B 3 -27.31 6.99 7.99
C LEU B 3 -26.91 6.81 6.51
N ASP B 4 -25.87 7.53 6.13
CA ASP B 4 -25.38 7.46 4.77
C ASP B 4 -23.98 6.84 4.76
N LEU B 5 -23.65 6.21 3.64
CA LEU B 5 -22.35 5.57 3.49
C LEU B 5 -21.38 6.57 2.86
N PRO B 6 -20.06 6.28 3.05
CA PRO B 6 -19.01 7.14 2.51
C PRO B 6 -18.87 6.94 0.99
N PRO B 7 -18.78 8.09 0.27
CA PRO B 7 -18.64 8.05 -1.17
C PRO B 7 -17.23 7.64 -1.57
N GLY B 8 -17.16 6.84 -2.63
CA GLY B 8 -15.88 6.37 -3.13
C GLY B 8 -15.47 5.06 -2.44
N PHE B 9 -16.05 4.84 -1.27
CA PHE B 9 -15.75 3.63 -0.51
C PHE B 9 -15.56 2.43 -1.44
N MET B 10 -14.69 1.53 -1.01
CA MET B 10 -14.40 0.33 -1.79
C MET B 10 -15.09 -0.89 -1.19
N PHE B 11 -14.55 -1.34 -0.07
CA PHE B 11 -15.10 -2.49 0.62
C PHE B 11 -14.69 -2.50 2.09
N LYS B 12 -15.17 -3.53 2.80
CA LYS B 12 -14.87 -3.67 4.21
C LYS B 12 -13.68 -4.62 4.38
N VAL B 13 -12.80 -4.27 5.31
CA VAL B 13 -11.63 -5.07 5.59
C VAL B 13 -11.65 -5.52 7.05
N GLN B 14 -10.79 -6.48 7.35
CA GLN B 14 -10.69 -7.00 8.70
C GLN B 14 -9.23 -7.12 9.13
N ALA B 15 -8.94 -6.53 10.28
CA ALA B 15 -7.58 -6.56 10.82
C ALA B 15 -7.30 -7.95 11.39
N GLN B 16 -6.07 -8.40 11.17
CA GLN B 16 -5.65 -9.71 11.65
C GLN B 16 -4.59 -9.55 12.75
N HIS B 17 -4.16 -8.31 12.93
CA HIS B 17 -3.15 -8.02 13.94
C HIS B 17 -3.52 -6.73 14.68
N ASP B 18 -2.82 -6.49 15.78
CA ASP B 18 -3.06 -5.30 16.58
C ASP B 18 -1.89 -4.34 16.41
N TYR B 19 -2.14 -3.27 15.66
CA TYR B 19 -1.12 -2.27 15.42
C TYR B 19 -1.53 -0.91 16.01
N THR B 20 -0.66 -0.39 16.86
CA THR B 20 -0.91 0.89 17.50
C THR B 20 -0.30 2.02 16.68
N ALA B 21 -1.16 2.90 16.18
CA ALA B 21 -0.72 4.02 15.38
C ALA B 21 -0.98 5.32 16.15
N THR B 22 0.11 6.01 16.48
CA THR B 22 0.01 7.26 17.21
C THR B 22 0.58 8.41 16.37
N ASP B 23 -0.30 9.03 15.62
CA ASP B 23 0.09 10.16 14.77
C ASP B 23 -1.03 11.18 14.74
N THR B 24 -0.85 12.19 13.90
CA THR B 24 -1.84 13.24 13.76
C THR B 24 -2.77 12.95 12.59
N ASP B 25 -2.71 11.71 12.12
CA ASP B 25 -3.55 11.27 11.01
C ASP B 25 -3.27 9.80 10.71
N GLU B 26 -3.51 8.97 11.72
CA GLU B 26 -3.29 7.54 11.57
C GLU B 26 -4.57 6.77 11.92
N LEU B 27 -4.53 5.48 11.65
CA LEU B 27 -5.67 4.62 11.92
C LEU B 27 -5.21 3.42 12.75
N GLN B 28 -5.69 3.37 13.99
CA GLN B 28 -5.34 2.29 14.89
C GLN B 28 -6.12 1.02 14.52
N LEU B 29 -5.41 -0.09 14.49
CA LEU B 29 -6.02 -1.37 14.16
C LEU B 29 -5.76 -2.35 15.30
N LYS B 30 -6.78 -3.16 15.57
CA LYS B 30 -6.68 -4.15 16.63
C LYS B 30 -7.01 -5.53 16.05
N ALA B 31 -6.09 -6.46 16.29
CA ALA B 31 -6.26 -7.83 15.80
C ALA B 31 -7.74 -8.18 15.83
N GLY B 32 -8.36 -8.15 14.66
CA GLY B 32 -9.77 -8.48 14.54
C GLY B 32 -10.63 -7.21 14.56
N ASP B 33 -10.23 -6.24 13.75
CA ASP B 33 -10.94 -4.98 13.66
C ASP B 33 -11.63 -4.89 12.31
N VAL B 34 -12.47 -3.86 12.18
CA VAL B 34 -13.20 -3.65 10.93
C VAL B 34 -12.82 -2.28 10.36
N VAL B 35 -12.27 -2.31 9.16
CA VAL B 35 -11.86 -1.10 8.49
C VAL B 35 -12.43 -1.08 7.07
N LEU B 36 -12.80 0.11 6.62
CA LEU B 36 -13.37 0.27 5.29
C LEU B 36 -12.33 0.92 4.38
N VAL B 37 -12.18 0.35 3.20
CA VAL B 37 -11.22 0.88 2.23
C VAL B 37 -11.89 1.99 1.41
N ILE B 38 -11.44 3.20 1.64
CA ILE B 38 -11.97 4.35 0.93
C ILE B 38 -10.88 4.97 0.07
N PRO B 39 -11.32 5.65 -1.02
CA PRO B 39 -10.39 6.30 -1.93
C PRO B 39 -9.83 7.58 -1.32
N PHE B 40 -8.53 7.57 -1.12
CA PHE B 40 -7.85 8.73 -0.54
C PHE B 40 -8.04 9.97 -1.41
N GLN B 41 -7.40 11.05 -1.00
CA GLN B 41 -7.49 12.30 -1.74
C GLN B 41 -6.53 12.28 -2.93
N ASN B 42 -5.57 11.38 -2.87
CA ASN B 42 -4.58 11.26 -3.92
C ASN B 42 -3.68 10.05 -3.64
N PRO B 43 -3.16 9.44 -4.74
CA PRO B 43 -2.30 8.28 -4.62
C PRO B 43 -0.90 8.70 -4.16
N GLU B 44 -0.62 9.98 -4.29
CA GLU B 44 0.68 10.51 -3.88
C GLU B 44 0.79 10.51 -2.35
N GLU B 45 -0.37 10.55 -1.71
CA GLU B 45 -0.40 10.55 -0.26
C GLU B 45 -0.32 9.12 0.28
N GLN B 46 -0.80 8.18 -0.53
CA GLN B 46 -0.79 6.78 -0.15
C GLN B 46 0.63 6.34 0.20
N ASP B 47 0.72 5.55 1.25
CA ASP B 47 2.01 5.06 1.71
C ASP B 47 2.22 3.63 1.18
N GLU B 48 3.49 3.27 1.04
CA GLU B 48 3.84 1.94 0.56
C GLU B 48 3.58 0.89 1.63
N GLY B 49 2.60 0.04 1.35
CA GLY B 49 2.24 -1.02 2.30
C GLY B 49 1.06 -0.60 3.17
N TRP B 50 0.63 0.64 2.97
CA TRP B 50 -0.49 1.17 3.73
C TRP B 50 -1.40 1.93 2.77
N LEU B 51 -2.65 2.06 3.17
CA LEU B 51 -3.63 2.77 2.35
C LEU B 51 -4.56 3.57 3.26
N MET B 52 -5.40 4.39 2.62
CA MET B 52 -6.34 5.20 3.36
C MET B 52 -7.64 4.44 3.61
N GLY B 53 -7.89 4.18 4.89
CA GLY B 53 -9.09 3.46 5.29
C GLY B 53 -9.67 4.04 6.58
N VAL B 54 -10.88 3.59 6.90
CA VAL B 54 -11.55 4.06 8.10
C VAL B 54 -12.06 2.84 8.89
N LYS B 55 -12.05 2.98 10.20
CA LYS B 55 -12.50 1.92 11.08
C LYS B 55 -14.03 1.91 11.11
N GLU B 56 -14.58 0.79 11.58
CA GLU B 56 -16.02 0.65 11.68
C GLU B 56 -16.61 1.76 12.55
N SER B 57 -15.94 2.01 13.67
CA SER B 57 -16.38 3.03 14.60
C SER B 57 -16.40 4.39 13.90
N ASP B 58 -15.39 4.62 13.07
CA ASP B 58 -15.28 5.87 12.35
C ASP B 58 -16.46 5.99 11.36
N TRP B 59 -16.88 4.84 10.86
CA TRP B 59 -17.98 4.80 9.92
C TRP B 59 -19.16 5.55 10.53
N ASN B 60 -19.44 5.25 11.79
CA ASN B 60 -20.52 5.90 12.50
C ASN B 60 -20.24 7.39 12.62
N GLN B 61 -18.96 7.72 12.56
CA GLN B 61 -18.54 9.11 12.65
C GLN B 61 -18.56 9.77 11.27
N HIS B 62 -19.27 9.13 10.35
CA HIS B 62 -19.37 9.63 9.00
C HIS B 62 -19.64 11.14 9.03
N LYS B 63 -20.21 11.58 10.15
CA LYS B 63 -20.53 12.99 10.33
C LYS B 63 -19.25 13.81 10.17
N LYS B 64 -18.14 13.21 10.56
CA LYS B 64 -16.85 13.87 10.47
C LYS B 64 -15.80 12.88 9.98
N LEU B 65 -16.11 12.23 8.87
CA LEU B 65 -15.20 11.25 8.30
C LEU B 65 -13.90 11.94 7.90
N GLU B 66 -14.02 13.21 7.53
CA GLU B 66 -12.86 13.99 7.13
C GLU B 66 -11.87 14.09 8.29
N LYS B 67 -12.37 13.83 9.49
CA LYS B 67 -11.54 13.88 10.68
C LYS B 67 -11.41 12.48 11.28
N CYS B 68 -11.95 11.51 10.55
CA CYS B 68 -11.91 10.12 10.99
C CYS B 68 -10.96 9.36 10.06
N ARG B 69 -10.65 9.98 8.93
CA ARG B 69 -9.77 9.35 7.96
C ARG B 69 -8.42 9.03 8.61
N GLY B 70 -7.77 8.01 8.06
CA GLY B 70 -6.48 7.58 8.58
C GLY B 70 -5.79 6.63 7.60
N VAL B 71 -4.60 6.18 7.99
CA VAL B 71 -3.83 5.27 7.17
C VAL B 71 -3.57 3.97 7.94
N PHE B 72 -3.60 2.87 7.22
CA PHE B 72 -3.36 1.57 7.83
C PHE B 72 -2.65 0.63 6.85
N PRO B 73 -1.82 -0.28 7.44
CA PRO B 73 -1.09 -1.24 6.63
C PRO B 73 -2.01 -2.35 6.12
N GLU B 74 -2.14 -2.40 4.81
CA GLU B 74 -2.99 -3.41 4.19
C GLU B 74 -2.35 -4.80 4.32
N ASN B 75 -1.03 -4.80 4.37
CA ASN B 75 -0.28 -6.05 4.51
C ASN B 75 -0.47 -6.60 5.92
N PHE B 76 -1.15 -5.81 6.75
CA PHE B 76 -1.40 -6.21 8.13
C PHE B 76 -2.90 -6.41 8.38
N THR B 77 -3.67 -6.25 7.31
CA THR B 77 -5.11 -6.42 7.40
C THR B 77 -5.59 -7.41 6.33
N GLU B 78 -6.89 -7.69 6.38
CA GLU B 78 -7.48 -8.61 5.43
C GLU B 78 -8.72 -7.98 4.79
N ARG B 79 -9.00 -8.40 3.56
CA ARG B 79 -10.15 -7.88 2.83
C ARG B 79 -11.38 -8.74 3.12
N VAL B 80 -12.47 -8.06 3.44
CA VAL B 80 -13.72 -8.74 3.74
C VAL B 80 -14.66 -8.60 2.55
N PRO B 81 -14.98 -9.76 1.92
CA PRO B 81 -15.88 -9.77 0.78
C PRO B 81 -17.33 -9.56 1.21
N LEU A 1 0.44 -15.62 8.43
CA LEU A 1 0.40 -14.47 9.32
C LEU A 1 1.20 -13.33 8.69
N LEU A 2 0.47 -12.35 8.17
CA LEU A 2 1.09 -11.19 7.55
C LEU A 2 1.54 -10.22 8.63
N PRO A 3 2.86 -9.93 8.63
CA PRO A 3 3.43 -9.00 9.60
C PRO A 3 3.08 -7.56 9.25
N THR A 4 2.99 -6.74 10.29
CA THR A 4 2.66 -5.34 10.11
C THR A 4 3.82 -4.60 9.43
N PRO A 5 3.46 -3.79 8.39
CA PRO A 5 4.45 -3.03 7.65
C PRO A 5 4.94 -1.84 8.46
N PRO A 6 6.01 -1.18 7.94
CA PRO A 6 6.57 -0.01 8.60
C PRO A 6 5.68 1.21 8.42
N LEU A 7 5.92 2.21 9.25
CA LEU A 7 5.15 3.44 9.19
C LEU A 7 5.27 4.05 7.79
N SER A 8 4.12 4.38 7.22
CA SER A 8 4.09 4.97 5.90
C SER A 8 4.16 6.50 5.99
N PRO A 9 4.61 7.12 4.88
CA PRO A 9 4.73 8.57 4.83
C PRO A 9 3.35 9.23 4.68
N SER A 10 3.35 10.55 4.77
CA SER A 10 2.12 11.31 4.65
C SER A 10 1.64 11.29 3.20
N ARG A 11 0.85 10.27 2.88
CA ARG A 11 0.32 10.13 1.54
C ARG A 11 -0.87 11.08 1.34
N ARG A 12 -0.60 12.19 0.68
CA ARG A 12 -1.62 13.18 0.42
C ARG A 12 -2.26 12.92 -0.95
N SER A 13 -3.47 12.38 -0.91
CA SER A 13 -4.20 12.08 -2.13
C SER A 13 -5.69 12.34 -1.93
N GLY A 14 -6.03 13.62 -1.96
CA GLY A 14 -7.42 14.03 -1.79
C GLY A 14 -7.96 13.54 -0.43
N GLY B 1 -26.57 1.26 0.67
CA GLY B 1 -25.40 2.04 0.30
C GLY B 1 -25.53 2.59 -1.12
N ARG B 2 -24.65 3.52 -1.45
CA ARG B 2 -24.67 4.13 -2.76
C ARG B 2 -25.04 3.09 -3.83
N LEU B 3 -25.78 3.55 -4.83
CA LEU B 3 -26.20 2.68 -5.91
C LEU B 3 -25.15 2.72 -7.03
N ASP B 4 -24.26 3.70 -6.92
CA ASP B 4 -23.21 3.86 -7.91
C ASP B 4 -21.89 3.31 -7.34
N LEU B 5 -21.04 2.85 -8.25
CA LEU B 5 -19.75 2.30 -7.84
C LEU B 5 -18.66 3.31 -8.19
N PRO B 6 -17.48 3.16 -7.51
CA PRO B 6 -16.36 4.04 -7.74
C PRO B 6 -15.66 3.70 -9.06
N PRO B 7 -15.37 4.78 -9.85
CA PRO B 7 -14.71 4.60 -11.13
C PRO B 7 -13.22 4.28 -10.94
N GLY B 8 -12.72 3.43 -11.82
CA GLY B 8 -11.32 3.04 -11.76
C GLY B 8 -11.12 1.85 -10.83
N PHE B 9 -12.10 1.66 -9.95
CA PHE B 9 -12.03 0.56 -9.00
C PHE B 9 -11.42 -0.69 -9.63
N MET B 10 -10.70 -1.44 -8.81
CA MET B 10 -10.05 -2.65 -9.28
C MET B 10 -10.80 -3.89 -8.78
N PHE B 11 -10.65 -4.16 -7.49
CA PHE B 11 -11.30 -5.31 -6.89
C PHE B 11 -11.55 -5.07 -5.39
N LYS B 12 -12.13 -6.07 -4.75
CA LYS B 12 -12.43 -5.99 -3.34
C LYS B 12 -11.41 -6.82 -2.56
N VAL B 13 -10.93 -6.24 -1.47
CA VAL B 13 -9.95 -6.90 -0.63
C VAL B 13 -10.52 -7.08 0.78
N GLN B 14 -9.84 -7.89 1.56
CA GLN B 14 -10.26 -8.15 2.93
C GLN B 14 -9.08 -8.04 3.89
N ALA B 15 -9.29 -7.29 4.96
CA ALA B 15 -8.25 -7.10 5.95
C ALA B 15 -8.12 -8.37 6.80
N GLN B 16 -6.89 -8.66 7.20
CA GLN B 16 -6.62 -9.83 8.01
C GLN B 16 -6.08 -9.42 9.38
N HIS B 17 -5.95 -8.11 9.55
CA HIS B 17 -5.44 -7.57 10.81
C HIS B 17 -6.14 -6.25 11.12
N ASP B 18 -5.92 -5.77 12.33
CA ASP B 18 -6.53 -4.52 12.77
C ASP B 18 -5.44 -3.47 12.94
N TYR B 19 -5.37 -2.57 11.96
CA TYR B 19 -4.38 -1.51 11.99
C TYR B 19 -5.04 -0.14 12.07
N THR B 20 -4.78 0.55 13.17
CA THR B 20 -5.35 1.87 13.38
C THR B 20 -4.52 2.94 12.65
N ALA B 21 -5.15 3.53 11.64
CA ALA B 21 -4.48 4.55 10.86
C ALA B 21 -5.18 5.89 11.09
N THR B 22 -4.42 6.82 11.66
CA THR B 22 -4.95 8.15 11.94
C THR B 22 -4.15 9.22 11.18
N ASP B 23 -4.66 9.56 10.01
CA ASP B 23 -4.01 10.57 9.18
C ASP B 23 -5.07 11.43 8.51
N THR B 24 -4.60 12.32 7.64
CA THR B 24 -5.50 13.21 6.92
C THR B 24 -5.97 12.56 5.61
N ASP B 25 -5.46 11.36 5.38
CA ASP B 25 -5.81 10.62 4.17
C ASP B 25 -5.47 9.14 4.37
N GLU B 26 -5.59 8.70 5.60
CA GLU B 26 -5.30 7.32 5.94
C GLU B 26 -6.56 6.47 5.84
N LEU B 27 -6.38 5.16 5.93
CA LEU B 27 -7.49 4.24 5.86
C LEU B 27 -7.39 3.22 7.00
N GLN B 28 -8.34 3.31 7.91
CA GLN B 28 -8.36 2.40 9.05
C GLN B 28 -8.87 1.02 8.62
N LEU B 29 -8.18 0.00 9.11
CA LEU B 29 -8.54 -1.38 8.79
C LEU B 29 -8.73 -2.16 10.08
N LYS B 30 -9.67 -3.11 10.04
CA LYS B 30 -9.95 -3.93 11.19
C LYS B 30 -9.92 -5.41 10.78
N ALA B 31 -9.13 -6.18 11.49
CA ALA B 31 -9.01 -7.59 11.21
C ALA B 31 -10.35 -8.13 10.73
N GLY B 32 -10.48 -8.24 9.42
CA GLY B 32 -11.71 -8.74 8.82
C GLY B 32 -12.57 -7.59 8.30
N ASP B 33 -11.94 -6.72 7.51
CA ASP B 33 -12.62 -5.59 6.94
C ASP B 33 -12.71 -5.75 5.43
N VAL B 34 -13.45 -4.85 4.80
CA VAL B 34 -13.62 -4.89 3.35
C VAL B 34 -13.11 -3.59 2.75
N VAL B 35 -12.13 -3.72 1.87
CA VAL B 35 -11.55 -2.57 1.20
C VAL B 35 -11.49 -2.82 -0.30
N LEU B 36 -11.83 -1.79 -1.06
CA LEU B 36 -11.83 -1.89 -2.51
C LEU B 36 -10.59 -1.16 -3.05
N VAL B 37 -9.79 -1.91 -3.81
CA VAL B 37 -8.59 -1.35 -4.39
C VAL B 37 -8.96 -0.44 -5.56
N ILE B 38 -8.76 0.86 -5.34
CA ILE B 38 -9.07 1.85 -6.37
C ILE B 38 -7.77 2.51 -6.84
N PRO B 39 -7.81 3.00 -8.10
CA PRO B 39 -6.65 3.66 -8.68
C PRO B 39 -6.49 5.07 -8.12
N PHE B 40 -5.37 5.27 -7.43
CA PHE B 40 -5.07 6.56 -6.82
C PHE B 40 -5.00 7.65 -7.89
N GLN B 41 -4.58 8.83 -7.45
CA GLN B 41 -4.46 9.96 -8.35
C GLN B 41 -3.11 9.94 -9.06
N ASN B 42 -2.14 9.32 -8.40
CA ASN B 42 -0.80 9.22 -8.96
C ASN B 42 -0.03 8.13 -8.22
N PRO B 43 0.90 7.47 -8.96
CA PRO B 43 1.70 6.40 -8.38
C PRO B 43 2.80 6.98 -7.49
N GLU B 44 3.10 8.25 -7.71
CA GLU B 44 4.12 8.93 -6.93
C GLU B 44 3.66 9.10 -5.49
N GLU B 45 2.35 9.16 -5.31
CA GLU B 45 1.77 9.32 -4.00
C GLU B 45 1.71 7.97 -3.27
N GLN B 46 1.61 6.92 -4.07
CA GLN B 46 1.54 5.57 -3.52
C GLN B 46 2.73 5.32 -2.58
N ASP B 47 2.45 4.57 -1.53
CA ASP B 47 3.48 4.25 -0.55
C ASP B 47 3.95 2.82 -0.75
N GLU B 48 5.17 2.55 -0.32
CA GLU B 48 5.74 1.22 -0.46
C GLU B 48 5.13 0.28 0.59
N GLY B 49 4.36 -0.68 0.09
CA GLY B 49 3.72 -1.65 0.97
C GLY B 49 2.27 -1.24 1.27
N TRP B 50 1.90 -0.09 0.73
CA TRP B 50 0.55 0.42 0.93
C TRP B 50 0.04 0.97 -0.40
N LEU B 51 -1.28 0.98 -0.54
CA LEU B 51 -1.90 1.47 -1.75
C LEU B 51 -3.18 2.24 -1.40
N MET B 52 -3.75 2.88 -2.41
CA MET B 52 -4.97 3.65 -2.22
C MET B 52 -6.21 2.76 -2.36
N GLY B 53 -6.91 2.59 -1.26
CA GLY B 53 -8.11 1.77 -1.25
C GLY B 53 -9.23 2.45 -0.45
N VAL B 54 -10.41 1.85 -0.53
CA VAL B 54 -11.56 2.38 0.18
C VAL B 54 -12.31 1.24 0.86
N LYS B 55 -12.75 1.51 2.08
CA LYS B 55 -13.48 0.51 2.85
C LYS B 55 -14.91 0.39 2.30
N GLU B 56 -15.54 -0.71 2.65
CA GLU B 56 -16.91 -0.96 2.21
C GLU B 56 -17.83 0.15 2.70
N SER B 57 -17.61 0.56 3.93
CA SER B 57 -18.42 1.61 4.54
C SER B 57 -18.30 2.90 3.71
N ASP B 58 -17.09 3.13 3.21
CA ASP B 58 -16.83 4.32 2.41
C ASP B 58 -17.57 4.20 1.08
N TRP B 59 -17.67 2.96 0.61
CA TRP B 59 -18.35 2.70 -0.66
C TRP B 59 -19.72 3.36 -0.61
N ASN B 60 -20.43 3.09 0.49
CA ASN B 60 -21.76 3.65 0.67
C ASN B 60 -21.69 5.17 0.53
N GLN B 61 -20.51 5.70 0.82
CA GLN B 61 -20.30 7.15 0.73
C GLN B 61 -19.49 7.49 -0.51
N HIS B 62 -19.49 6.56 -1.45
CA HIS B 62 -18.76 6.74 -2.69
C HIS B 62 -19.03 8.15 -3.24
N LYS B 63 -20.14 8.71 -2.80
CA LYS B 63 -20.53 10.04 -3.24
C LYS B 63 -19.41 11.03 -2.89
N LYS B 64 -18.71 10.73 -1.81
CA LYS B 64 -17.62 11.57 -1.36
C LYS B 64 -16.36 10.72 -1.20
N LEU B 65 -16.12 9.88 -2.20
CA LEU B 65 -14.95 9.02 -2.18
C LEU B 65 -13.68 9.87 -2.03
N GLU B 66 -13.72 11.03 -2.67
CA GLU B 66 -12.59 11.94 -2.62
C GLU B 66 -12.30 12.35 -1.17
N LYS B 67 -13.29 12.12 -0.32
CA LYS B 67 -13.15 12.46 1.09
C LYS B 67 -13.19 11.17 1.92
N CYS B 68 -13.25 10.05 1.22
CA CYS B 68 -13.29 8.75 1.88
C CYS B 68 -12.00 8.00 1.53
N ARG B 69 -11.36 8.45 0.45
CA ARG B 69 -10.13 7.82 0.00
C ARG B 69 -9.13 7.74 1.15
N GLY B 70 -8.26 6.74 1.06
CA GLY B 70 -7.25 6.55 2.08
C GLY B 70 -6.16 5.57 1.61
N VAL B 71 -5.20 5.33 2.48
CA VAL B 71 -4.11 4.42 2.15
C VAL B 71 -4.08 3.29 3.18
N PHE B 72 -3.76 2.10 2.69
CA PHE B 72 -3.69 0.94 3.56
C PHE B 72 -2.62 -0.04 3.07
N PRO B 73 -2.02 -0.77 4.05
CA PRO B 73 -0.98 -1.74 3.73
C PRO B 73 -1.57 -3.00 3.11
N GLU B 74 -1.19 -3.24 1.87
CA GLU B 74 -1.68 -4.40 1.14
C GLU B 74 -1.10 -5.68 1.75
N ASN B 75 0.11 -5.56 2.27
CA ASN B 75 0.78 -6.69 2.88
C ASN B 75 0.10 -7.03 4.20
N PHE B 76 -0.85 -6.19 4.58
CA PHE B 76 -1.58 -6.39 5.82
C PHE B 76 -3.04 -6.76 5.53
N THR B 77 -3.35 -6.87 4.25
CA THR B 77 -4.70 -7.23 3.83
C THR B 77 -4.67 -8.44 2.89
N GLU B 78 -5.86 -8.84 2.47
CA GLU B 78 -5.98 -9.97 1.57
C GLU B 78 -6.86 -9.60 0.37
N ARG B 79 -6.51 -10.17 -0.77
CA ARG B 79 -7.24 -9.92 -2.00
C ARG B 79 -8.42 -10.88 -2.12
N VAL B 80 -9.59 -10.32 -2.41
CA VAL B 80 -10.79 -11.12 -2.56
C VAL B 80 -11.19 -11.17 -4.03
N PRO B 81 -11.19 -12.42 -4.58
CA PRO B 81 -11.55 -12.62 -5.97
C PRO B 81 -13.06 -12.48 -6.18
N LEU A 1 0.44 -15.62 8.43
CA LEU A 1 0.40 -14.47 9.32
C LEU A 1 1.44 -13.45 8.86
N LEU A 2 0.96 -12.25 8.57
CA LEU A 2 1.83 -11.18 8.12
C LEU A 2 2.55 -10.57 9.32
N PRO A 3 3.91 -10.64 9.28
CA PRO A 3 4.71 -10.10 10.36
C PRO A 3 4.76 -8.58 10.31
N THR A 4 4.49 -7.97 11.46
CA THR A 4 4.49 -6.51 11.55
C THR A 4 5.92 -5.97 11.38
N PRO A 5 6.02 -4.89 10.57
CA PRO A 5 7.31 -4.27 10.32
C PRO A 5 7.77 -3.45 11.53
N PRO A 6 9.05 -3.02 11.48
CA PRO A 6 9.62 -2.22 12.55
C PRO A 6 9.09 -0.78 12.51
N LEU A 7 9.24 -0.08 13.63
CA LEU A 7 8.80 1.29 13.73
C LEU A 7 9.52 2.13 12.68
N SER A 8 8.73 2.86 11.91
CA SER A 8 9.28 3.72 10.87
C SER A 8 9.47 5.14 11.41
N PRO A 9 10.40 5.89 10.75
CA PRO A 9 10.69 7.25 11.15
C PRO A 9 9.56 8.20 10.72
N SER A 10 9.76 9.47 11.02
CA SER A 10 8.77 10.48 10.67
C SER A 10 8.85 10.78 9.17
N ARG A 11 7.85 10.30 8.45
CA ARG A 11 7.79 10.50 7.01
C ARG A 11 6.92 11.72 6.69
N ARG A 12 7.52 12.89 6.84
CA ARG A 12 6.82 14.13 6.57
C ARG A 12 6.94 14.50 5.08
N SER A 13 5.79 14.59 4.44
CA SER A 13 5.75 14.94 3.02
C SER A 13 5.30 16.39 2.85
N GLY A 14 6.11 17.14 2.10
CA GLY A 14 5.81 18.53 1.84
C GLY A 14 4.31 18.74 1.67
N GLY B 1 -19.23 12.22 1.15
CA GLY B 1 -17.93 11.92 0.58
C GLY B 1 -17.42 13.06 -0.29
N ARG B 2 -16.23 12.88 -0.82
CA ARG B 2 -15.62 13.90 -1.67
C ARG B 2 -16.39 14.00 -2.99
N LEU B 3 -15.81 14.76 -3.91
CA LEU B 3 -16.42 14.96 -5.21
C LEU B 3 -15.44 14.53 -6.30
N ASP B 4 -14.18 14.91 -6.10
CA ASP B 4 -13.14 14.57 -7.05
C ASP B 4 -12.17 13.58 -6.42
N LEU B 5 -11.50 12.82 -7.27
CA LEU B 5 -10.55 11.82 -6.80
C LEU B 5 -9.16 12.48 -6.69
N PRO B 6 -8.28 11.82 -5.88
CA PRO B 6 -6.94 12.33 -5.68
C PRO B 6 -6.06 12.06 -6.90
N PRO B 7 -5.31 13.12 -7.31
CA PRO B 7 -4.44 13.01 -8.45
C PRO B 7 -3.18 12.21 -8.11
N GLY B 8 -2.71 11.45 -9.09
CA GLY B 8 -1.52 10.64 -8.91
C GLY B 8 -1.88 9.27 -8.32
N PHE B 9 -3.03 9.23 -7.68
CA PHE B 9 -3.51 8.00 -7.06
C PHE B 9 -3.12 6.78 -7.92
N MET B 10 -2.94 5.66 -7.24
CA MET B 10 -2.56 4.43 -7.91
C MET B 10 -3.70 3.41 -7.88
N PHE B 11 -3.94 2.87 -6.69
CA PHE B 11 -5.01 1.89 -6.53
C PHE B 11 -5.46 1.83 -5.06
N LYS B 12 -6.43 0.97 -4.81
CA LYS B 12 -6.95 0.79 -3.47
C LYS B 12 -6.38 -0.49 -2.85
N VAL B 13 -6.01 -0.38 -1.59
CA VAL B 13 -5.44 -1.51 -0.88
C VAL B 13 -6.37 -1.89 0.28
N GLN B 14 -6.11 -3.06 0.84
CA GLN B 14 -6.91 -3.56 1.95
C GLN B 14 -6.00 -4.10 3.06
N ALA B 15 -6.11 -3.47 4.23
CA ALA B 15 -5.31 -3.89 5.37
C ALA B 15 -5.73 -5.28 5.81
N GLN B 16 -4.77 -6.01 6.36
CA GLN B 16 -5.03 -7.36 6.83
C GLN B 16 -4.75 -7.47 8.33
N HIS B 17 -4.33 -6.35 8.89
CA HIS B 17 -4.02 -6.30 10.31
C HIS B 17 -4.38 -4.93 10.88
N ASP B 18 -4.33 -4.83 12.19
CA ASP B 18 -4.66 -3.58 12.86
C ASP B 18 -3.38 -3.00 13.49
N TYR B 19 -2.84 -1.99 12.83
CA TYR B 19 -1.63 -1.34 13.29
C TYR B 19 -1.90 0.11 13.67
N THR B 20 -1.86 0.38 14.97
CA THR B 20 -2.09 1.73 15.45
C THR B 20 -0.87 2.61 15.21
N ALA B 21 -1.04 3.59 14.35
CA ALA B 21 0.04 4.51 14.02
C ALA B 21 -0.30 5.91 14.56
N THR B 22 0.54 6.37 15.48
CA THR B 22 0.34 7.68 16.07
C THR B 22 1.54 8.57 15.80
N ASP B 23 1.43 9.37 14.74
CA ASP B 23 2.49 10.28 14.36
C ASP B 23 1.89 11.59 13.89
N THR B 24 2.76 12.48 13.42
CA THR B 24 2.32 13.78 12.93
C THR B 24 1.83 13.67 11.48
N ASP B 25 2.08 12.51 10.90
CA ASP B 25 1.68 12.27 9.52
C ASP B 25 1.67 10.77 9.25
N GLU B 26 1.12 10.03 10.20
CA GLU B 26 1.04 8.59 10.09
C GLU B 26 -0.32 8.17 9.53
N LEU B 27 -0.43 6.89 9.19
CA LEU B 27 -1.66 6.36 8.65
C LEU B 27 -2.10 5.14 9.46
N GLN B 28 -3.21 5.30 10.17
CA GLN B 28 -3.73 4.21 10.99
C GLN B 28 -4.44 3.18 10.10
N LEU B 29 -4.18 1.92 10.41
CA LEU B 29 -4.78 0.82 9.66
C LEU B 29 -5.42 -0.16 10.64
N LYS B 30 -6.58 -0.69 10.24
CA LYS B 30 -7.29 -1.64 11.05
C LYS B 30 -7.54 -2.92 10.26
N ALA B 31 -7.24 -4.05 10.89
CA ALA B 31 -7.42 -5.33 10.24
C ALA B 31 -8.71 -5.31 9.41
N GLY B 32 -8.53 -5.06 8.12
CA GLY B 32 -9.67 -5.01 7.22
C GLY B 32 -10.06 -3.56 6.90
N ASP B 33 -9.05 -2.76 6.61
CA ASP B 33 -9.27 -1.36 6.30
C ASP B 33 -9.02 -1.12 4.82
N VAL B 34 -9.40 0.07 4.37
CA VAL B 34 -9.23 0.42 2.97
C VAL B 34 -8.29 1.63 2.87
N VAL B 35 -7.20 1.44 2.15
CA VAL B 35 -6.22 2.50 1.97
C VAL B 35 -5.89 2.63 0.48
N LEU B 36 -5.77 3.88 0.04
CA LEU B 36 -5.47 4.15 -1.35
C LEU B 36 -3.98 4.51 -1.47
N VAL B 37 -3.34 3.90 -2.46
CA VAL B 37 -1.93 4.14 -2.70
C VAL B 37 -1.76 5.36 -3.60
N ILE B 38 -1.26 6.43 -3.02
CA ILE B 38 -1.05 7.66 -3.76
C ILE B 38 0.45 7.97 -3.81
N PRO B 39 0.84 8.73 -4.88
CA PRO B 39 2.24 9.09 -5.06
C PRO B 39 2.64 10.20 -4.09
N PHE B 40 3.57 9.87 -3.21
CA PHE B 40 4.06 10.83 -2.22
C PHE B 40 4.59 12.09 -2.90
N GLN B 41 5.05 13.01 -2.08
CA GLN B 41 5.60 14.27 -2.58
C GLN B 41 7.06 14.09 -2.98
N ASN B 42 7.69 13.10 -2.36
CA ASN B 42 9.09 12.81 -2.65
C ASN B 42 9.43 11.41 -2.15
N PRO B 43 10.48 10.81 -2.79
CA PRO B 43 10.91 9.47 -2.42
C PRO B 43 11.69 9.50 -1.11
N GLU B 44 12.14 10.69 -0.74
CA GLU B 44 12.90 10.87 0.48
C GLU B 44 11.98 10.74 1.70
N GLU B 45 10.71 10.99 1.47
CA GLU B 45 9.72 10.91 2.54
C GLU B 45 9.25 9.47 2.71
N GLN B 46 9.47 8.68 1.66
CA GLN B 46 9.07 7.28 1.68
C GLN B 46 9.95 6.49 2.66
N ASP B 47 9.37 5.43 3.21
CA ASP B 47 10.09 4.59 4.15
C ASP B 47 10.11 3.15 3.63
N GLU B 48 11.17 2.45 3.98
CA GLU B 48 11.33 1.07 3.56
C GLU B 48 10.30 0.18 4.26
N GLY B 49 9.44 -0.42 3.46
CA GLY B 49 8.41 -1.30 3.98
C GLY B 49 7.10 -0.54 4.18
N TRP B 50 7.16 0.76 3.93
CA TRP B 50 5.98 1.61 4.07
C TRP B 50 5.93 2.54 2.86
N LEU B 51 4.75 3.11 2.65
CA LEU B 51 4.55 4.03 1.53
C LEU B 51 3.49 5.06 1.92
N MET B 52 3.36 6.07 1.08
CA MET B 52 2.39 7.12 1.31
C MET B 52 1.02 6.75 0.73
N GLY B 53 0.07 6.55 1.64
CA GLY B 53 -1.28 6.18 1.23
C GLY B 53 -2.31 6.96 2.04
N VAL B 54 -3.58 6.72 1.71
CA VAL B 54 -4.68 7.38 2.39
C VAL B 54 -5.79 6.38 2.65
N LYS B 55 -6.46 6.55 3.78
CA LYS B 55 -7.56 5.67 4.16
C LYS B 55 -8.81 6.08 3.39
N GLU B 56 -9.75 5.14 3.31
CA GLU B 56 -11.00 5.38 2.61
C GLU B 56 -11.72 6.58 3.22
N SER B 57 -11.75 6.60 4.55
CA SER B 57 -12.41 7.67 5.27
C SER B 57 -11.77 9.02 4.91
N ASP B 58 -10.45 8.98 4.72
CA ASP B 58 -9.71 10.17 4.36
C ASP B 58 -10.10 10.61 2.96
N TRP B 59 -10.39 9.62 2.12
CA TRP B 59 -10.78 9.90 0.74
C TRP B 59 -11.93 10.91 0.77
N ASN B 60 -12.90 10.64 1.62
CA ASN B 60 -14.05 11.51 1.75
C ASN B 60 -13.58 12.90 2.17
N GLN B 61 -12.44 12.93 2.84
CA GLN B 61 -11.87 14.19 3.31
C GLN B 61 -10.88 14.74 2.28
N HIS B 62 -10.98 14.21 1.07
CA HIS B 62 -10.10 14.63 -0.01
C HIS B 62 -10.01 16.16 -0.02
N LYS B 63 -11.03 16.79 0.53
CA LYS B 63 -11.07 18.24 0.58
C LYS B 63 -9.85 18.76 1.33
N LYS B 64 -9.38 17.94 2.27
CA LYS B 64 -8.22 18.30 3.07
C LYS B 64 -7.26 17.11 3.12
N LEU B 65 -7.14 16.44 1.98
CA LEU B 65 -6.26 15.28 1.89
C LEU B 65 -4.84 15.70 2.26
N GLU B 66 -4.53 16.95 1.99
CA GLU B 66 -3.21 17.49 2.28
C GLU B 66 -2.87 17.27 3.76
N LYS B 67 -3.92 17.03 4.54
CA LYS B 67 -3.75 16.80 5.97
C LYS B 67 -4.12 15.36 6.30
N CYS B 68 -4.33 14.57 5.25
CA CYS B 68 -4.70 13.18 5.41
C CYS B 68 -3.49 12.32 5.02
N ARG B 69 -2.62 12.92 4.22
CA ARG B 69 -1.43 12.22 3.76
C ARG B 69 -0.69 11.59 4.95
N GLY B 70 -0.44 10.30 4.82
CA GLY B 70 0.25 9.56 5.86
C GLY B 70 1.06 8.40 5.28
N VAL B 71 1.69 7.65 6.17
CA VAL B 71 2.49 6.51 5.76
C VAL B 71 1.89 5.23 6.36
N PHE B 72 2.08 4.14 5.64
CA PHE B 72 1.58 2.85 6.08
C PHE B 72 2.45 1.71 5.55
N PRO B 73 2.56 0.65 6.39
CA PRO B 73 3.36 -0.52 6.03
C PRO B 73 2.64 -1.37 4.99
N GLU B 74 3.20 -1.39 3.79
CA GLU B 74 2.61 -2.17 2.72
C GLU B 74 2.74 -3.67 3.01
N ASN B 75 3.78 -4.00 3.76
CA ASN B 75 4.03 -5.39 4.10
C ASN B 75 2.97 -5.86 5.11
N PHE B 76 2.16 -4.90 5.54
CA PHE B 76 1.10 -5.20 6.50
C PHE B 76 -0.28 -5.01 5.86
N THR B 77 -0.27 -4.68 4.58
CA THR B 77 -1.50 -4.47 3.85
C THR B 77 -1.50 -5.30 2.57
N GLU B 78 -2.62 -5.22 1.85
CA GLU B 78 -2.77 -5.96 0.60
C GLU B 78 -3.35 -5.05 -0.48
N ARG B 79 -2.92 -5.30 -1.71
CA ARG B 79 -3.39 -4.52 -2.84
C ARG B 79 -4.73 -5.08 -3.35
N VAL B 80 -5.64 -4.17 -3.66
CA VAL B 80 -6.94 -4.56 -4.15
C VAL B 80 -7.07 -4.16 -5.62
N PRO B 81 -7.25 -5.19 -6.49
CA PRO B 81 -7.38 -4.95 -7.91
C PRO B 81 -8.76 -4.37 -8.25
#